data_4JDO
#
_entry.id   4JDO
#
_cell.length_a   146.240
_cell.length_b   146.240
_cell.length_c   160.996
_cell.angle_alpha   90.00
_cell.angle_beta   90.00
_cell.angle_gamma   120.00
#
_symmetry.space_group_name_H-M   'P 65'
#
loop_
_entity.id
_entity.type
_entity.pdbx_description
1 polymer 'Virulence plasmid protein pGP3-D'
2 non-polymer 'SODIUM ION'
3 water water
#
_entity_poly.entity_id   1
_entity_poly.type   'polypeptide(L)'
_entity_poly.pdbx_seq_one_letter_code
;(MSE)GNSGFYLYNTENCVFADNIKVGQ(MSE)TEPLKDQQIILGTKSTPVAAK(MSE)TASDGISLTVSNNSSTNASIT
IGLLKAFNNFPITNKIQCNGLFTPSNIETLLGGTEIGKFTVTPKSSGS(MSE)FLVSADIIASR(MSE)EGGVVLALVRE
GDSKPCAISYGYSSGVPNLCSLRTSITNTGLTPTTYSLRVGGLESGVVWVNALSNGNDILGITNTSNVSFLEVIPQTNA
;
_entity_poly.pdbx_strand_id   A,B,C,D,E,F,G,H,I
#
# COMPACT_ATOMS: atom_id res chain seq x y z
N GLY A 2 -19.10 -8.01 -40.95
CA GLY A 2 -19.23 -8.49 -42.31
C GLY A 2 -18.73 -9.91 -42.47
N ASN A 3 -18.05 -10.19 -43.57
CA ASN A 3 -17.47 -11.49 -43.78
C ASN A 3 -15.98 -11.49 -43.46
N SER A 4 -15.39 -12.65 -43.64
CA SER A 4 -13.99 -12.87 -43.35
C SER A 4 -13.56 -14.05 -44.20
N GLY A 5 -12.27 -14.16 -44.43
CA GLY A 5 -11.77 -15.22 -45.26
C GLY A 5 -10.50 -14.81 -45.96
N PHE A 6 -10.35 -15.28 -47.19
CA PHE A 6 -9.18 -14.98 -48.00
C PHE A 6 -9.66 -14.55 -49.39
N TYR A 7 -8.90 -13.69 -50.05
CA TYR A 7 -9.28 -13.20 -51.36
C TYR A 7 -8.07 -12.76 -52.12
N LEU A 8 -8.17 -12.78 -53.45
CA LEU A 8 -7.07 -12.38 -54.31
C LEU A 8 -7.19 -10.89 -54.64
N TYR A 9 -6.19 -10.12 -54.26
CA TYR A 9 -6.13 -8.70 -54.60
C TYR A 9 -4.94 -8.54 -55.53
N ASN A 10 -5.23 -8.13 -56.77
CA ASN A 10 -4.27 -8.27 -57.85
C ASN A 10 -3.72 -9.68 -57.84
N THR A 11 -2.45 -9.81 -57.48
CA THR A 11 -1.81 -11.13 -57.45
C THR A 11 -1.55 -11.59 -56.00
N GLU A 12 -2.00 -10.77 -55.05
CA GLU A 12 -1.78 -11.02 -53.64
C GLU A 12 -2.94 -11.78 -53.02
N ASN A 13 -2.59 -12.88 -52.37
CA ASN A 13 -3.54 -13.71 -51.66
C ASN A 13 -3.66 -13.21 -50.21
N CYS A 14 -4.78 -12.56 -49.87
CA CYS A 14 -4.91 -11.83 -48.62
C CYS A 14 -5.95 -12.39 -47.68
N VAL A 15 -5.68 -12.31 -46.39
CA VAL A 15 -6.73 -12.59 -45.42
C VAL A 15 -7.52 -11.30 -45.25
N PHE A 16 -8.83 -11.42 -44.99
CA PHE A 16 -9.66 -10.25 -44.72
C PHE A 16 -10.65 -10.53 -43.63
N ALA A 17 -11.00 -9.49 -42.87
CA ALA A 17 -11.95 -9.58 -41.76
C ALA A 17 -12.26 -8.16 -41.26
N ASP A 18 -13.26 -8.05 -40.38
CA ASP A 18 -13.62 -6.75 -39.81
C ASP A 18 -12.57 -6.28 -38.82
N ASN A 19 -11.90 -7.22 -38.15
CA ASN A 19 -10.89 -6.89 -37.13
C ASN A 19 -10.01 -8.10 -36.86
N ILE A 20 -9.16 -8.02 -35.86
CA ILE A 20 -8.14 -9.01 -35.65
C ILE A 20 -7.75 -9.10 -34.18
N LYS A 21 -7.54 -10.33 -33.70
CA LYS A 21 -7.05 -10.56 -32.36
C LYS A 21 -5.97 -11.62 -32.43
N VAL A 22 -4.75 -11.23 -32.13
CA VAL A 22 -3.64 -12.18 -32.16
C VAL A 22 -2.91 -12.23 -30.83
N GLY A 23 -2.38 -13.40 -30.49
CA GLY A 23 -1.50 -13.55 -29.35
C GLY A 23 -2.12 -13.37 -27.99
N GLN A 24 -1.49 -12.52 -27.17
CA GLN A 24 -1.94 -12.26 -25.81
C GLN A 24 -3.13 -11.30 -25.72
N THR A 26 -6.80 -9.84 -25.68
CA THR A 26 -8.02 -10.48 -25.20
C THR A 26 -9.26 -10.04 -25.98
N GLU A 27 -9.13 -8.90 -26.67
CA GLU A 27 -10.19 -8.37 -27.52
C GLU A 27 -9.53 -7.94 -28.82
N PRO A 28 -10.32 -7.74 -29.89
CA PRO A 28 -9.73 -7.25 -31.16
C PRO A 28 -9.09 -5.86 -31.02
N LEU A 29 -8.28 -5.44 -31.99
CA LEU A 29 -7.68 -4.11 -31.96
C LEU A 29 -8.69 -3.02 -31.62
N LYS A 30 -8.40 -2.27 -30.57
CA LYS A 30 -9.26 -1.16 -30.17
C LYS A 30 -8.56 0.18 -30.38
N ASP A 31 -9.24 1.26 -30.01
CA ASP A 31 -8.82 2.62 -30.36
C ASP A 31 -7.33 2.93 -30.10
N GLN A 32 -6.66 3.40 -31.14
CA GLN A 32 -5.22 3.73 -31.12
C GLN A 32 -4.26 2.59 -30.80
N GLN A 33 -4.67 1.34 -30.94
CA GLN A 33 -3.77 0.23 -30.67
C GLN A 33 -3.10 -0.25 -31.94
N ILE A 34 -1.85 -0.67 -31.83
CA ILE A 34 -1.17 -1.36 -32.91
C ILE A 34 -0.81 -2.77 -32.48
N ILE A 35 -0.62 -3.66 -33.45
CA ILE A 35 -0.25 -5.03 -33.14
C ILE A 35 1.26 -5.05 -32.94
N LEU A 36 1.70 -5.45 -31.74
CA LEU A 36 3.12 -5.39 -31.40
C LEU A 36 3.67 -6.73 -30.93
N GLY A 37 4.76 -7.16 -31.54
CA GLY A 37 5.39 -8.41 -31.18
C GLY A 37 6.19 -8.37 -29.89
N THR A 38 6.24 -9.50 -29.21
CA THR A 38 7.00 -9.62 -27.98
C THR A 38 8.00 -10.74 -28.11
N LYS A 39 8.57 -11.15 -26.98
CA LYS A 39 9.44 -12.30 -26.91
C LYS A 39 8.66 -13.54 -27.32
N SER A 40 7.37 -13.55 -26.97
CA SER A 40 6.50 -14.68 -27.26
C SER A 40 5.46 -14.38 -28.37
N THR A 41 4.24 -14.02 -27.97
CA THR A 41 3.17 -13.72 -28.91
C THR A 41 2.76 -12.25 -28.79
N PRO A 42 2.20 -11.65 -29.87
CA PRO A 42 1.97 -10.22 -29.89
C PRO A 42 1.01 -9.69 -28.83
N VAL A 43 1.16 -8.40 -28.54
CA VAL A 43 0.26 -7.69 -27.65
C VAL A 43 -0.31 -6.50 -28.40
N ALA A 44 -1.44 -5.99 -27.93
CA ALA A 44 -1.99 -4.76 -28.48
C ALA A 44 -1.41 -3.60 -27.68
N ALA A 45 -0.60 -2.78 -28.33
CA ALA A 45 0.08 -1.68 -27.64
C ALA A 45 -0.34 -0.33 -28.17
N LYS A 46 -0.42 0.65 -27.29
CA LYS A 46 -0.70 2.01 -27.69
C LYS A 46 0.60 2.79 -27.85
N THR A 48 2.38 6.27 -27.52
CA THR A 48 2.18 7.51 -26.79
C THR A 48 3.42 8.38 -26.79
N ALA A 49 3.19 9.69 -26.77
CA ALA A 49 4.29 10.66 -26.75
C ALA A 49 4.58 11.12 -25.33
N SER A 50 5.83 11.47 -25.07
CA SER A 50 6.18 12.12 -23.82
C SER A 50 7.28 13.14 -24.13
N ASP A 51 7.87 13.72 -23.09
CA ASP A 51 9.05 14.59 -23.17
C ASP A 51 9.22 15.33 -24.50
N GLY A 52 8.32 16.27 -24.82
CA GLY A 52 8.50 17.12 -25.97
C GLY A 52 8.19 16.51 -27.34
N ILE A 53 7.70 15.28 -27.35
CA ILE A 53 7.32 14.63 -28.60
C ILE A 53 5.84 14.87 -28.87
N SER A 54 5.52 15.20 -30.11
CA SER A 54 4.14 15.38 -30.51
C SER A 54 3.70 14.14 -31.28
N LEU A 55 2.54 13.59 -30.91
CA LEU A 55 2.00 12.43 -31.61
C LEU A 55 0.57 12.68 -32.10
N THR A 56 0.41 12.83 -33.41
CA THR A 56 -0.89 13.19 -33.97
C THR A 56 -1.55 12.05 -34.75
N VAL A 57 -2.50 11.39 -34.10
CA VAL A 57 -3.23 10.31 -34.74
C VAL A 57 -4.49 10.86 -35.37
N SER A 58 -4.54 10.83 -36.70
CA SER A 58 -5.76 11.19 -37.41
C SER A 58 -6.49 9.89 -37.70
N ASN A 59 -7.50 9.62 -36.88
CA ASN A 59 -8.16 8.32 -36.86
C ASN A 59 -9.51 8.30 -37.58
N ASN A 60 -9.96 9.47 -38.04
CA ASN A 60 -11.27 9.64 -38.67
C ASN A 60 -11.26 9.65 -40.20
N SER A 61 -10.58 8.70 -40.80
CA SER A 61 -10.68 8.52 -42.24
C SER A 61 -10.58 7.03 -42.50
N SER A 62 -11.63 6.48 -43.09
CA SER A 62 -11.66 5.08 -43.47
C SER A 62 -10.48 4.74 -44.38
N THR A 63 -10.03 5.72 -45.16
CA THR A 63 -9.00 5.48 -46.18
C THR A 63 -7.71 6.25 -45.96
N ASN A 64 -7.81 7.51 -45.54
CA ASN A 64 -6.63 8.37 -45.43
C ASN A 64 -6.12 8.64 -44.02
N ALA A 65 -6.01 7.61 -43.21
CA ALA A 65 -5.59 7.78 -41.83
C ALA A 65 -4.07 7.99 -41.76
N SER A 66 -3.62 8.62 -40.67
CA SER A 66 -2.20 8.86 -40.50
C SER A 66 -1.81 9.00 -39.03
N ILE A 67 -0.55 8.70 -38.76
CA ILE A 67 0.08 8.93 -37.49
C ILE A 67 1.35 9.74 -37.74
N THR A 68 1.42 10.94 -37.20
CA THR A 68 2.60 11.77 -37.42
C THR A 68 3.36 12.03 -36.13
N ILE A 69 4.66 11.81 -36.19
CA ILE A 69 5.53 12.05 -35.05
C ILE A 69 6.29 13.36 -35.27
N GLY A 70 6.05 14.35 -34.41
CA GLY A 70 6.75 15.61 -34.52
C GLY A 70 7.22 16.15 -33.19
N LEU A 71 8.00 17.23 -33.22
CA LEU A 71 8.34 17.94 -32.00
C LEU A 71 7.22 18.86 -31.58
N LEU A 72 6.87 18.83 -30.30
CA LEU A 72 6.01 19.86 -29.72
C LEU A 72 6.62 21.25 -29.95
N LYS A 73 5.78 22.26 -30.16
CA LYS A 73 6.26 23.61 -30.39
C LYS A 73 6.84 24.21 -29.10
N ALA A 74 8.14 24.43 -29.08
CA ALA A 74 8.83 24.73 -27.83
C ALA A 74 9.21 26.20 -27.69
N PHE A 75 9.18 26.94 -28.79
CA PHE A 75 9.79 28.25 -28.82
C PHE A 75 8.79 29.40 -28.89
N ASN A 76 9.00 30.39 -28.03
CA ASN A 76 8.13 31.56 -27.95
C ASN A 76 8.99 32.79 -28.01
N ASN A 77 8.79 33.62 -29.02
CA ASN A 77 9.55 34.86 -29.11
C ASN A 77 8.66 36.07 -28.92
N PHE A 78 9.11 37.01 -28.10
CA PHE A 78 8.39 38.25 -27.86
C PHE A 78 9.26 39.49 -28.15
N PRO A 79 9.18 40.00 -29.38
CA PRO A 79 9.86 41.26 -29.74
C PRO A 79 9.32 42.41 -28.90
N ILE A 80 10.17 43.35 -28.54
CA ILE A 80 9.74 44.55 -27.82
C ILE A 80 10.34 45.75 -28.53
N THR A 81 9.51 46.58 -29.17
CA THR A 81 9.99 47.70 -29.97
C THR A 81 9.62 49.09 -29.43
N ASN A 82 8.78 49.13 -28.41
CA ASN A 82 8.44 50.42 -27.77
C ASN A 82 9.62 51.12 -27.08
N LYS A 83 9.66 52.44 -27.19
CA LYS A 83 10.59 53.20 -26.38
C LYS A 83 9.90 53.44 -25.05
N ILE A 84 10.57 53.09 -23.97
CA ILE A 84 9.95 53.17 -22.66
C ILE A 84 10.87 53.82 -21.64
N GLN A 85 10.38 54.88 -21.01
CA GLN A 85 11.13 55.52 -19.94
C GLN A 85 10.87 54.75 -18.65
N CYS A 86 11.92 54.16 -18.09
CA CYS A 86 11.77 53.38 -16.87
C CYS A 86 12.25 54.20 -15.67
N ASN A 87 11.29 54.80 -14.97
CA ASN A 87 11.58 55.69 -13.85
C ASN A 87 11.62 54.92 -12.55
N GLY A 88 11.06 53.70 -12.55
CA GLY A 88 11.02 52.90 -11.35
C GLY A 88 12.39 52.35 -11.00
N LEU A 89 12.89 52.66 -9.81
CA LEU A 89 14.17 52.17 -9.36
C LEU A 89 14.08 50.76 -8.81
N PHE A 90 15.20 50.05 -8.80
CA PHE A 90 15.31 48.85 -7.98
C PHE A 90 16.14 49.21 -6.77
N THR A 91 15.59 48.98 -5.57
CA THR A 91 16.26 49.32 -4.33
C THR A 91 16.31 48.07 -3.47
N PRO A 92 17.13 48.08 -2.39
CA PRO A 92 17.12 46.97 -1.44
C PRO A 92 15.75 46.72 -0.80
N SER A 93 14.89 47.74 -0.74
CA SER A 93 13.60 47.58 -0.10
C SER A 93 12.48 47.17 -1.05
N ASN A 94 12.65 47.41 -2.35
CA ASN A 94 11.65 46.95 -3.31
C ASN A 94 12.05 45.76 -4.20
N ILE A 95 13.30 45.30 -4.11
CA ILE A 95 13.76 44.18 -4.94
C ILE A 95 12.96 42.86 -4.76
N GLU A 96 12.62 42.51 -3.52
CA GLU A 96 11.79 41.34 -3.26
C GLU A 96 10.31 41.69 -3.15
N THR A 97 9.88 42.68 -3.92
CA THR A 97 8.45 42.98 -4.04
C THR A 97 8.11 42.98 -5.52
N LEU A 98 6.89 43.43 -5.82
CA LEU A 98 6.42 43.58 -7.20
C LEU A 98 6.60 45.00 -7.71
N LEU A 99 7.22 45.86 -6.90
CA LEU A 99 7.19 47.30 -7.13
C LEU A 99 8.45 47.89 -7.78
N GLY A 100 9.46 47.06 -7.96
CA GLY A 100 10.71 47.55 -8.50
C GLY A 100 10.67 47.70 -10.02
N GLY A 101 11.34 48.73 -10.52
CA GLY A 101 11.44 48.94 -11.95
C GLY A 101 10.13 49.26 -12.63
N THR A 102 10.16 49.17 -13.95
CA THR A 102 9.05 49.50 -14.82
C THR A 102 8.82 48.30 -15.72
N GLU A 103 7.58 47.85 -15.81
CA GLU A 103 7.23 46.74 -16.70
C GLU A 103 7.43 47.19 -18.13
N ILE A 104 8.18 46.40 -18.89
CA ILE A 104 8.43 46.73 -20.28
C ILE A 104 7.86 45.69 -21.23
N GLY A 105 7.27 44.63 -20.68
CA GLY A 105 6.63 43.59 -21.47
C GLY A 105 5.90 42.54 -20.63
N LYS A 106 4.92 41.88 -21.25
CA LYS A 106 4.12 40.83 -20.63
C LYS A 106 4.08 39.68 -21.61
N PHE A 107 4.27 38.46 -21.14
CA PHE A 107 4.40 37.33 -22.04
C PHE A 107 3.63 36.15 -21.47
N THR A 108 2.71 35.60 -22.26
CA THR A 108 1.96 34.44 -21.81
C THR A 108 2.43 33.17 -22.53
N VAL A 109 2.82 32.16 -21.76
CA VAL A 109 3.29 30.90 -22.34
C VAL A 109 2.66 29.69 -21.66
N THR A 110 2.61 28.58 -22.41
CA THR A 110 2.03 27.35 -21.93
C THR A 110 3.03 26.22 -22.12
N PRO A 111 3.45 25.59 -21.01
CA PRO A 111 4.32 24.42 -21.11
C PRO A 111 3.59 23.30 -21.86
N LYS A 112 4.30 22.49 -22.64
CA LYS A 112 3.64 21.39 -23.32
C LYS A 112 4.07 20.03 -22.81
N SER A 113 5.02 20.01 -21.88
CA SER A 113 5.55 18.78 -21.33
C SER A 113 5.75 18.89 -19.83
N SER A 114 5.40 17.84 -19.11
CA SER A 114 5.52 17.78 -17.65
C SER A 114 6.98 17.79 -17.23
N GLY A 115 7.27 18.42 -16.09
CA GLY A 115 8.63 18.52 -15.60
C GLY A 115 9.59 19.18 -16.58
N SER A 116 9.09 20.11 -17.37
CA SER A 116 9.98 20.80 -18.30
C SER A 116 10.46 22.08 -17.68
N PHE A 118 11.61 26.26 -18.89
CA PHE A 118 11.74 27.25 -19.94
C PHE A 118 13.12 27.89 -19.85
N LEU A 119 13.89 27.82 -20.94
CA LEU A 119 15.12 28.58 -21.06
C LEU A 119 14.72 30.00 -21.45
N VAL A 120 14.96 30.94 -20.56
CA VAL A 120 14.52 32.31 -20.81
C VAL A 120 15.68 33.24 -21.13
N SER A 121 15.57 33.93 -22.26
CA SER A 121 16.54 34.93 -22.66
C SER A 121 15.90 36.29 -22.82
N ALA A 122 16.31 37.25 -22.01
CA ALA A 122 15.91 38.64 -22.23
C ALA A 122 17.13 39.43 -22.68
N ASP A 123 17.05 40.04 -23.85
CA ASP A 123 18.15 40.84 -24.36
C ASP A 123 17.64 42.24 -24.71
N ILE A 124 17.87 43.17 -23.80
CA ILE A 124 17.19 44.44 -23.84
C ILE A 124 18.17 45.56 -24.12
N ILE A 125 17.88 46.31 -25.18
CA ILE A 125 18.65 47.47 -25.55
C ILE A 125 18.33 48.59 -24.57
N ALA A 126 19.31 49.01 -23.77
CA ALA A 126 19.04 50.06 -22.78
C ALA A 126 20.08 51.19 -22.70
N SER A 127 19.61 52.36 -22.30
CA SER A 127 20.44 53.56 -22.17
C SER A 127 20.18 54.23 -20.83
N ARG A 128 21.25 54.60 -20.14
CA ARG A 128 21.13 55.45 -18.96
C ARG A 128 22.43 56.24 -18.77
N GLU A 130 25.67 57.06 -17.17
CA GLU A 130 26.63 56.17 -16.52
C GLU A 130 26.12 55.47 -15.25
N GLY A 131 25.86 54.18 -15.36
CA GLY A 131 25.41 53.39 -14.22
C GLY A 131 24.80 52.04 -14.54
N GLY A 132 24.21 51.43 -13.51
CA GLY A 132 23.76 50.05 -13.57
C GLY A 132 22.31 49.92 -13.98
N VAL A 133 22.01 48.81 -14.65
CA VAL A 133 20.65 48.49 -15.02
C VAL A 133 20.25 47.20 -14.34
N VAL A 134 19.03 47.15 -13.84
CA VAL A 134 18.49 45.93 -13.25
C VAL A 134 17.33 45.45 -14.08
N LEU A 135 17.33 44.14 -14.35
CA LEU A 135 16.22 43.50 -15.03
C LEU A 135 15.68 42.42 -14.10
N ALA A 136 14.36 42.34 -14.01
CA ALA A 136 13.69 41.38 -13.14
C ALA A 136 12.52 40.68 -13.88
N LEU A 137 12.47 39.36 -13.76
CA LEU A 137 11.40 38.60 -14.39
C LEU A 137 10.38 38.21 -13.32
N VAL A 138 9.13 38.61 -13.52
CA VAL A 138 8.09 38.29 -12.56
C VAL A 138 6.99 37.36 -13.08
N ARG A 139 6.72 36.30 -12.32
CA ARG A 139 5.60 35.42 -12.63
C ARG A 139 4.31 36.01 -12.01
N GLU A 140 3.31 36.22 -12.85
CA GLU A 140 2.03 36.77 -12.40
C GLU A 140 1.42 35.85 -11.34
N GLY A 141 1.08 36.39 -10.18
CA GLY A 141 0.66 35.57 -9.06
C GLY A 141 1.75 35.44 -7.99
N ASP A 142 3.01 35.57 -8.38
CA ASP A 142 4.08 35.58 -7.40
C ASP A 142 4.12 36.94 -6.67
N SER A 143 4.88 37.01 -5.58
CA SER A 143 4.95 38.24 -4.82
C SER A 143 6.31 38.91 -4.96
N LYS A 144 7.18 38.30 -5.77
CA LYS A 144 8.52 38.84 -6.02
C LYS A 144 9.16 38.23 -7.28
N PRO A 145 10.23 38.86 -7.81
CA PRO A 145 10.84 38.31 -9.03
C PRO A 145 11.32 36.87 -8.87
N CYS A 146 11.29 36.09 -9.96
CA CYS A 146 11.78 34.71 -9.92
C CYS A 146 13.17 34.63 -10.56
N ALA A 147 13.61 35.74 -11.12
CA ALA A 147 14.96 35.84 -11.67
C ALA A 147 15.32 37.31 -11.77
N ILE A 148 16.57 37.62 -11.43
CA ILE A 148 17.07 38.98 -11.40
C ILE A 148 18.46 39.05 -12.08
N SER A 149 18.65 40.03 -12.95
CA SER A 149 19.89 40.20 -13.69
C SER A 149 20.32 41.66 -13.75
N TYR A 150 21.52 41.90 -14.24
CA TYR A 150 22.15 43.22 -14.20
C TYR A 150 22.81 43.52 -15.54
N GLY A 151 22.75 44.78 -15.93
CA GLY A 151 23.45 45.22 -17.13
C GLY A 151 24.06 46.58 -16.85
N TYR A 152 24.57 47.22 -17.88
CA TYR A 152 25.30 48.46 -17.74
C TYR A 152 25.15 49.34 -18.98
N SER A 153 25.10 50.64 -18.74
CA SER A 153 25.18 51.61 -19.81
C SER A 153 26.08 52.75 -19.37
N SER A 154 26.92 53.21 -20.27
CA SER A 154 27.82 54.33 -20.01
C SER A 154 27.22 55.66 -20.41
N GLY A 155 26.00 55.63 -20.94
CA GLY A 155 25.43 56.81 -21.56
C GLY A 155 24.90 56.41 -22.92
N VAL A 156 25.68 55.61 -23.65
CA VAL A 156 25.21 55.10 -24.93
C VAL A 156 24.53 53.71 -24.82
N PRO A 157 23.64 53.38 -25.78
CA PRO A 157 22.88 52.14 -25.74
C PRO A 157 23.76 50.91 -25.64
N ASN A 158 23.27 49.93 -24.91
CA ASN A 158 24.02 48.71 -24.71
C ASN A 158 23.01 47.62 -24.49
N LEU A 159 23.40 46.38 -24.79
CA LEU A 159 22.52 45.26 -24.56
C LEU A 159 22.62 44.86 -23.08
N CYS A 160 21.47 44.73 -22.43
CA CYS A 160 21.39 44.28 -21.05
C CYS A 160 20.58 43.00 -21.01
N SER A 161 21.15 41.98 -20.38
CA SER A 161 20.64 40.63 -20.50
C SER A 161 20.22 39.97 -19.19
N LEU A 162 19.22 39.10 -19.33
CA LEU A 162 18.81 38.21 -18.26
C LEU A 162 18.77 36.81 -18.86
N ARG A 163 19.51 35.89 -18.27
CA ARG A 163 19.42 34.50 -18.65
C ARG A 163 19.03 33.67 -17.43
N THR A 164 17.95 32.90 -17.57
CA THR A 164 17.53 32.01 -16.52
C THR A 164 16.79 30.78 -17.06
N SER A 165 16.61 29.79 -16.21
CA SER A 165 15.73 28.67 -16.49
C SER A 165 14.64 28.65 -15.41
N ILE A 166 13.40 28.39 -15.80
CA ILE A 166 12.34 28.28 -14.82
C ILE A 166 11.59 26.95 -14.90
N THR A 167 11.40 26.34 -13.74
CA THR A 167 10.72 25.06 -13.64
C THR A 167 9.24 25.26 -13.87
N ASN A 168 8.69 24.44 -14.75
CA ASN A 168 7.27 24.49 -15.03
C ASN A 168 6.48 23.53 -14.15
N THR A 169 5.41 24.04 -13.54
CA THR A 169 4.67 23.31 -12.52
C THR A 169 3.38 22.67 -13.03
N GLY A 170 3.03 22.89 -14.30
CA GLY A 170 1.76 22.40 -14.84
C GLY A 170 1.70 22.53 -16.35
N LEU A 171 0.53 22.32 -16.95
CA LEU A 171 0.36 22.46 -18.40
C LEU A 171 -0.60 23.58 -18.82
N THR A 172 -0.74 24.60 -17.99
CA THR A 172 -1.68 25.69 -18.28
C THR A 172 -0.94 27.00 -18.57
N PRO A 173 -1.60 27.97 -19.25
CA PRO A 173 -0.93 29.22 -19.59
C PRO A 173 -0.38 29.97 -18.37
N THR A 174 0.83 30.49 -18.50
CA THR A 174 1.44 31.28 -17.44
C THR A 174 1.93 32.62 -18.00
N THR A 175 1.60 33.70 -17.29
CA THR A 175 1.99 35.05 -17.73
C THR A 175 3.21 35.57 -16.96
N TYR A 176 4.26 35.95 -17.67
CA TYR A 176 5.45 36.55 -17.09
C TYR A 176 5.53 38.01 -17.49
N SER A 177 6.17 38.81 -16.65
CA SER A 177 6.44 40.18 -17.03
C SER A 177 7.89 40.51 -16.77
N LEU A 178 8.44 41.35 -17.61
CA LEU A 178 9.81 41.81 -17.44
C LEU A 178 9.80 43.26 -16.96
N ARG A 179 10.55 43.54 -15.89
CA ARG A 179 10.69 44.90 -15.39
C ARG A 179 12.15 45.37 -15.43
N VAL A 180 12.36 46.61 -15.83
CA VAL A 180 13.69 47.15 -15.97
C VAL A 180 13.73 48.48 -15.19
N GLY A 181 14.86 48.76 -14.56
CA GLY A 181 15.06 49.97 -13.80
C GLY A 181 16.51 50.19 -13.41
N GLY A 182 16.82 51.36 -12.90
CA GLY A 182 18.19 51.68 -12.52
C GLY A 182 18.56 50.96 -11.24
N LEU A 183 19.86 50.67 -11.09
CA LEU A 183 20.37 50.09 -9.86
C LEU A 183 20.49 51.20 -8.83
N GLU A 184 19.55 51.21 -7.88
CA GLU A 184 19.50 52.18 -6.77
C GLU A 184 19.19 53.64 -7.13
N SER A 185 19.51 54.06 -8.36
CA SER A 185 19.14 55.38 -8.85
C SER A 185 19.35 55.50 -10.36
N GLY A 186 18.80 56.55 -10.96
CA GLY A 186 18.96 56.81 -12.39
C GLY A 186 17.72 56.47 -13.21
N VAL A 187 17.60 57.11 -14.37
CA VAL A 187 16.51 56.83 -15.30
C VAL A 187 17.00 55.95 -16.45
N VAL A 188 16.25 54.90 -16.80
CA VAL A 188 16.68 53.98 -17.85
C VAL A 188 15.73 54.04 -19.03
N TRP A 189 16.26 54.27 -20.24
CA TRP A 189 15.45 54.17 -21.46
C TRP A 189 15.68 52.83 -22.18
N VAL A 190 14.58 52.18 -22.55
CA VAL A 190 14.63 50.95 -23.33
C VAL A 190 14.32 51.28 -24.78
N ASN A 191 15.15 50.77 -25.70
CA ASN A 191 14.98 50.98 -27.14
C ASN A 191 15.12 52.46 -27.53
N ALA A 192 15.87 53.21 -26.75
CA ALA A 192 16.07 54.63 -27.00
C ALA A 192 17.38 55.17 -26.41
N LEU A 193 17.73 56.39 -26.77
CA LEU A 193 18.88 57.06 -26.19
C LEU A 193 18.51 57.54 -24.79
N SER A 194 19.50 58.12 -24.11
CA SER A 194 19.30 58.71 -22.78
C SER A 194 18.15 59.69 -22.67
N ASN A 195 17.78 60.30 -23.78
CA ASN A 195 16.77 61.36 -23.73
C ASN A 195 15.43 60.89 -24.25
N GLY A 196 15.37 59.63 -24.65
CA GLY A 196 14.13 59.08 -25.17
C GLY A 196 14.07 59.14 -26.67
N ASN A 197 15.10 59.69 -27.30
CA ASN A 197 15.16 59.76 -28.77
C ASN A 197 15.50 58.39 -29.39
N ASP A 198 15.20 58.28 -30.68
CA ASP A 198 15.42 57.04 -31.42
C ASP A 198 16.91 56.78 -31.59
N ILE A 199 17.33 55.54 -31.38
CA ILE A 199 18.74 55.19 -31.54
C ILE A 199 19.02 55.08 -33.03
N LEU A 200 19.99 55.88 -33.49
CA LEU A 200 20.30 56.00 -34.92
C LEU A 200 19.07 56.40 -35.77
N GLY A 201 18.10 57.05 -35.11
CA GLY A 201 16.93 57.60 -35.78
C GLY A 201 15.91 56.59 -36.30
N ILE A 202 15.97 55.36 -35.80
CA ILE A 202 15.05 54.31 -36.26
C ILE A 202 14.33 53.61 -35.11
N THR A 203 13.54 52.60 -35.44
CA THR A 203 12.90 51.77 -34.43
C THR A 203 13.86 50.64 -34.08
N ASN A 204 14.04 50.35 -32.80
CA ASN A 204 14.94 49.27 -32.46
C ASN A 204 14.19 48.16 -31.75
N THR A 205 14.79 46.98 -31.69
CA THR A 205 14.05 45.81 -31.24
C THR A 205 14.80 45.07 -30.16
N SER A 206 14.19 44.96 -28.98
CA SER A 206 14.73 44.13 -27.92
C SER A 206 14.02 42.80 -28.00
N ASN A 207 14.54 41.76 -27.35
CA ASN A 207 13.92 40.43 -27.43
C ASN A 207 13.79 39.68 -26.11
N VAL A 208 12.62 39.06 -25.92
CA VAL A 208 12.45 38.06 -24.87
C VAL A 208 11.97 36.74 -25.48
N SER A 209 12.61 35.64 -25.11
CA SER A 209 12.20 34.35 -25.62
C SER A 209 12.18 33.23 -24.58
N PHE A 210 11.27 32.28 -24.78
CA PHE A 210 11.15 31.10 -23.93
C PHE A 210 11.32 29.85 -24.79
N LEU A 211 12.31 29.03 -24.46
CA LEU A 211 12.53 27.74 -25.12
C LEU A 211 12.26 26.59 -24.17
N GLU A 212 11.18 25.84 -24.42
CA GLU A 212 10.86 24.72 -23.54
C GLU A 212 11.85 23.60 -23.77
N VAL A 213 12.47 23.11 -22.70
CA VAL A 213 13.50 22.07 -22.78
C VAL A 213 13.26 21.04 -21.69
N ILE A 214 13.70 19.82 -21.94
CA ILE A 214 13.54 18.76 -20.94
C ILE A 214 14.84 18.66 -20.14
N PRO A 215 14.75 18.86 -18.82
CA PRO A 215 15.94 18.95 -17.96
C PRO A 215 16.41 17.61 -17.40
N GLN A 216 17.69 17.54 -17.08
CA GLN A 216 18.25 16.38 -16.39
C GLN A 216 18.50 16.78 -14.94
N GLY B 2 -2.42 -22.57 -29.34
CA GLY B 2 -2.47 -23.27 -30.62
C GLY B 2 -3.77 -23.22 -31.42
N ASN B 3 -4.66 -22.29 -31.09
CA ASN B 3 -5.95 -22.19 -31.81
C ASN B 3 -6.03 -20.97 -32.71
N SER B 4 -6.77 -21.11 -33.83
CA SER B 4 -6.90 -20.04 -34.80
C SER B 4 -8.10 -20.22 -35.72
N GLY B 5 -8.52 -19.14 -36.37
CA GLY B 5 -9.67 -19.15 -37.26
C GLY B 5 -10.36 -17.81 -37.32
N PHE B 6 -11.68 -17.82 -37.44
CA PHE B 6 -12.47 -16.60 -37.43
C PHE B 6 -13.61 -16.75 -36.45
N TYR B 7 -13.89 -15.70 -35.69
CA TYR B 7 -14.93 -15.75 -34.69
C TYR B 7 -15.71 -14.44 -34.67
N LEU B 8 -16.92 -14.50 -34.13
CA LEU B 8 -17.74 -13.31 -34.05
C LEU B 8 -17.46 -12.64 -32.71
N TYR B 9 -17.03 -11.39 -32.76
CA TYR B 9 -16.92 -10.56 -31.55
C TYR B 9 -17.93 -9.43 -31.66
N ASN B 10 -19.04 -9.59 -30.94
CA ASN B 10 -20.21 -8.73 -31.10
C ASN B 10 -20.74 -8.83 -32.53
N THR B 11 -20.54 -7.80 -33.33
CA THR B 11 -20.93 -7.85 -34.76
C THR B 11 -19.72 -8.03 -35.67
N GLU B 12 -18.54 -8.07 -35.09
CA GLU B 12 -17.31 -8.07 -35.88
C GLU B 12 -16.85 -9.48 -36.23
N ASN B 13 -16.79 -9.75 -37.52
CA ASN B 13 -16.27 -11.01 -38.01
C ASN B 13 -14.74 -10.89 -38.01
N CYS B 14 -14.09 -11.51 -37.02
CA CYS B 14 -12.66 -11.31 -36.79
C CYS B 14 -11.81 -12.52 -37.06
N VAL B 15 -10.64 -12.32 -37.67
CA VAL B 15 -9.63 -13.34 -37.67
C VAL B 15 -8.93 -13.37 -36.28
N PHE B 16 -8.68 -14.57 -35.76
CA PHE B 16 -7.91 -14.73 -34.53
C PHE B 16 -6.84 -15.81 -34.70
N ALA B 17 -5.74 -15.67 -33.98
CA ALA B 17 -4.59 -16.59 -34.06
C ALA B 17 -3.59 -16.27 -32.98
N ASP B 18 -2.59 -17.13 -32.79
CA ASP B 18 -1.56 -16.90 -31.78
C ASP B 18 -0.57 -15.87 -32.28
N ASN B 19 -0.41 -15.83 -33.60
CA ASN B 19 0.55 -14.94 -34.23
C ASN B 19 0.19 -14.78 -35.72
N ILE B 20 0.98 -14.00 -36.44
CA ILE B 20 0.64 -13.65 -37.82
C ILE B 20 1.91 -13.52 -38.64
N LYS B 21 1.86 -14.03 -39.86
CA LYS B 21 2.97 -13.84 -40.77
C LYS B 21 2.43 -13.35 -42.11
N VAL B 22 2.80 -12.14 -42.50
CA VAL B 22 2.33 -11.63 -43.78
C VAL B 22 3.46 -11.12 -44.64
N GLY B 23 3.29 -11.22 -45.96
CA GLY B 23 4.18 -10.56 -46.90
C GLY B 23 5.59 -11.11 -46.97
N GLN B 24 6.57 -10.22 -46.83
CA GLN B 24 7.99 -10.61 -46.87
C GLN B 24 8.50 -11.22 -45.58
N THR B 26 9.51 -13.80 -42.88
CA THR B 26 9.92 -15.19 -43.01
C THR B 26 9.65 -15.92 -41.71
N GLU B 27 9.24 -15.17 -40.70
CA GLU B 27 8.80 -15.75 -39.44
C GLU B 27 7.67 -14.87 -38.92
N PRO B 28 6.84 -15.39 -38.00
CA PRO B 28 5.80 -14.58 -37.35
C PRO B 28 6.37 -13.39 -36.55
N LEU B 29 5.48 -12.47 -36.17
CA LEU B 29 5.85 -11.28 -35.40
C LEU B 29 6.70 -11.59 -34.18
N LYS B 30 7.92 -11.04 -34.17
CA LYS B 30 8.85 -11.21 -33.07
C LYS B 30 9.05 -9.92 -32.29
N ASP B 31 9.81 -9.98 -31.19
CA ASP B 31 9.89 -8.89 -30.22
C ASP B 31 10.06 -7.48 -30.79
N GLN B 32 9.13 -6.60 -30.43
CA GLN B 32 9.14 -5.19 -30.83
C GLN B 32 8.98 -4.96 -32.34
N GLN B 33 8.51 -5.98 -33.05
CA GLN B 33 8.18 -5.80 -34.46
C GLN B 33 6.74 -5.34 -34.63
N ILE B 34 6.53 -4.49 -35.62
CA ILE B 34 5.19 -4.13 -36.06
C ILE B 34 5.03 -4.59 -37.50
N ILE B 35 3.80 -4.65 -37.99
CA ILE B 35 3.56 -4.99 -39.39
C ILE B 35 3.49 -3.71 -40.19
N LEU B 36 4.39 -3.57 -41.14
CA LEU B 36 4.53 -2.33 -41.88
C LEU B 36 4.36 -2.57 -43.37
N GLY B 37 3.53 -1.77 -44.01
CA GLY B 37 3.33 -1.88 -45.44
C GLY B 37 4.54 -1.30 -46.17
N THR B 38 4.82 -1.86 -47.35
CA THR B 38 5.86 -1.35 -48.24
C THR B 38 5.22 -1.01 -49.59
N LYS B 39 6.03 -0.70 -50.60
CA LYS B 39 5.47 -0.55 -51.95
C LYS B 39 5.20 -1.94 -52.52
N SER B 40 5.64 -2.96 -51.78
CA SER B 40 5.38 -4.36 -52.12
C SER B 40 4.37 -5.00 -51.14
N THR B 41 4.72 -6.15 -50.58
CA THR B 41 3.92 -6.75 -49.50
C THR B 41 4.54 -6.32 -48.16
N PRO B 42 3.87 -6.60 -47.04
CA PRO B 42 4.43 -5.99 -45.83
C PRO B 42 5.65 -6.69 -45.21
N VAL B 43 6.40 -5.96 -44.39
CA VAL B 43 7.54 -6.49 -43.66
C VAL B 43 7.31 -6.44 -42.15
N ALA B 44 8.10 -7.19 -41.39
CA ALA B 44 8.13 -7.01 -39.94
C ALA B 44 9.22 -5.97 -39.59
N ALA B 45 8.82 -4.84 -39.03
CA ALA B 45 9.77 -3.74 -38.83
C ALA B 45 9.93 -3.35 -37.38
N LYS B 46 11.16 -3.43 -36.88
CA LYS B 46 11.42 -3.05 -35.50
C LYS B 46 11.57 -1.53 -35.40
N THR B 48 13.14 1.65 -33.74
CA THR B 48 14.31 2.03 -32.95
C THR B 48 14.51 3.54 -32.93
N ALA B 49 15.14 4.03 -31.87
CA ALA B 49 15.47 5.44 -31.76
C ALA B 49 16.93 5.68 -32.08
N SER B 50 17.26 6.94 -32.36
CA SER B 50 18.62 7.41 -32.47
C SER B 50 18.55 8.93 -32.32
N ASP B 51 19.70 9.60 -32.43
CA ASP B 51 19.75 11.07 -32.44
C ASP B 51 18.88 11.74 -31.37
N GLY B 52 19.16 11.51 -30.10
CA GLY B 52 18.44 12.20 -29.04
C GLY B 52 16.98 11.81 -28.89
N ILE B 53 16.62 10.61 -29.36
CA ILE B 53 15.25 10.11 -29.19
C ILE B 53 15.22 8.89 -28.26
N SER B 54 14.23 8.88 -27.37
CA SER B 54 14.05 7.77 -26.45
C SER B 54 12.85 6.96 -26.90
N LEU B 55 12.97 5.63 -26.84
CA LEU B 55 11.93 4.73 -27.32
C LEU B 55 11.84 3.56 -26.34
N THR B 56 10.75 3.45 -25.60
CA THR B 56 10.66 2.37 -24.61
C THR B 56 9.40 1.51 -24.74
N VAL B 57 9.58 0.20 -24.69
CA VAL B 57 8.42 -0.70 -24.77
C VAL B 57 8.01 -1.24 -23.41
N SER B 58 6.85 -0.82 -22.92
CA SER B 58 6.25 -1.48 -21.79
C SER B 58 5.65 -2.74 -22.39
N ASN B 59 6.46 -3.81 -22.45
CA ASN B 59 6.18 -4.96 -23.32
C ASN B 59 5.78 -6.27 -22.63
N ASN B 60 6.48 -6.63 -21.56
CA ASN B 60 6.19 -7.87 -20.82
C ASN B 60 4.83 -7.87 -20.10
N SER B 61 3.91 -7.04 -20.61
CA SER B 61 2.56 -6.93 -20.09
C SER B 61 1.57 -7.15 -21.24
N SER B 62 0.56 -7.98 -21.03
CA SER B 62 -0.49 -8.19 -22.04
C SER B 62 -1.47 -7.03 -21.97
N THR B 63 -1.62 -6.50 -20.76
CA THR B 63 -2.46 -5.34 -20.52
C THR B 63 -1.57 -4.11 -20.30
N ASN B 64 -2.00 -2.97 -20.87
CA ASN B 64 -1.26 -1.71 -20.85
C ASN B 64 0.09 -1.74 -21.58
N ALA B 65 0.16 -2.46 -22.70
CA ALA B 65 1.38 -2.46 -23.49
C ALA B 65 1.49 -1.11 -24.18
N SER B 66 2.72 -0.65 -24.40
CA SER B 66 2.90 0.64 -25.04
C SER B 66 4.28 0.80 -25.66
N ILE B 67 4.38 1.73 -26.59
CA ILE B 67 5.65 2.21 -27.09
C ILE B 67 5.60 3.70 -26.81
N THR B 68 6.49 4.19 -25.94
CA THR B 68 6.54 5.62 -25.75
C THR B 68 7.75 6.24 -26.44
N ILE B 69 7.46 7.30 -27.19
CA ILE B 69 8.47 8.03 -27.91
C ILE B 69 8.68 9.35 -27.18
N GLY B 70 9.88 9.56 -26.65
CA GLY B 70 10.19 10.81 -25.97
C GLY B 70 11.53 11.38 -26.37
N LEU B 71 11.77 12.67 -26.11
CA LEU B 71 13.09 13.26 -26.34
C LEU B 71 13.97 12.83 -25.19
N LEU B 72 15.25 12.63 -25.46
CA LEU B 72 16.19 12.44 -24.37
C LEU B 72 16.38 13.79 -23.68
N LYS B 73 16.55 13.75 -22.35
CA LYS B 73 16.81 14.95 -21.56
C LYS B 73 18.08 15.65 -22.05
N ALA B 74 17.92 16.85 -22.59
CA ALA B 74 19.05 17.58 -23.15
C ALA B 74 19.58 18.70 -22.27
N PHE B 75 18.80 19.16 -21.30
CA PHE B 75 19.17 20.38 -20.58
C PHE B 75 19.82 20.15 -19.21
N ASN B 76 20.95 20.81 -18.98
CA ASN B 76 21.62 20.75 -17.69
C ASN B 76 21.94 22.15 -17.15
N ASN B 77 21.27 22.53 -16.07
CA ASN B 77 21.48 23.83 -15.48
C ASN B 77 22.21 23.81 -14.15
N PHE B 78 23.14 24.74 -13.99
CA PHE B 78 23.96 24.80 -12.80
C PHE B 78 23.95 26.23 -12.24
N PRO B 79 23.01 26.49 -11.31
CA PRO B 79 22.94 27.78 -10.61
C PRO B 79 24.20 27.93 -9.76
N ILE B 80 24.73 29.13 -9.72
CA ILE B 80 25.80 29.47 -8.78
C ILE B 80 25.28 30.65 -7.99
N THR B 81 25.06 30.47 -6.68
CA THR B 81 24.50 31.56 -5.87
C THR B 81 25.42 32.08 -4.76
N ASN B 82 26.53 31.40 -4.52
CA ASN B 82 27.51 31.88 -3.53
C ASN B 82 28.24 33.13 -3.98
N LYS B 83 28.58 33.98 -3.02
CA LYS B 83 29.49 35.09 -3.28
C LYS B 83 30.91 34.57 -3.31
N ILE B 84 31.65 34.89 -4.37
CA ILE B 84 32.97 34.34 -4.53
C ILE B 84 33.91 35.49 -4.88
N GLN B 85 34.90 35.72 -4.04
CA GLN B 85 35.96 36.67 -4.34
C GLN B 85 36.98 35.98 -5.24
N CYS B 86 37.18 36.51 -6.45
CA CYS B 86 38.16 35.91 -7.36
C CYS B 86 39.46 36.72 -7.33
N ASN B 87 40.44 36.23 -6.58
CA ASN B 87 41.71 36.93 -6.38
C ASN B 87 42.82 36.44 -7.34
N GLY B 88 42.51 35.39 -8.10
CA GLY B 88 43.38 34.95 -9.18
C GLY B 88 43.13 35.72 -10.47
N LEU B 89 44.20 36.18 -11.11
CA LEU B 89 44.11 36.96 -12.34
C LEU B 89 44.26 36.09 -13.57
N PHE B 90 43.94 36.66 -14.72
CA PHE B 90 44.34 36.07 -16.00
C PHE B 90 45.41 36.96 -16.64
N THR B 91 46.53 36.36 -17.00
CA THR B 91 47.65 37.09 -17.56
C THR B 91 48.09 36.36 -18.83
N PRO B 92 48.91 37.03 -19.67
CA PRO B 92 49.40 36.30 -20.86
C PRO B 92 50.15 35.04 -20.43
N SER B 93 50.73 35.08 -19.22
CA SER B 93 51.50 33.97 -18.70
C SER B 93 50.67 32.77 -18.22
N ASN B 94 49.45 33.02 -17.73
CA ASN B 94 48.66 31.88 -17.22
C ASN B 94 47.45 31.52 -18.04
N ILE B 95 47.12 32.33 -19.04
CA ILE B 95 45.92 32.10 -19.84
C ILE B 95 45.85 30.72 -20.54
N GLU B 96 47.00 30.11 -20.79
CA GLU B 96 47.00 28.74 -21.31
C GLU B 96 47.46 27.70 -20.30
N THR B 97 47.04 27.88 -19.05
CA THR B 97 47.28 26.87 -18.02
C THR B 97 45.95 26.50 -17.37
N LEU B 98 46.03 25.95 -16.16
CA LEU B 98 44.85 25.64 -15.36
C LEU B 98 44.81 26.62 -14.20
N LEU B 99 45.76 27.56 -14.21
CA LEU B 99 46.07 28.40 -13.05
C LEU B 99 45.48 29.80 -13.06
N GLY B 100 45.02 30.25 -14.23
CA GLY B 100 44.47 31.58 -14.35
C GLY B 100 43.12 31.70 -13.64
N GLY B 101 42.92 32.83 -12.97
CA GLY B 101 41.66 33.10 -12.30
C GLY B 101 41.30 32.19 -11.13
N THR B 102 40.04 32.23 -10.75
CA THR B 102 39.54 31.46 -9.62
C THR B 102 38.40 30.55 -10.07
N GLU B 103 38.38 29.31 -9.61
CA GLU B 103 37.31 28.39 -9.99
C GLU B 103 36.02 28.79 -9.27
N ILE B 104 34.93 28.96 -10.01
CA ILE B 104 33.68 29.36 -9.38
C ILE B 104 32.61 28.29 -9.49
N GLY B 105 32.90 27.23 -10.23
CA GLY B 105 31.97 26.14 -10.40
C GLY B 105 32.58 24.93 -11.09
N LYS B 106 32.03 23.75 -10.79
CA LYS B 106 32.41 22.50 -11.42
C LYS B 106 31.15 21.82 -11.88
N PHE B 107 31.17 21.24 -13.08
CA PHE B 107 29.95 20.68 -13.66
C PHE B 107 30.24 19.37 -14.37
N THR B 108 29.64 18.27 -13.89
CA THR B 108 29.73 16.99 -14.58
C THR B 108 28.50 16.75 -15.45
N VAL B 109 28.72 16.64 -16.76
CA VAL B 109 27.65 16.37 -17.70
C VAL B 109 27.88 15.04 -18.43
N THR B 110 26.79 14.46 -18.93
CA THR B 110 26.86 13.17 -19.60
C THR B 110 25.97 13.21 -20.82
N PRO B 111 26.58 13.24 -22.01
CA PRO B 111 25.83 13.29 -23.28
C PRO B 111 24.97 12.04 -23.49
N LYS B 112 23.75 12.26 -23.99
CA LYS B 112 22.78 11.19 -24.22
C LYS B 112 22.88 10.64 -25.64
N SER B 113 23.44 11.42 -26.54
CA SER B 113 23.56 11.05 -27.94
C SER B 113 24.99 11.12 -28.41
N SER B 114 25.42 10.12 -29.17
CA SER B 114 26.81 10.09 -29.59
C SER B 114 27.04 11.06 -30.73
N GLY B 115 28.19 11.75 -30.70
CA GLY B 115 28.48 12.77 -31.67
C GLY B 115 27.57 13.99 -31.58
N SER B 116 27.03 14.25 -30.39
CA SER B 116 26.28 15.49 -30.15
C SER B 116 27.21 16.63 -29.71
N PHE B 118 27.31 20.08 -26.71
CA PHE B 118 26.65 20.92 -25.72
C PHE B 118 26.80 22.36 -26.14
N LEU B 119 25.67 23.05 -26.27
CA LEU B 119 25.64 24.49 -26.37
C LEU B 119 25.75 24.98 -24.93
N VAL B 120 26.83 25.69 -24.66
CA VAL B 120 27.21 26.07 -23.30
C VAL B 120 27.09 27.56 -23.06
N SER B 121 26.30 27.96 -22.08
CA SER B 121 26.29 29.37 -21.73
C SER B 121 26.50 29.65 -20.24
N ALA B 122 27.48 30.49 -19.98
CA ALA B 122 27.78 30.94 -18.63
C ALA B 122 27.41 32.42 -18.48
N ASP B 123 26.51 32.71 -17.55
CA ASP B 123 26.07 34.09 -17.34
C ASP B 123 26.31 34.49 -15.90
N ILE B 124 27.40 35.22 -15.70
CA ILE B 124 27.94 35.41 -14.38
C ILE B 124 27.80 36.86 -13.95
N ILE B 125 27.16 37.08 -12.80
CA ILE B 125 27.07 38.42 -12.25
C ILE B 125 28.39 38.75 -11.55
N ALA B 126 29.06 39.80 -12.01
CA ALA B 126 30.37 40.10 -11.47
C ALA B 126 30.59 41.60 -11.27
N SER B 127 31.32 41.94 -10.21
CA SER B 127 31.73 43.33 -9.97
C SER B 127 33.23 43.38 -9.83
N ARG B 128 33.80 44.49 -10.27
CA ARG B 128 35.21 44.78 -9.99
C ARG B 128 35.33 46.25 -10.21
N GLU B 130 36.55 49.40 -12.00
CA GLU B 130 36.82 49.66 -13.42
C GLU B 130 37.81 48.73 -14.13
N GLY B 131 37.33 47.87 -15.04
CA GLY B 131 38.21 46.99 -15.78
C GLY B 131 37.62 45.71 -16.35
N GLY B 132 38.50 44.84 -16.82
CA GLY B 132 38.08 43.66 -17.55
C GLY B 132 37.87 42.42 -16.71
N VAL B 133 36.87 41.64 -17.09
CA VAL B 133 36.68 40.32 -16.51
C VAL B 133 36.99 39.25 -17.56
N VAL B 134 37.62 38.17 -17.14
CA VAL B 134 37.93 37.06 -18.04
C VAL B 134 37.24 35.77 -17.55
N LEU B 135 36.60 35.07 -18.48
CA LEU B 135 35.96 33.80 -18.15
C LEU B 135 36.61 32.67 -18.95
N ALA B 136 36.89 31.56 -18.27
CA ALA B 136 37.55 30.45 -18.94
C ALA B 136 36.90 29.13 -18.56
N LEU B 137 36.58 28.33 -19.56
CA LEU B 137 35.93 27.05 -19.32
C LEU B 137 36.97 25.96 -19.55
N VAL B 138 37.09 25.06 -18.59
CA VAL B 138 38.11 24.00 -18.66
C VAL B 138 37.53 22.58 -18.53
N ARG B 139 37.85 21.73 -19.50
CA ARG B 139 37.52 20.30 -19.43
C ARG B 139 38.53 19.63 -18.50
N GLU B 140 38.03 18.89 -17.53
CA GLU B 140 38.90 18.13 -16.63
C GLU B 140 39.75 17.20 -17.47
N GLY B 141 41.06 17.20 -17.23
CA GLY B 141 41.96 16.44 -18.07
C GLY B 141 42.83 17.32 -18.95
N ASP B 142 42.21 18.23 -19.70
CA ASP B 142 42.93 19.15 -20.59
C ASP B 142 43.95 19.96 -19.82
N SER B 143 44.81 20.68 -20.54
CA SER B 143 45.94 21.40 -19.93
C SER B 143 45.76 22.92 -19.93
N LYS B 144 44.67 23.38 -20.54
CA LYS B 144 44.38 24.79 -20.67
C LYS B 144 42.91 24.96 -21.07
N PRO B 145 42.39 26.19 -20.98
CA PRO B 145 40.99 26.43 -21.33
C PRO B 145 40.58 25.94 -22.73
N CYS B 146 39.38 25.38 -22.82
CA CYS B 146 38.80 25.07 -24.12
C CYS B 146 37.92 26.23 -24.63
N ALA B 147 37.63 27.20 -23.76
CA ALA B 147 36.87 28.38 -24.16
C ALA B 147 37.18 29.59 -23.27
N ILE B 148 37.21 30.76 -23.90
CA ILE B 148 37.60 31.97 -23.19
C ILE B 148 36.72 33.10 -23.64
N SER B 149 36.23 33.88 -22.68
CA SER B 149 35.38 35.02 -22.98
C SER B 149 35.69 36.21 -22.07
N TYR B 150 35.12 37.36 -22.38
CA TYR B 150 35.46 38.61 -21.71
C TYR B 150 34.23 39.39 -21.32
N GLY B 151 34.31 40.03 -20.16
CA GLY B 151 33.27 40.91 -19.70
C GLY B 151 33.85 42.17 -19.12
N TYR B 152 32.97 42.97 -18.54
CA TYR B 152 33.35 44.28 -18.06
C TYR B 152 32.55 44.66 -16.83
N SER B 153 33.19 45.38 -15.92
CA SER B 153 32.47 46.02 -14.81
C SER B 153 33.03 47.39 -14.54
N SER B 154 32.15 48.38 -14.44
CA SER B 154 32.54 49.75 -14.11
C SER B 154 32.71 49.93 -12.60
N GLY B 155 32.40 48.89 -11.82
CA GLY B 155 32.34 48.99 -10.38
C GLY B 155 30.99 48.53 -9.89
N VAL B 156 29.96 48.80 -10.69
CA VAL B 156 28.63 48.23 -10.44
C VAL B 156 28.48 46.82 -11.08
N PRO B 157 27.70 45.94 -10.45
CA PRO B 157 27.59 44.57 -10.96
C PRO B 157 27.15 44.56 -12.42
N ASN B 158 27.75 43.67 -13.19
CA ASN B 158 27.41 43.52 -14.58
C ASN B 158 27.41 42.06 -14.97
N LEU B 159 26.58 41.70 -15.95
CA LEU B 159 26.54 40.30 -16.34
C LEU B 159 27.74 40.05 -17.24
N CYS B 160 28.48 38.98 -16.98
CA CYS B 160 29.63 38.61 -17.79
C CYS B 160 29.40 37.25 -18.43
N SER B 161 29.55 37.17 -19.74
CA SER B 161 29.09 35.98 -20.45
C SER B 161 30.18 35.21 -21.17
N LEU B 162 29.96 33.91 -21.25
CA LEU B 162 30.73 33.01 -22.10
C LEU B 162 29.75 32.13 -22.84
N ARG B 163 29.81 32.14 -24.16
CA ARG B 163 28.96 31.28 -24.98
C ARG B 163 29.85 30.47 -25.93
N THR B 164 29.67 29.15 -25.92
CA THR B 164 30.51 28.28 -26.74
C THR B 164 29.85 26.94 -27.08
N SER B 165 30.54 26.18 -27.93
CA SER B 165 30.07 24.87 -28.39
C SER B 165 31.13 23.82 -28.17
N ILE B 166 30.80 22.77 -27.43
CA ILE B 166 31.77 21.72 -27.21
C ILE B 166 31.37 20.43 -27.91
N THR B 167 32.33 19.84 -28.63
CA THR B 167 32.08 18.61 -29.36
C THR B 167 32.26 17.44 -28.41
N ASN B 168 31.19 16.66 -28.22
CA ASN B 168 31.19 15.49 -27.34
C ASN B 168 31.69 14.26 -28.10
N THR B 169 32.59 13.50 -27.49
CA THR B 169 33.21 12.39 -28.20
C THR B 169 32.86 11.00 -27.67
N GLY B 170 32.12 10.95 -26.57
CA GLY B 170 31.70 9.67 -26.01
C GLY B 170 30.38 9.76 -25.25
N LEU B 171 29.94 8.64 -24.72
CA LEU B 171 28.68 8.56 -23.99
C LEU B 171 28.97 8.52 -22.47
N THR B 172 30.14 9.00 -22.12
CA THR B 172 30.66 8.89 -20.76
C THR B 172 30.66 10.26 -20.03
N PRO B 173 30.53 10.26 -18.69
CA PRO B 173 30.55 11.51 -17.92
C PRO B 173 31.80 12.34 -18.15
N THR B 174 31.65 13.65 -18.31
CA THR B 174 32.77 14.58 -18.48
C THR B 174 32.60 15.79 -17.57
N THR B 175 33.70 16.25 -16.99
CA THR B 175 33.64 17.34 -16.02
C THR B 175 34.30 18.63 -16.49
N TYR B 176 33.55 19.73 -16.37
CA TYR B 176 34.04 21.04 -16.74
C TYR B 176 34.06 21.94 -15.51
N SER B 177 34.97 22.90 -15.49
CA SER B 177 34.90 23.90 -14.44
C SER B 177 35.01 25.28 -15.05
N LEU B 178 34.46 26.26 -14.36
CA LEU B 178 34.49 27.61 -14.86
C LEU B 178 35.38 28.45 -13.97
N ARG B 179 36.20 29.28 -14.62
CA ARG B 179 37.10 30.13 -13.87
C ARG B 179 36.92 31.59 -14.26
N VAL B 180 37.00 32.46 -13.25
CA VAL B 180 36.79 33.89 -13.45
C VAL B 180 37.92 34.64 -12.76
N GLY B 181 38.42 35.68 -13.41
CA GLY B 181 39.42 36.54 -12.81
C GLY B 181 39.50 37.86 -13.54
N GLY B 182 40.18 38.84 -12.92
CA GLY B 182 40.44 40.10 -13.59
C GLY B 182 41.36 39.94 -14.78
N LEU B 183 41.19 40.82 -15.76
CA LEU B 183 42.09 40.87 -16.90
C LEU B 183 43.39 41.57 -16.47
N GLU B 184 44.45 40.79 -16.30
CA GLU B 184 45.77 41.29 -15.91
C GLU B 184 45.92 41.98 -14.53
N SER B 185 44.87 42.61 -14.02
CA SER B 185 44.90 43.14 -12.65
C SER B 185 43.50 43.20 -12.06
N GLY B 186 43.42 43.48 -10.77
CA GLY B 186 42.15 43.77 -10.11
C GLY B 186 41.47 42.57 -9.47
N VAL B 187 40.60 42.84 -8.49
CA VAL B 187 39.85 41.78 -7.84
C VAL B 187 38.44 41.76 -8.40
N VAL B 188 37.92 40.57 -8.68
CA VAL B 188 36.59 40.41 -9.24
C VAL B 188 35.72 39.63 -8.27
N TRP B 189 34.57 40.18 -7.91
CA TRP B 189 33.61 39.48 -7.07
C TRP B 189 32.46 38.91 -7.89
N VAL B 190 32.15 37.64 -7.66
CA VAL B 190 31.02 36.98 -8.31
C VAL B 190 29.81 37.00 -7.37
N ASN B 191 28.63 37.31 -7.92
CA ASN B 191 27.40 37.43 -7.13
C ASN B 191 27.47 38.43 -5.97
N ALA B 192 28.24 39.50 -6.14
CA ALA B 192 28.35 40.48 -5.08
C ALA B 192 28.81 41.81 -5.64
N LEU B 193 28.72 42.84 -4.80
CA LEU B 193 29.26 44.14 -5.14
C LEU B 193 30.79 44.04 -5.01
N SER B 194 31.52 45.08 -5.39
CA SER B 194 32.99 45.04 -5.36
C SER B 194 33.57 44.94 -3.95
N ASN B 195 32.78 45.26 -2.94
CA ASN B 195 33.23 45.14 -1.56
C ASN B 195 32.81 43.82 -0.91
N GLY B 196 32.10 42.98 -1.67
CA GLY B 196 31.64 41.71 -1.15
C GLY B 196 30.26 41.73 -0.52
N ASN B 197 29.61 42.89 -0.45
CA ASN B 197 28.22 42.94 0.03
C ASN B 197 27.29 42.23 -0.94
N ASP B 198 26.16 41.73 -0.44
CA ASP B 198 25.10 41.21 -1.27
C ASP B 198 24.55 42.32 -2.18
N ILE B 199 24.36 42.02 -3.45
CA ILE B 199 23.80 43.02 -4.35
C ILE B 199 22.31 43.24 -4.01
N LEU B 200 21.95 44.50 -3.75
CA LEU B 200 20.58 44.87 -3.39
C LEU B 200 20.11 44.16 -2.12
N GLY B 201 21.06 43.74 -1.30
CA GLY B 201 20.73 43.13 -0.03
C GLY B 201 20.31 41.67 -0.12
N ILE B 202 20.43 41.05 -1.29
CA ILE B 202 19.93 39.69 -1.43
C ILE B 202 20.93 38.71 -2.05
N THR B 203 20.53 37.44 -2.02
CA THR B 203 21.25 36.38 -2.73
C THR B 203 20.97 36.48 -4.22
N ASN B 204 22.03 36.54 -5.01
CA ASN B 204 21.87 36.56 -6.45
C ASN B 204 22.28 35.28 -7.13
N THR B 205 21.79 35.07 -8.34
CA THR B 205 22.01 33.81 -9.06
C THR B 205 22.73 33.98 -10.40
N SER B 206 23.91 33.38 -10.52
CA SER B 206 24.54 33.23 -11.82
C SER B 206 24.19 31.84 -12.40
N ASN B 207 24.20 31.72 -13.72
CA ASN B 207 23.83 30.46 -14.36
C ASN B 207 24.86 29.90 -15.33
N VAL B 208 25.05 28.59 -15.26
CA VAL B 208 25.82 27.87 -16.26
C VAL B 208 24.96 26.73 -16.81
N SER B 209 24.65 26.77 -18.10
CA SER B 209 23.85 25.69 -18.69
C SER B 209 24.54 24.97 -19.85
N PHE B 210 24.18 23.71 -20.02
CA PHE B 210 24.67 22.88 -21.11
C PHE B 210 23.44 22.32 -21.81
N LEU B 211 23.25 22.66 -23.09
CA LEU B 211 22.14 22.13 -23.84
C LEU B 211 22.67 21.18 -24.91
N GLU B 212 22.27 19.91 -24.84
CA GLU B 212 22.67 18.94 -25.86
C GLU B 212 21.92 19.19 -27.16
N VAL B 213 22.65 19.36 -28.24
CA VAL B 213 22.05 19.53 -29.56
C VAL B 213 22.67 18.57 -30.56
N ILE B 214 21.96 18.34 -31.67
CA ILE B 214 22.51 17.59 -32.78
C ILE B 214 22.96 18.58 -33.83
N PRO B 215 24.27 18.60 -34.12
CA PRO B 215 24.84 19.59 -35.04
C PRO B 215 24.68 19.19 -36.50
N GLN B 216 24.29 20.18 -37.31
CA GLN B 216 24.45 20.08 -38.75
C GLN B 216 25.95 20.10 -39.03
N THR B 217 26.43 19.02 -39.65
CA THR B 217 27.85 18.71 -39.73
C THR B 217 28.69 19.70 -40.57
N ASN B 218 28.01 20.64 -41.23
CA ASN B 218 28.65 21.67 -42.05
C ASN B 218 29.24 22.81 -41.21
N GLY C 2 2.22 -16.54 -52.48
CA GLY C 2 0.97 -16.52 -53.25
C GLY C 2 -0.07 -17.37 -52.55
N ASN C 3 0.27 -17.82 -51.34
CA ASN C 3 -0.60 -18.71 -50.56
C ASN C 3 -1.15 -18.01 -49.31
N SER C 4 -2.07 -18.67 -48.63
CA SER C 4 -2.61 -18.11 -47.41
C SER C 4 -3.40 -19.17 -46.66
N GLY C 5 -3.63 -18.93 -45.38
CA GLY C 5 -4.28 -19.90 -44.52
C GLY C 5 -3.73 -19.85 -43.11
N PHE C 6 -3.74 -21.01 -42.46
CA PHE C 6 -3.24 -21.11 -41.10
C PHE C 6 -2.15 -22.18 -41.09
N TYR C 7 -1.15 -22.00 -40.23
CA TYR C 7 -0.06 -22.96 -40.13
C TYR C 7 0.59 -22.93 -38.75
N LEU C 8 1.14 -24.06 -38.34
CA LEU C 8 1.87 -24.12 -37.07
C LEU C 8 3.34 -23.72 -37.25
N TYR C 9 3.71 -22.61 -36.62
CA TYR C 9 5.10 -22.23 -36.48
C TYR C 9 5.49 -22.54 -35.04
N ASN C 10 6.44 -23.45 -34.88
CA ASN C 10 6.66 -24.11 -33.61
C ASN C 10 5.32 -24.51 -33.02
N THR C 11 4.95 -23.98 -31.87
CA THR C 11 3.65 -24.32 -31.29
C THR C 11 2.58 -23.27 -31.57
N GLU C 12 2.96 -22.16 -32.19
CA GLU C 12 2.02 -21.07 -32.41
C GLU C 12 1.21 -21.32 -33.69
N ASN C 13 -0.11 -21.41 -33.54
CA ASN C 13 -1.03 -21.45 -34.68
C ASN C 13 -1.16 -20.04 -35.29
N CYS C 14 -0.47 -19.82 -36.40
CA CYS C 14 -0.47 -18.50 -37.03
C CYS C 14 -1.34 -18.42 -38.27
N VAL C 15 -1.85 -17.23 -38.52
CA VAL C 15 -2.49 -16.93 -39.77
C VAL C 15 -1.36 -16.45 -40.68
N PHE C 16 -1.46 -16.75 -41.96
CA PHE C 16 -0.51 -16.21 -42.93
C PHE C 16 -1.14 -15.83 -44.26
N ALA C 17 -0.54 -14.86 -44.94
CA ALA C 17 -1.03 -14.43 -46.25
C ALA C 17 -0.03 -13.48 -46.87
N ASP C 18 -0.16 -13.25 -48.18
CA ASP C 18 0.65 -12.26 -48.87
C ASP C 18 0.46 -10.88 -48.27
N ASN C 19 -0.78 -10.55 -47.94
CA ASN C 19 -1.11 -9.28 -47.34
C ASN C 19 -2.39 -9.38 -46.49
N ILE C 20 -2.78 -8.26 -45.89
CA ILE C 20 -3.95 -8.28 -45.03
C ILE C 20 -4.77 -7.03 -45.28
N LYS C 21 -6.09 -7.21 -45.21
CA LYS C 21 -7.03 -6.11 -45.27
C LYS C 21 -8.07 -6.28 -44.16
N VAL C 22 -8.05 -5.39 -43.18
CA VAL C 22 -9.02 -5.47 -42.10
C VAL C 22 -9.75 -4.16 -41.87
N GLY C 23 -10.91 -4.26 -41.22
CA GLY C 23 -11.64 -3.10 -40.76
C GLY C 23 -12.18 -2.26 -41.89
N GLN C 24 -11.84 -0.98 -41.89
CA GLN C 24 -12.39 -0.06 -42.87
C GLN C 24 -11.53 0.00 -44.11
N THR C 26 -9.88 -0.41 -47.58
CA THR C 26 -10.47 -0.75 -48.86
C THR C 26 -9.50 -1.59 -49.66
N GLU C 27 -8.24 -1.52 -49.27
CA GLU C 27 -7.14 -2.21 -49.92
C GLU C 27 -6.29 -2.86 -48.84
N PRO C 28 -5.44 -3.82 -49.22
CA PRO C 28 -4.46 -4.39 -48.28
C PRO C 28 -3.39 -3.35 -47.92
N LEU C 29 -2.64 -3.59 -46.85
CA LEU C 29 -1.63 -2.64 -46.37
C LEU C 29 -0.70 -2.12 -47.47
N LYS C 30 -0.55 -0.81 -47.55
CA LYS C 30 0.35 -0.20 -48.52
C LYS C 30 1.51 0.51 -47.82
N ASP C 31 2.34 1.15 -48.63
CA ASP C 31 3.60 1.73 -48.19
C ASP C 31 3.49 2.62 -46.96
N GLN C 32 4.29 2.30 -45.96
CA GLN C 32 4.40 3.13 -44.76
C GLN C 32 3.12 3.07 -43.88
N GLN C 33 2.21 2.19 -44.24
CA GLN C 33 0.98 2.01 -43.46
C GLN C 33 1.10 0.97 -42.34
N ILE C 34 0.50 1.26 -41.19
CA ILE C 34 0.37 0.26 -40.13
C ILE C 34 -1.11 0.02 -39.88
N ILE C 35 -1.43 -1.12 -39.27
CA ILE C 35 -2.82 -1.40 -38.96
C ILE C 35 -3.05 -0.74 -37.63
N LEU C 36 -4.08 0.11 -37.56
CA LEU C 36 -4.32 0.92 -36.36
C LEU C 36 -5.78 0.85 -35.94
N GLY C 37 -6.02 0.52 -34.68
CA GLY C 37 -7.38 0.38 -34.20
C GLY C 37 -8.05 1.72 -33.99
N THR C 38 -9.38 1.71 -34.08
CA THR C 38 -10.20 2.88 -33.78
C THR C 38 -11.25 2.42 -32.77
N LYS C 39 -12.17 3.31 -32.38
CA LYS C 39 -13.26 2.90 -31.49
C LYS C 39 -14.19 1.97 -32.25
N SER C 40 -14.04 1.96 -33.57
CA SER C 40 -14.79 1.09 -34.46
C SER C 40 -13.89 -0.09 -34.87
N THR C 41 -13.63 -0.18 -36.16
CA THR C 41 -12.75 -1.22 -36.72
C THR C 41 -11.47 -0.54 -37.25
N PRO C 42 -10.38 -1.31 -37.43
CA PRO C 42 -9.10 -0.68 -37.78
C PRO C 42 -9.10 0.08 -39.09
N VAL C 43 -8.08 0.90 -39.28
CA VAL C 43 -7.80 1.53 -40.57
C VAL C 43 -6.31 1.33 -40.89
N ALA C 44 -5.94 1.63 -42.12
CA ALA C 44 -4.53 1.63 -42.46
C ALA C 44 -4.00 3.05 -42.27
N ALA C 45 -3.12 3.25 -41.29
CA ALA C 45 -2.58 4.57 -41.02
C ALA C 45 -1.16 4.73 -41.57
N LYS C 46 -0.94 5.67 -42.47
CA LYS C 46 0.40 5.98 -42.91
C LYS C 46 1.19 6.65 -41.78
N THR C 48 4.30 8.89 -40.52
CA THR C 48 5.18 9.93 -41.06
C THR C 48 5.74 10.87 -39.99
N ALA C 49 6.88 11.46 -40.30
CA ALA C 49 7.49 12.42 -39.40
C ALA C 49 7.17 13.83 -39.87
N SER C 50 7.43 14.80 -39.00
CA SER C 50 7.29 16.21 -39.32
C SER C 50 7.93 16.98 -38.19
N ASP C 51 8.04 18.30 -38.34
CA ASP C 51 8.47 19.18 -37.25
C ASP C 51 9.74 18.74 -36.53
N GLY C 52 10.85 18.62 -37.24
CA GLY C 52 12.10 18.32 -36.56
C GLY C 52 12.37 16.85 -36.30
N ILE C 53 11.50 15.98 -36.82
CA ILE C 53 11.73 14.53 -36.71
C ILE C 53 11.99 13.91 -38.08
N SER C 54 12.97 13.02 -38.15
CA SER C 54 13.11 12.18 -39.33
C SER C 54 12.56 10.76 -39.07
N LEU C 55 11.91 10.23 -40.08
CA LEU C 55 11.42 8.86 -40.04
C LEU C 55 12.12 8.07 -41.13
N THR C 56 12.83 7.00 -40.74
CA THR C 56 13.69 6.30 -41.68
C THR C 56 13.51 4.77 -41.69
N VAL C 57 13.13 4.23 -42.84
CA VAL C 57 12.84 2.80 -42.96
C VAL C 57 13.99 2.03 -43.63
N SER C 58 14.57 1.08 -42.91
CA SER C 58 15.63 0.24 -43.45
C SER C 58 15.10 -1.17 -43.67
N ASN C 59 15.31 -1.71 -44.88
CA ASN C 59 14.84 -3.07 -45.21
C ASN C 59 15.97 -3.92 -45.81
N ASN C 60 16.99 -4.21 -44.99
CA ASN C 60 18.13 -5.01 -45.42
C ASN C 60 17.81 -6.50 -45.67
N SER C 61 17.06 -7.10 -44.76
CA SER C 61 16.68 -8.50 -44.92
C SER C 61 15.26 -8.67 -44.42
N SER C 62 14.65 -9.81 -44.72
CA SER C 62 13.30 -10.13 -44.27
C SER C 62 13.21 -10.13 -42.76
N THR C 63 14.35 -10.34 -42.10
CA THR C 63 14.37 -10.52 -40.66
C THR C 63 14.97 -9.32 -39.92
N ASN C 64 15.43 -8.32 -40.68
CA ASN C 64 16.00 -7.12 -40.06
C ASN C 64 15.44 -5.77 -40.56
N ALA C 65 14.15 -5.73 -40.89
CA ALA C 65 13.53 -4.48 -41.30
C ALA C 65 13.42 -3.53 -40.11
N SER C 66 13.73 -2.26 -40.37
CA SER C 66 13.94 -1.32 -39.29
C SER C 66 13.28 0.01 -39.58
N ILE C 67 12.73 0.62 -38.55
CA ILE C 67 12.19 1.96 -38.69
C ILE C 67 12.80 2.82 -37.58
N THR C 68 13.57 3.83 -38.00
CA THR C 68 14.36 4.64 -37.08
C THR C 68 13.73 6.00 -36.88
N ILE C 69 13.43 6.35 -35.62
CA ILE C 69 13.00 7.70 -35.32
C ILE C 69 14.20 8.48 -34.80
N GLY C 70 14.38 9.70 -35.27
CA GLY C 70 15.45 10.56 -34.79
C GLY C 70 15.25 12.05 -35.00
N LEU C 71 16.06 12.86 -34.32
CA LEU C 71 15.99 14.31 -34.48
C LEU C 71 16.67 14.75 -35.76
N LEU C 72 16.04 15.65 -36.50
CA LEU C 72 16.74 16.33 -37.59
C LEU C 72 17.81 17.25 -36.98
N LYS C 73 18.93 17.37 -37.68
CA LYS C 73 20.04 18.21 -37.23
C LYS C 73 19.68 19.69 -37.17
N ALA C 74 19.72 20.27 -35.97
CA ALA C 74 19.15 21.59 -35.77
C ALA C 74 20.17 22.68 -35.48
N PHE C 75 21.42 22.31 -35.23
CA PHE C 75 22.40 23.29 -34.73
C PHE C 75 23.55 23.60 -35.68
N ASN C 76 23.66 24.88 -36.06
CA ASN C 76 24.74 25.34 -36.93
C ASN C 76 25.65 26.33 -36.20
N ASN C 77 26.93 26.01 -36.07
CA ASN C 77 27.86 26.92 -35.39
C ASN C 77 28.97 27.49 -36.28
N PHE C 78 29.27 28.77 -36.09
CA PHE C 78 30.23 29.47 -36.94
C PHE C 78 31.27 30.25 -36.14
N PRO C 79 32.35 29.57 -35.73
CA PRO C 79 33.52 30.20 -35.10
C PRO C 79 34.06 31.36 -35.96
N ILE C 80 34.58 32.40 -35.32
CA ILE C 80 35.27 33.48 -36.02
C ILE C 80 36.45 33.84 -35.16
N THR C 81 37.65 33.63 -35.69
CA THR C 81 38.89 33.82 -34.95
C THR C 81 39.82 34.88 -35.59
N ASN C 82 39.46 35.37 -36.77
CA ASN C 82 40.26 36.41 -37.39
C ASN C 82 40.23 37.70 -36.56
N LYS C 83 41.27 38.50 -36.65
CA LYS C 83 41.24 39.81 -36.04
C LYS C 83 40.89 40.82 -37.12
N ILE C 84 39.72 41.42 -36.99
CA ILE C 84 39.21 42.29 -38.03
C ILE C 84 39.10 43.72 -37.50
N GLN C 85 39.70 44.63 -38.25
CA GLN C 85 39.64 46.04 -37.93
C GLN C 85 38.37 46.59 -38.53
N CYS C 86 37.45 47.02 -37.68
CA CYS C 86 36.16 47.48 -38.17
C CYS C 86 36.12 49.00 -38.25
N ASN C 87 36.64 49.54 -39.35
CA ASN C 87 36.62 50.99 -39.51
C ASN C 87 35.39 51.48 -40.25
N GLY C 88 34.49 50.56 -40.59
CA GLY C 88 33.20 50.94 -41.11
C GLY C 88 32.36 51.41 -39.94
N LEU C 89 31.71 52.56 -40.08
CA LEU C 89 30.84 53.06 -39.04
C LEU C 89 29.39 52.68 -39.28
N PHE C 90 28.59 52.74 -38.22
CA PHE C 90 27.14 52.73 -38.34
C PHE C 90 26.58 54.12 -38.02
N THR C 91 25.75 54.63 -38.92
CA THR C 91 25.37 56.04 -38.96
C THR C 91 23.86 56.13 -39.15
N PRO C 92 23.22 57.25 -38.74
CA PRO C 92 21.82 57.41 -39.13
C PRO C 92 21.55 57.20 -40.62
N SER C 93 22.50 57.54 -41.49
CA SER C 93 22.26 57.40 -42.93
C SER C 93 22.62 56.04 -43.54
N ASN C 94 23.55 55.31 -42.93
CA ASN C 94 23.85 53.98 -43.47
C ASN C 94 23.16 52.79 -42.76
N ILE C 95 22.45 53.07 -41.67
CA ILE C 95 21.88 52.00 -40.84
C ILE C 95 20.79 51.21 -41.58
N GLU C 96 19.85 51.91 -42.18
CA GLU C 96 18.83 51.28 -43.02
C GLU C 96 19.37 50.98 -44.44
N THR C 97 20.63 50.58 -44.55
CA THR C 97 21.18 50.18 -45.83
C THR C 97 22.02 48.92 -45.63
N LEU C 98 22.87 48.63 -46.61
CA LEU C 98 23.74 47.47 -46.53
C LEU C 98 25.17 47.89 -46.29
N LEU C 99 25.41 49.18 -46.09
CA LEU C 99 26.79 49.65 -46.08
C LEU C 99 27.36 49.94 -44.68
N GLY C 100 26.51 49.84 -43.67
CA GLY C 100 26.96 50.06 -42.31
C GLY C 100 28.04 49.08 -41.89
N GLY C 101 28.95 49.54 -41.05
CA GLY C 101 29.97 48.70 -40.48
C GLY C 101 30.83 47.90 -41.43
N THR C 102 31.38 46.82 -40.91
CA THR C 102 32.31 45.96 -41.63
C THR C 102 31.84 44.52 -41.44
N GLU C 103 31.95 43.72 -42.50
CA GLU C 103 31.49 42.35 -42.46
C GLU C 103 32.54 41.48 -41.79
N ILE C 104 32.17 40.70 -40.77
CA ILE C 104 33.16 39.86 -40.08
C ILE C 104 32.90 38.36 -40.28
N GLY C 105 31.80 38.03 -40.95
CA GLY C 105 31.45 36.64 -41.16
C GLY C 105 30.29 36.44 -42.12
N LYS C 106 30.29 35.32 -42.83
CA LYS C 106 29.19 34.98 -43.71
C LYS C 106 28.70 33.56 -43.41
N PHE C 107 27.39 33.40 -43.32
CA PHE C 107 26.81 32.15 -42.83
C PHE C 107 25.69 31.67 -43.74
N THR C 108 25.85 30.46 -44.27
CA THR C 108 24.79 29.85 -45.06
C THR C 108 24.17 28.70 -44.28
N VAL C 109 22.87 28.75 -44.08
CA VAL C 109 22.21 27.68 -43.34
C VAL C 109 20.96 27.21 -44.08
N THR C 110 20.60 25.95 -43.87
CA THR C 110 19.39 25.39 -44.49
C THR C 110 18.41 24.86 -43.45
N PRO C 111 17.20 25.44 -43.42
CA PRO C 111 16.12 24.98 -42.53
C PRO C 111 15.77 23.51 -42.85
N LYS C 112 15.58 22.67 -41.83
CA LYS C 112 15.20 21.29 -42.07
C LYS C 112 13.69 21.07 -41.96
N SER C 113 12.98 22.04 -41.38
CA SER C 113 11.54 21.90 -41.15
C SER C 113 10.88 23.15 -41.67
N SER C 114 9.74 22.98 -42.33
CA SER C 114 8.99 24.12 -42.85
C SER C 114 8.43 24.96 -41.72
N GLY C 115 8.44 26.29 -41.93
CA GLY C 115 7.94 27.24 -40.97
C GLY C 115 8.69 27.23 -39.64
N SER C 116 9.94 26.79 -39.66
CA SER C 116 10.73 26.82 -38.43
C SER C 116 11.31 28.20 -38.23
N PHE C 118 15.03 30.22 -36.72
CA PHE C 118 16.40 30.10 -36.21
C PHE C 118 16.58 31.01 -35.02
N LEU C 119 16.90 30.42 -33.88
CA LEU C 119 17.41 31.18 -32.76
C LEU C 119 18.87 31.54 -33.09
N VAL C 120 19.11 32.82 -33.35
CA VAL C 120 20.42 33.32 -33.74
C VAL C 120 21.15 33.95 -32.56
N SER C 121 22.40 33.57 -32.33
CA SER C 121 23.19 34.22 -31.30
C SER C 121 24.57 34.61 -31.77
N ALA C 122 24.81 35.91 -31.89
CA ALA C 122 26.14 36.39 -32.23
C ALA C 122 26.85 36.88 -30.96
N ASP C 123 27.95 36.23 -30.58
CA ASP C 123 28.70 36.65 -29.40
C ASP C 123 30.13 37.03 -29.76
N ILE C 124 30.34 38.34 -29.89
CA ILE C 124 31.55 38.86 -30.51
C ILE C 124 32.44 39.59 -29.52
N ILE C 125 33.68 39.10 -29.39
CA ILE C 125 34.70 39.79 -28.60
C ILE C 125 35.19 41.03 -29.36
N ALA C 126 35.01 42.20 -28.75
CA ALA C 126 35.31 43.45 -29.45
C ALA C 126 36.00 44.46 -28.55
N SER C 127 36.87 45.26 -29.15
CA SER C 127 37.54 46.36 -28.44
C SER C 127 37.39 47.66 -29.21
N ARG C 128 37.35 48.76 -28.48
CA ARG C 128 37.40 50.10 -29.05
C ARG C 128 37.67 51.09 -27.92
N GLU C 130 36.78 53.78 -25.55
CA GLU C 130 35.53 54.10 -24.85
C GLU C 130 34.38 54.55 -25.75
N GLY C 131 33.39 53.69 -25.91
CA GLY C 131 32.24 54.01 -26.73
C GLY C 131 31.40 52.81 -27.09
N GLY C 132 30.47 53.00 -28.03
CA GLY C 132 29.50 51.99 -28.40
C GLY C 132 29.84 51.18 -29.64
N VAL C 133 29.37 49.94 -29.66
CA VAL C 133 29.57 49.00 -30.76
C VAL C 133 28.21 48.62 -31.34
N VAL C 134 28.10 48.60 -32.68
CA VAL C 134 26.86 48.17 -33.33
C VAL C 134 27.04 46.89 -34.14
N LEU C 135 26.07 45.99 -34.03
CA LEU C 135 26.09 44.73 -34.75
C LEU C 135 24.84 44.61 -35.64
N ALA C 136 25.01 44.05 -36.84
CA ALA C 136 23.89 43.91 -37.76
C ALA C 136 23.96 42.59 -38.50
N LEU C 137 22.87 41.85 -38.45
CA LEU C 137 22.69 40.66 -39.27
C LEU C 137 21.98 41.09 -40.55
N VAL C 138 22.59 40.78 -41.69
CA VAL C 138 21.98 41.11 -42.97
C VAL C 138 21.63 39.82 -43.69
N ARG C 139 20.38 39.73 -44.15
CA ARG C 139 19.95 38.58 -44.95
C ARG C 139 20.19 38.87 -46.42
N GLU C 140 21.00 38.06 -47.08
CA GLU C 140 21.32 38.27 -48.49
C GLU C 140 20.07 38.44 -49.32
N GLY C 141 20.00 39.54 -50.08
CA GLY C 141 18.80 39.87 -50.84
C GLY C 141 17.86 40.87 -50.19
N ASP C 142 18.23 41.34 -49.00
CA ASP C 142 17.49 42.40 -48.32
C ASP C 142 18.11 43.75 -48.66
N SER C 143 17.40 44.83 -48.35
CA SER C 143 17.95 46.17 -48.48
C SER C 143 18.55 46.70 -47.17
N LYS C 144 18.29 46.00 -46.07
CA LYS C 144 18.72 46.45 -44.75
C LYS C 144 18.81 45.29 -43.75
N PRO C 145 19.53 45.49 -42.61
CA PRO C 145 19.63 44.41 -41.62
C PRO C 145 18.28 43.89 -41.15
N CYS C 146 18.25 42.62 -40.76
CA CYS C 146 17.05 42.02 -40.17
C CYS C 146 17.16 42.02 -38.65
N ALA C 147 18.34 42.39 -38.14
CA ALA C 147 18.51 42.53 -36.70
C ALA C 147 19.68 43.47 -36.35
N ILE C 148 19.43 44.36 -35.41
CA ILE C 148 20.44 45.30 -34.96
C ILE C 148 20.59 45.22 -33.44
N SER C 149 21.84 45.14 -33.00
CA SER C 149 22.11 45.09 -31.56
C SER C 149 23.29 46.01 -31.22
N TYR C 150 23.47 46.26 -29.93
CA TYR C 150 24.44 47.26 -29.46
C TYR C 150 25.33 46.68 -28.37
N GLY C 151 26.58 47.11 -28.37
CA GLY C 151 27.52 46.67 -27.36
C GLY C 151 28.35 47.85 -26.86
N TYR C 152 29.32 47.55 -26.01
CA TYR C 152 30.12 48.57 -25.36
C TYR C 152 31.53 48.06 -25.09
N SER C 153 32.51 48.93 -25.24
CA SER C 153 33.86 48.66 -24.76
C SER C 153 34.41 49.92 -24.14
N SER C 154 35.13 49.76 -23.05
CA SER C 154 35.73 50.87 -22.33
C SER C 154 37.15 51.12 -22.85
N GLY C 155 37.63 50.17 -23.66
CA GLY C 155 39.01 50.17 -24.13
C GLY C 155 39.59 48.79 -23.92
N VAL C 156 39.07 48.06 -22.94
CA VAL C 156 39.41 46.65 -22.80
C VAL C 156 38.39 45.81 -23.57
N PRO C 157 38.80 44.62 -24.02
CA PRO C 157 37.89 43.74 -24.76
C PRO C 157 36.66 43.35 -23.92
N ASN C 158 35.54 43.20 -24.61
CA ASN C 158 34.26 42.90 -23.98
C ASN C 158 33.40 42.16 -24.98
N LEU C 159 32.59 41.23 -24.48
CA LEU C 159 31.70 40.47 -25.36
C LEU C 159 30.56 41.37 -25.83
N CYS C 160 30.37 41.44 -27.15
CA CYS C 160 29.26 42.18 -27.73
C CYS C 160 28.30 41.19 -28.41
N SER C 161 27.01 41.39 -28.20
CA SER C 161 26.06 40.36 -28.54
C SER C 161 24.89 40.83 -29.39
N LEU C 162 24.44 39.92 -30.25
CA LEU C 162 23.22 40.09 -31.03
C LEU C 162 22.38 38.83 -30.88
N ARG C 163 21.17 38.99 -30.36
CA ARG C 163 20.27 37.87 -30.19
C ARG C 163 19.01 38.17 -30.99
N THR C 164 18.62 37.22 -31.82
CA THR C 164 17.37 37.38 -32.56
C THR C 164 16.81 36.04 -33.03
N SER C 165 15.59 36.07 -33.49
CA SER C 165 15.00 34.88 -34.05
C SER C 165 14.49 35.24 -35.43
N ILE C 166 14.74 34.39 -36.40
CA ILE C 166 14.34 34.67 -37.78
C ILE C 166 13.41 33.60 -38.35
N THR C 167 12.31 34.04 -38.96
CA THR C 167 11.33 33.12 -39.53
C THR C 167 11.79 32.55 -40.86
N ASN C 168 11.85 31.22 -40.93
CA ASN C 168 12.25 30.53 -42.15
C ASN C 168 11.08 30.38 -43.09
N THR C 169 11.33 30.60 -44.38
CA THR C 169 10.25 30.56 -45.37
C THR C 169 10.04 29.17 -45.97
N GLY C 170 11.13 28.53 -46.44
CA GLY C 170 11.02 27.18 -46.95
C GLY C 170 12.17 26.28 -46.52
N LEU C 171 12.64 25.44 -47.43
CA LEU C 171 13.81 24.60 -47.16
C LEU C 171 14.98 25.07 -48.03
N THR C 172 14.82 26.26 -48.59
CA THR C 172 15.87 26.91 -49.35
C THR C 172 17.05 27.36 -48.47
N PRO C 173 18.27 26.94 -48.84
CA PRO C 173 19.50 27.41 -48.21
C PRO C 173 19.66 28.91 -48.37
N THR C 174 20.08 29.58 -47.30
CA THR C 174 20.01 31.03 -47.18
C THR C 174 21.30 31.52 -46.55
N THR C 175 21.81 32.65 -47.04
CA THR C 175 23.05 33.19 -46.48
C THR C 175 22.81 34.45 -45.67
N TYR C 176 23.49 34.52 -44.53
CA TYR C 176 23.44 35.71 -43.69
C TYR C 176 24.84 36.19 -43.47
N SER C 177 24.99 37.49 -43.24
CA SER C 177 26.30 38.01 -42.89
C SER C 177 26.20 38.86 -41.62
N LEU C 178 27.30 38.91 -40.88
CA LEU C 178 27.35 39.71 -39.66
C LEU C 178 28.25 40.92 -39.84
N ARG C 179 27.70 42.10 -39.56
CA ARG C 179 28.48 43.34 -39.62
C ARG C 179 28.65 44.01 -38.26
N VAL C 180 29.83 44.58 -38.05
CA VAL C 180 30.21 45.18 -36.77
C VAL C 180 30.91 46.52 -36.99
N GLY C 181 30.47 47.55 -36.27
CA GLY C 181 31.04 48.88 -36.47
C GLY C 181 30.86 49.80 -35.27
N GLY C 182 31.61 50.89 -35.25
CA GLY C 182 31.50 51.86 -34.16
C GLY C 182 30.16 52.55 -34.18
N LEU C 183 29.59 52.81 -33.00
CA LEU C 183 28.36 53.55 -32.93
C LEU C 183 28.65 54.99 -33.38
N GLU C 184 28.43 55.26 -34.66
CA GLU C 184 28.83 56.50 -35.33
C GLU C 184 30.24 57.05 -34.98
N SER C 185 30.91 56.38 -34.05
CA SER C 185 32.10 56.87 -33.37
C SER C 185 33.37 56.42 -34.06
N GLY C 186 34.23 55.70 -33.33
CA GLY C 186 35.58 55.41 -33.76
C GLY C 186 35.82 54.07 -34.41
N VAL C 187 36.96 53.45 -34.10
CA VAL C 187 37.33 52.18 -34.71
C VAL C 187 37.12 51.04 -33.71
N VAL C 188 36.64 49.90 -34.20
CA VAL C 188 36.33 48.73 -33.37
C VAL C 188 37.14 47.51 -33.82
N TRP C 189 37.87 46.88 -32.91
CA TRP C 189 38.57 45.64 -33.24
C TRP C 189 37.79 44.42 -32.74
N VAL C 190 37.68 43.42 -33.60
CA VAL C 190 37.07 42.15 -33.24
C VAL C 190 38.16 41.10 -32.98
N ASN C 191 38.03 40.36 -31.87
CA ASN C 191 39.01 39.34 -31.48
C ASN C 191 40.41 39.87 -31.19
N ALA C 192 40.47 41.12 -30.75
CA ALA C 192 41.75 41.79 -30.55
C ALA C 192 41.58 42.94 -29.57
N LEU C 193 42.71 43.44 -29.08
CA LEU C 193 42.76 44.67 -28.30
C LEU C 193 42.43 45.86 -29.19
N SER C 194 42.25 47.03 -28.60
CA SER C 194 41.85 48.21 -29.37
C SER C 194 42.93 48.67 -30.37
N ASN C 195 44.13 48.13 -30.23
CA ASN C 195 45.22 48.46 -31.11
C ASN C 195 45.46 47.38 -32.18
N GLY C 196 44.68 46.30 -32.11
CA GLY C 196 44.82 45.23 -33.08
C GLY C 196 45.67 44.05 -32.66
N ASN C 197 46.28 44.13 -31.48
CA ASN C 197 47.06 43.02 -30.95
C ASN C 197 46.20 41.93 -30.31
N ASP C 198 46.78 40.75 -30.12
CA ASP C 198 46.10 39.63 -29.46
C ASP C 198 45.75 39.91 -28.00
N ILE C 199 44.53 39.57 -27.61
CA ILE C 199 44.14 39.64 -26.20
C ILE C 199 44.85 38.54 -25.46
N LEU C 200 45.58 38.92 -24.41
CA LEU C 200 46.35 37.96 -23.61
C LEU C 200 47.36 37.18 -24.43
N GLY C 201 47.70 37.73 -25.59
CA GLY C 201 48.71 37.16 -26.47
C GLY C 201 48.32 35.85 -27.12
N ILE C 202 47.02 35.56 -27.19
CA ILE C 202 46.57 34.34 -27.83
C ILE C 202 45.53 34.66 -28.90
N THR C 203 45.13 33.65 -29.66
CA THR C 203 44.04 33.80 -30.61
C THR C 203 42.72 33.58 -29.86
N ASN C 204 41.74 34.44 -30.15
CA ASN C 204 40.50 34.39 -29.42
C ASN C 204 39.34 34.03 -30.31
N THR C 205 38.23 33.63 -29.72
CA THR C 205 37.15 33.05 -30.52
C THR C 205 35.80 33.65 -30.26
N SER C 206 35.24 34.26 -31.30
CA SER C 206 33.89 34.75 -31.28
C SER C 206 32.98 33.68 -31.88
N ASN C 207 31.69 33.72 -31.57
CA ASN C 207 30.78 32.70 -32.10
C ASN C 207 29.49 33.24 -32.68
N VAL C 208 29.06 32.64 -33.78
CA VAL C 208 27.72 32.85 -34.30
C VAL C 208 27.07 31.50 -34.48
N SER C 209 25.83 31.37 -34.00
CA SER C 209 25.17 30.09 -34.08
C SER C 209 23.70 30.23 -34.44
N PHE C 210 23.19 29.18 -35.08
CA PHE C 210 21.81 29.14 -35.56
C PHE C 210 21.21 27.85 -35.05
N LEU C 211 20.18 27.98 -34.22
CA LEU C 211 19.49 26.84 -33.67
C LEU C 211 18.09 26.83 -34.24
N GLU C 212 17.79 25.80 -35.03
CA GLU C 212 16.47 25.68 -35.63
C GLU C 212 15.50 25.16 -34.57
N VAL C 213 14.42 25.89 -34.36
CA VAL C 213 13.46 25.52 -33.33
C VAL C 213 12.07 25.61 -33.90
N ILE C 214 11.14 24.88 -33.30
CA ILE C 214 9.76 24.90 -33.77
C ILE C 214 8.98 25.88 -32.90
N PRO C 215 8.53 26.98 -33.51
CA PRO C 215 7.90 28.07 -32.75
C PRO C 215 6.43 27.82 -32.47
N GLN C 216 5.98 28.22 -31.28
CA GLN C 216 4.56 28.26 -30.97
C GLN C 216 4.06 29.61 -31.43
N THR C 217 2.85 29.66 -31.99
CA THR C 217 2.27 30.92 -32.40
C THR C 217 1.24 31.42 -31.37
N GLY D 2 -17.80 -51.48 -11.30
CA GLY D 2 -17.67 -52.61 -10.40
C GLY D 2 -17.15 -53.88 -11.06
N ASN D 3 -16.54 -53.75 -12.24
CA ASN D 3 -15.88 -54.87 -12.90
C ASN D 3 -14.43 -55.03 -12.48
N SER D 4 -13.89 -56.22 -12.69
CA SER D 4 -12.48 -56.44 -12.47
C SER D 4 -12.08 -57.63 -13.30
N GLY D 5 -10.77 -57.86 -13.38
CA GLY D 5 -10.26 -58.91 -14.23
C GLY D 5 -9.03 -58.46 -14.99
N PHE D 6 -8.93 -58.92 -16.23
CA PHE D 6 -7.81 -58.60 -17.09
C PHE D 6 -8.31 -58.17 -18.46
N TYR D 7 -7.55 -57.32 -19.14
CA TYR D 7 -7.91 -56.84 -20.47
C TYR D 7 -6.69 -56.37 -21.24
N LEU D 8 -6.81 -56.32 -22.56
CA LEU D 8 -5.72 -55.85 -23.40
C LEU D 8 -5.83 -54.37 -23.66
N TYR D 9 -4.79 -53.63 -23.30
CA TYR D 9 -4.72 -52.20 -23.62
C TYR D 9 -3.55 -52.06 -24.58
N ASN D 10 -3.84 -51.64 -25.81
CA ASN D 10 -2.85 -51.67 -26.88
C ASN D 10 -2.31 -53.10 -26.92
N THR D 11 -1.02 -53.26 -26.65
CA THR D 11 -0.43 -54.60 -26.55
C THR D 11 -0.22 -55.04 -25.10
N GLU D 12 -0.68 -54.23 -24.15
CA GLU D 12 -0.44 -54.49 -22.75
C GLU D 12 -1.58 -55.33 -22.17
N ASN D 13 -1.22 -56.40 -21.46
CA ASN D 13 -2.15 -57.28 -20.76
C ASN D 13 -2.30 -56.79 -19.34
N CYS D 14 -3.41 -56.10 -19.03
CA CYS D 14 -3.51 -55.39 -17.75
C CYS D 14 -4.49 -55.97 -16.78
N VAL D 15 -4.17 -55.86 -15.50
CA VAL D 15 -5.14 -56.16 -14.47
C VAL D 15 -5.97 -54.88 -14.26
N PHE D 16 -7.27 -55.01 -14.01
CA PHE D 16 -8.10 -53.84 -13.73
C PHE D 16 -9.08 -54.11 -12.57
N ALA D 17 -9.47 -53.07 -11.84
CA ALA D 17 -10.33 -53.22 -10.66
C ALA D 17 -10.70 -51.84 -10.14
N ASP D 18 -11.67 -51.78 -9.23
CA ASP D 18 -12.04 -50.52 -8.58
C ASP D 18 -10.99 -50.05 -7.57
N ASN D 19 -10.27 -50.99 -6.97
CA ASN D 19 -9.23 -50.65 -6.01
C ASN D 19 -8.38 -51.89 -5.79
N ILE D 20 -7.40 -51.77 -4.91
CA ILE D 20 -6.41 -52.80 -4.71
C ILE D 20 -5.98 -52.82 -3.24
N LYS D 21 -5.73 -54.03 -2.75
CA LYS D 21 -5.23 -54.26 -1.41
C LYS D 21 -4.18 -55.32 -1.55
N VAL D 22 -2.96 -55.02 -1.13
CA VAL D 22 -1.90 -56.00 -1.22
C VAL D 22 -1.13 -56.00 0.06
N GLY D 23 -0.60 -57.15 0.42
CA GLY D 23 0.31 -57.27 1.54
C GLY D 23 -0.28 -57.08 2.93
N GLN D 24 0.40 -56.28 3.74
CA GLN D 24 -0.05 -56.04 5.10
C GLN D 24 -1.27 -55.12 5.17
N THR D 26 -5.00 -53.85 5.22
CA THR D 26 -6.19 -54.46 5.79
C THR D 26 -7.46 -53.95 5.11
N GLU D 27 -7.30 -52.96 4.24
CA GLU D 27 -8.41 -52.46 3.43
C GLU D 27 -7.82 -51.88 2.16
N PRO D 28 -8.66 -51.59 1.16
CA PRO D 28 -8.04 -51.09 -0.09
C PRO D 28 -7.38 -49.70 0.08
N LEU D 29 -6.69 -49.18 -0.94
CA LEU D 29 -6.01 -47.88 -0.84
C LEU D 29 -6.97 -46.78 -0.43
N LYS D 30 -6.59 -46.03 0.59
CA LYS D 30 -7.40 -44.91 1.04
C LYS D 30 -6.73 -43.57 0.74
N ASP D 31 -7.30 -42.49 1.25
CA ASP D 31 -6.94 -41.13 0.88
C ASP D 31 -5.46 -40.88 1.03
N GLN D 32 -4.84 -40.39 -0.04
CA GLN D 32 -3.40 -40.08 -0.05
C GLN D 32 -2.48 -41.25 0.25
N GLN D 33 -3.00 -42.46 0.24
CA GLN D 33 -2.13 -43.63 0.41
C GLN D 33 -1.50 -44.12 -0.89
N ILE D 34 -0.27 -44.59 -0.80
CA ILE D 34 0.39 -45.24 -1.94
C ILE D 34 0.80 -46.65 -1.52
N ILE D 35 1.00 -47.52 -2.51
CA ILE D 35 1.54 -48.84 -2.26
C ILE D 35 3.06 -48.75 -2.12
N LEU D 36 3.59 -49.28 -1.03
CA LEU D 36 5.00 -49.12 -0.74
C LEU D 36 5.56 -50.42 -0.23
N GLY D 37 6.66 -50.85 -0.83
CA GLY D 37 7.29 -52.09 -0.47
C GLY D 37 8.05 -51.98 0.84
N THR D 38 8.12 -53.09 1.55
CA THR D 38 8.92 -53.21 2.76
C THR D 38 9.94 -54.32 2.51
N LYS D 39 10.64 -54.72 3.56
CA LYS D 39 11.54 -55.86 3.43
C LYS D 39 10.74 -57.12 3.10
N SER D 40 9.65 -57.34 3.82
CA SER D 40 8.75 -58.45 3.48
C SER D 40 7.73 -58.10 2.38
N THR D 41 6.65 -57.43 2.77
CA THR D 41 5.44 -57.37 1.99
C THR D 41 4.89 -55.94 2.09
N PRO D 42 4.17 -55.44 1.06
CA PRO D 42 3.90 -54.00 0.98
C PRO D 42 2.94 -53.44 2.02
N VAL D 43 2.97 -52.12 2.22
CA VAL D 43 2.00 -51.46 3.09
C VAL D 43 1.38 -50.28 2.37
N ALA D 44 0.27 -49.79 2.89
CA ALA D 44 -0.32 -48.55 2.40
C ALA D 44 0.34 -47.40 3.16
N ALA D 45 1.01 -46.51 2.46
CA ALA D 45 1.71 -45.42 3.13
C ALA D 45 1.17 -44.06 2.72
N LYS D 46 0.89 -43.21 3.70
CA LYS D 46 0.48 -41.85 3.37
C LYS D 46 1.72 -41.03 3.08
N THR D 48 3.64 -37.71 3.18
CA THR D 48 3.49 -36.49 3.94
C THR D 48 4.74 -35.60 3.83
N ALA D 49 4.52 -34.30 4.01
CA ALA D 49 5.60 -33.32 3.98
C ALA D 49 5.87 -32.75 5.37
N SER D 50 7.15 -32.53 5.68
CA SER D 50 7.53 -31.82 6.89
C SER D 50 8.65 -30.84 6.57
N ASP D 51 9.10 -30.08 7.57
CA ASP D 51 10.33 -29.29 7.49
C ASP D 51 10.63 -28.53 6.19
N GLY D 52 9.75 -27.64 5.74
CA GLY D 52 10.11 -26.76 4.64
C GLY D 52 9.70 -27.29 3.28
N ILE D 53 9.04 -28.43 3.28
CA ILE D 53 8.65 -29.13 2.06
C ILE D 53 7.15 -29.00 1.83
N SER D 54 6.78 -28.69 0.59
CA SER D 54 5.38 -28.56 0.23
C SER D 54 4.95 -29.78 -0.57
N LEU D 55 3.78 -30.31 -0.22
CA LEU D 55 3.26 -31.47 -0.91
C LEU D 55 1.82 -31.20 -1.37
N THR D 56 1.63 -31.08 -2.67
CA THR D 56 0.31 -30.73 -3.21
C THR D 56 -0.35 -31.87 -3.98
N VAL D 57 -1.32 -32.51 -3.34
CA VAL D 57 -2.12 -33.53 -4.01
C VAL D 57 -3.27 -32.89 -4.76
N SER D 58 -3.41 -33.22 -6.04
CA SER D 58 -4.51 -32.73 -6.88
C SER D 58 -5.86 -33.26 -6.37
N ASN D 59 -6.87 -32.40 -6.40
CA ASN D 59 -8.13 -32.68 -5.71
C ASN D 59 -9.23 -33.30 -6.58
N ASN D 60 -9.70 -32.53 -7.56
CA ASN D 60 -10.85 -32.95 -8.35
C ASN D 60 -10.48 -33.35 -9.79
N SER D 61 -9.87 -34.52 -9.97
CA SER D 61 -9.53 -34.95 -11.33
C SER D 61 -9.29 -36.44 -11.49
N SER D 62 -10.31 -37.15 -11.97
CA SER D 62 -10.19 -38.57 -12.25
C SER D 62 -9.02 -38.84 -13.18
N THR D 63 -8.89 -37.99 -14.19
CA THR D 63 -8.18 -38.35 -15.42
C THR D 63 -6.90 -37.54 -15.65
N ASN D 64 -6.71 -36.50 -14.87
CA ASN D 64 -5.53 -35.66 -15.03
C ASN D 64 -4.93 -35.19 -13.68
N ALA D 65 -4.69 -36.12 -12.76
CA ALA D 65 -4.26 -35.76 -11.40
C ALA D 65 -2.73 -35.69 -11.18
N SER D 66 -2.32 -35.09 -10.07
CA SER D 66 -0.92 -34.83 -9.85
C SER D 66 -0.58 -34.72 -8.38
N ILE D 67 0.67 -35.06 -8.06
CA ILE D 67 1.26 -34.81 -6.75
C ILE D 67 2.54 -34.02 -6.97
N THR D 68 2.60 -32.81 -6.45
CA THR D 68 3.82 -32.04 -6.68
C THR D 68 4.58 -31.77 -5.40
N ILE D 69 5.89 -31.97 -5.47
CA ILE D 69 6.76 -31.80 -4.34
C ILE D 69 7.50 -30.48 -4.54
N GLY D 70 7.44 -29.60 -3.55
CA GLY D 70 8.11 -28.32 -3.69
C GLY D 70 8.58 -27.78 -2.37
N LEU D 71 9.38 -26.72 -2.41
CA LEU D 71 9.69 -25.98 -1.19
C LEU D 71 8.47 -25.18 -0.77
N LEU D 72 8.26 -25.09 0.53
CA LEU D 72 7.27 -24.14 1.03
C LEU D 72 7.79 -22.72 0.81
N LYS D 73 6.88 -21.78 0.63
CA LYS D 73 7.28 -20.40 0.37
C LYS D 73 7.88 -19.73 1.63
N ALA D 74 9.21 -19.68 1.67
CA ALA D 74 9.98 -19.32 2.85
C ALA D 74 10.33 -17.82 2.96
N PHE D 75 10.28 -17.11 1.84
CA PHE D 75 10.84 -15.76 1.80
C PHE D 75 9.77 -14.67 1.80
N ASN D 76 9.84 -13.77 2.78
CA ASN D 76 8.96 -12.61 2.82
C ASN D 76 9.82 -11.36 2.78
N ASN D 77 9.63 -10.56 1.74
CA ASN D 77 10.39 -9.33 1.59
C ASN D 77 9.45 -8.12 1.71
N PHE D 78 9.87 -7.12 2.49
CA PHE D 78 9.07 -5.91 2.70
C PHE D 78 9.90 -4.66 2.42
N PRO D 79 9.80 -4.15 1.20
CA PRO D 79 10.51 -2.93 0.88
C PRO D 79 9.91 -1.74 1.64
N ILE D 80 10.74 -0.79 2.09
CA ILE D 80 10.28 0.45 2.74
C ILE D 80 10.86 1.59 1.92
N THR D 81 10.00 2.36 1.24
CA THR D 81 10.42 3.46 0.39
C THR D 81 10.04 4.85 0.93
N ASN D 82 9.16 4.91 1.92
CA ASN D 82 8.79 6.20 2.52
C ASN D 82 9.98 6.94 3.15
N LYS D 83 9.98 8.27 3.05
CA LYS D 83 10.91 9.06 3.85
C LYS D 83 10.26 9.31 5.19
N ILE D 84 10.98 8.99 6.27
CA ILE D 84 10.38 9.05 7.60
C ILE D 84 11.30 9.76 8.60
N GLN D 85 10.73 10.70 9.34
CA GLN D 85 11.50 11.40 10.32
C GLN D 85 11.30 10.67 11.62
N CYS D 86 12.41 10.28 12.24
CA CYS D 86 12.34 9.56 13.49
C CYS D 86 12.80 10.45 14.63
N ASN D 87 11.85 10.97 15.38
CA ASN D 87 12.13 11.83 16.51
C ASN D 87 12.14 11.05 17.81
N GLY D 88 11.57 9.86 17.76
CA GLY D 88 11.59 8.97 18.90
C GLY D 88 13.04 8.67 19.15
N LEU D 89 13.47 8.88 20.38
CA LEU D 89 14.84 8.65 20.77
C LEU D 89 14.82 7.27 21.38
N PHE D 90 15.94 6.55 21.30
CA PHE D 90 16.06 5.37 22.13
C PHE D 90 16.91 5.81 23.33
N THR D 91 16.48 5.45 24.53
CA THR D 91 17.14 5.87 25.77
C THR D 91 17.15 4.71 26.74
N PRO D 92 17.99 4.78 27.80
CA PRO D 92 17.99 3.73 28.82
C PRO D 92 16.63 3.52 29.52
N SER D 93 15.74 4.50 29.49
CA SER D 93 14.50 4.31 30.22
C SER D 93 13.41 3.73 29.32
N ASN D 94 13.51 3.99 28.01
CA ASN D 94 12.54 3.46 27.07
C ASN D 94 13.00 2.26 26.22
N ILE D 95 14.26 1.85 26.36
CA ILE D 95 14.77 0.80 25.49
C ILE D 95 14.00 -0.52 25.66
N GLU D 96 13.67 -0.88 26.89
CA GLU D 96 12.87 -2.08 27.11
C GLU D 96 11.37 -1.79 27.27
N THR D 97 10.87 -0.83 26.49
CA THR D 97 9.45 -0.58 26.45
C THR D 97 9.02 -0.69 24.99
N LEU D 98 7.81 -0.22 24.69
CA LEU D 98 7.34 -0.14 23.32
C LEU D 98 7.48 1.26 22.80
N LEU D 99 8.15 2.12 23.57
CA LEU D 99 8.13 3.58 23.32
C LEU D 99 9.32 4.15 22.57
N GLY D 100 10.44 3.41 22.56
CA GLY D 100 11.63 3.83 21.84
C GLY D 100 11.44 4.01 20.34
N GLY D 101 12.12 5.01 19.79
CA GLY D 101 12.14 5.21 18.36
C GLY D 101 10.79 5.48 17.73
N THR D 102 10.79 5.42 16.40
CA THR D 102 9.62 5.66 15.59
C THR D 102 9.40 4.45 14.67
N GLU D 103 8.18 3.94 14.63
CA GLU D 103 7.88 2.84 13.74
C GLU D 103 8.04 3.26 12.28
N ILE D 104 8.72 2.44 11.48
CA ILE D 104 8.92 2.72 10.06
C ILE D 104 8.37 1.61 9.16
N GLY D 105 7.86 0.55 9.77
CA GLY D 105 7.29 -0.55 9.02
C GLY D 105 6.61 -1.55 9.92
N LYS D 106 5.52 -2.15 9.41
CA LYS D 106 4.83 -3.29 10.01
C LYS D 106 4.92 -4.42 9.01
N PHE D 107 5.19 -5.63 9.48
CA PHE D 107 5.29 -6.74 8.57
C PHE D 107 4.57 -7.93 9.18
N THR D 108 3.59 -8.48 8.45
CA THR D 108 2.89 -9.66 8.90
C THR D 108 3.42 -10.91 8.18
N VAL D 109 3.86 -11.88 8.95
CA VAL D 109 4.35 -13.13 8.35
C VAL D 109 3.66 -14.34 8.99
N THR D 110 3.64 -15.44 8.24
CA THR D 110 3.07 -16.68 8.72
C THR D 110 4.07 -17.82 8.57
N PRO D 111 4.53 -18.38 9.69
CA PRO D 111 5.43 -19.54 9.57
C PRO D 111 4.69 -20.71 8.94
N LYS D 112 5.33 -21.40 8.00
CA LYS D 112 4.71 -22.55 7.35
C LYS D 112 5.15 -23.87 7.97
N SER D 113 6.22 -23.84 8.75
CA SER D 113 6.78 -25.07 9.30
C SER D 113 6.85 -24.98 10.80
N SER D 114 6.56 -26.09 11.48
CA SER D 114 6.62 -26.12 12.94
C SER D 114 8.06 -26.09 13.42
N GLY D 115 8.30 -25.38 14.52
CA GLY D 115 9.64 -25.29 15.09
C GLY D 115 10.66 -24.66 14.16
N SER D 116 10.21 -23.80 13.27
CA SER D 116 11.15 -23.09 12.40
C SER D 116 11.63 -21.78 13.04
N PHE D 118 12.66 -17.54 11.70
CA PHE D 118 12.84 -16.58 10.64
C PHE D 118 14.19 -15.93 10.84
N LEU D 119 14.98 -15.93 9.78
CA LEU D 119 16.22 -15.19 9.72
C LEU D 119 15.84 -13.79 9.22
N VAL D 120 16.10 -12.78 10.05
CA VAL D 120 15.57 -11.44 9.79
C VAL D 120 16.67 -10.46 9.44
N SER D 121 16.48 -9.74 8.33
CA SER D 121 17.45 -8.72 7.93
C SER D 121 16.76 -7.40 7.68
N ALA D 122 17.09 -6.41 8.48
CA ALA D 122 16.64 -5.05 8.20
C ALA D 122 17.85 -4.27 7.74
N ASP D 123 17.77 -3.76 6.53
CA ASP D 123 18.80 -2.93 5.96
C ASP D 123 18.20 -1.57 5.58
N ILE D 124 18.43 -0.62 6.48
CA ILE D 124 17.71 0.64 6.47
C ILE D 124 18.66 1.77 6.13
N ILE D 125 18.37 2.47 5.04
CA ILE D 125 19.13 3.66 4.65
C ILE D 125 18.79 4.79 5.64
N ALA D 126 19.79 5.31 6.33
CA ALA D 126 19.50 6.34 7.34
C ALA D 126 20.50 7.51 7.33
N SER D 127 20.00 8.68 7.75
CA SER D 127 20.82 9.89 7.87
C SER D 127 20.49 10.59 9.16
N ARG D 128 21.55 11.00 9.86
CA ARG D 128 21.45 11.91 11.00
C ARG D 128 22.73 12.71 11.08
N GLU D 130 26.03 13.67 12.67
CA GLU D 130 27.00 12.77 13.30
C GLU D 130 26.53 12.11 14.61
N GLY D 131 26.39 10.78 14.58
CA GLY D 131 26.00 10.01 15.75
C GLY D 131 25.40 8.63 15.50
N GLY D 132 24.81 8.05 16.54
CA GLY D 132 24.32 6.70 16.52
C GLY D 132 22.86 6.52 16.13
N VAL D 133 22.58 5.37 15.53
CA VAL D 133 21.24 5.00 15.13
C VAL D 133 20.91 3.69 15.80
N VAL D 134 19.69 3.56 16.28
CA VAL D 134 19.26 2.34 16.93
C VAL D 134 18.07 1.83 16.16
N LEU D 135 18.07 0.52 15.89
CA LEU D 135 16.94 -0.15 15.29
C LEU D 135 16.43 -1.19 16.28
N ALA D 136 15.11 -1.29 16.39
CA ALA D 136 14.49 -2.26 17.27
C ALA D 136 13.37 -3.01 16.53
N LEU D 137 13.36 -4.33 16.65
CA LEU D 137 12.29 -5.13 16.08
C LEU D 137 11.33 -5.56 17.19
N VAL D 138 10.05 -5.26 17.02
CA VAL D 138 9.06 -5.56 18.05
C VAL D 138 7.98 -6.51 17.52
N ARG D 139 7.70 -7.57 18.26
CA ARG D 139 6.57 -8.45 17.95
C ARG D 139 5.29 -7.87 18.55
N GLU D 140 4.23 -7.77 17.75
CA GLU D 140 2.96 -7.25 18.23
C GLU D 140 2.45 -8.09 19.37
N GLY D 141 2.07 -7.46 20.47
CA GLY D 141 1.69 -8.20 21.65
C GLY D 141 2.77 -8.26 22.73
N ASP D 142 4.04 -8.14 22.34
CA ASP D 142 5.12 -8.09 23.32
C ASP D 142 5.24 -6.71 23.97
N SER D 143 5.94 -6.67 25.10
CA SER D 143 6.09 -5.43 25.84
C SER D 143 7.45 -4.76 25.63
N LYS D 144 8.34 -5.43 24.90
CA LYS D 144 9.65 -4.87 24.57
C LYS D 144 10.21 -5.44 23.25
N PRO D 145 11.23 -4.79 22.70
CA PRO D 145 11.82 -5.32 21.46
C PRO D 145 12.37 -6.74 21.63
N CYS D 146 12.26 -7.57 20.61
CA CYS D 146 12.90 -8.88 20.65
C CYS D 146 14.29 -8.87 20.03
N ALA D 147 14.70 -7.75 19.45
CA ALA D 147 16.05 -7.61 18.90
C ALA D 147 16.42 -6.15 18.70
N ILE D 148 17.64 -5.81 19.06
CA ILE D 148 18.09 -4.43 18.98
C ILE D 148 19.43 -4.37 18.23
N SER D 149 19.60 -3.37 17.36
CA SER D 149 20.87 -3.23 16.66
C SER D 149 21.29 -1.78 16.56
N TYR D 150 22.50 -1.56 16.05
CA TYR D 150 23.08 -0.24 16.06
C TYR D 150 23.68 0.09 14.72
N GLY D 151 23.53 1.35 14.34
CA GLY D 151 24.08 1.85 13.10
C GLY D 151 24.66 3.22 13.36
N TYR D 152 25.22 3.80 12.30
CA TYR D 152 25.96 5.03 12.41
C TYR D 152 25.74 5.90 11.17
N SER D 153 25.75 7.22 11.36
CA SER D 153 25.76 8.12 10.24
C SER D 153 26.64 9.33 10.57
N SER D 154 27.34 9.84 9.57
CA SER D 154 28.21 10.96 9.80
C SER D 154 27.56 12.23 9.27
N GLY D 155 26.28 12.14 8.93
CA GLY D 155 25.59 13.22 8.25
C GLY D 155 25.11 12.79 6.88
N VAL D 156 25.94 12.01 6.18
CA VAL D 156 25.50 11.47 4.89
C VAL D 156 24.83 10.09 5.07
N PRO D 157 23.89 9.75 4.17
CA PRO D 157 23.16 8.47 4.24
C PRO D 157 24.09 7.27 4.40
N ASN D 158 23.66 6.33 5.22
CA ASN D 158 24.42 5.13 5.44
C ASN D 158 23.49 3.98 5.76
N LEU D 159 23.86 2.78 5.33
CA LEU D 159 23.11 1.58 5.66
C LEU D 159 23.24 1.25 7.15
N CYS D 160 22.10 1.11 7.82
CA CYS D 160 22.04 0.68 9.21
C CYS D 160 21.32 -0.66 9.29
N SER D 161 21.98 -1.66 9.85
CA SER D 161 21.42 -3.00 9.76
C SER D 161 21.01 -3.61 11.08
N LEU D 162 20.04 -4.52 11.01
CA LEU D 162 19.69 -5.38 12.12
C LEU D 162 19.61 -6.76 11.55
N ARG D 163 20.34 -7.70 12.15
CA ARG D 163 20.25 -9.10 11.78
C ARG D 163 19.92 -9.93 13.02
N THR D 164 18.90 -10.74 12.94
CA THR D 164 18.56 -11.62 14.04
C THR D 164 17.81 -12.88 13.58
N SER D 165 17.64 -13.81 14.50
CA SER D 165 16.89 -15.03 14.26
C SER D 165 15.80 -15.06 15.28
N ILE D 166 14.56 -15.20 14.85
CA ILE D 166 13.49 -15.29 15.81
C ILE D 166 12.81 -16.66 15.73
N THR D 167 12.53 -17.23 16.91
CA THR D 167 11.93 -18.54 17.03
C THR D 167 10.42 -18.42 16.79
N ASN D 168 9.87 -19.35 16.02
CA ASN D 168 8.46 -19.30 15.68
C ASN D 168 7.65 -20.20 16.58
N THR D 169 6.45 -19.76 16.96
CA THR D 169 5.66 -20.48 17.97
C THR D 169 4.44 -21.26 17.44
N GLY D 170 4.05 -21.01 16.20
CA GLY D 170 2.83 -21.58 15.68
C GLY D 170 2.80 -21.52 14.17
N LEU D 171 1.61 -21.68 13.60
CA LEU D 171 1.45 -21.73 12.15
C LEU D 171 0.51 -20.63 11.68
N THR D 172 0.42 -19.58 12.48
CA THR D 172 -0.58 -18.55 12.35
C THR D 172 0.10 -17.18 12.15
N PRO D 173 -0.58 -16.24 11.47
CA PRO D 173 0.09 -14.98 11.15
C PRO D 173 0.58 -14.17 12.35
N THR D 174 1.75 -13.55 12.19
CA THR D 174 2.34 -12.73 13.25
C THR D 174 2.84 -11.40 12.72
N THR D 175 2.47 -10.32 13.39
CA THR D 175 2.87 -9.00 12.93
C THR D 175 4.09 -8.47 13.69
N TYR D 176 5.08 -8.03 12.93
CA TYR D 176 6.29 -7.47 13.52
C TYR D 176 6.37 -6.01 13.13
N SER D 177 6.97 -5.18 13.98
CA SER D 177 7.28 -3.83 13.53
C SER D 177 8.73 -3.43 13.81
N LEU D 178 9.24 -2.55 12.95
CA LEU D 178 10.60 -2.06 13.04
C LEU D 178 10.57 -0.60 13.45
N ARG D 179 11.25 -0.28 14.55
CA ARG D 179 11.34 1.13 14.97
C ARG D 179 12.78 1.63 14.90
N VAL D 180 12.91 2.89 14.53
CA VAL D 180 14.23 3.44 14.30
C VAL D 180 14.30 4.76 15.05
N GLY D 181 15.47 5.09 15.57
CA GLY D 181 15.65 6.34 16.28
C GLY D 181 17.08 6.63 16.67
N GLY D 182 17.31 7.84 17.17
CA GLY D 182 18.62 8.25 17.59
C GLY D 182 19.07 7.52 18.83
N LEU D 183 20.37 7.23 18.90
CA LEU D 183 20.96 6.77 20.14
C LEU D 183 21.02 7.95 21.13
N GLU D 184 20.07 7.99 22.07
CA GLU D 184 20.02 9.00 23.14
C GLU D 184 19.70 10.45 22.72
N SER D 185 20.07 10.84 21.51
CA SER D 185 19.72 12.16 21.00
C SER D 185 19.86 12.19 19.48
N GLY D 186 19.41 13.27 18.86
CA GLY D 186 19.53 13.41 17.42
C GLY D 186 18.25 13.02 16.70
N VAL D 187 18.07 13.55 15.50
CA VAL D 187 16.95 13.19 14.66
C VAL D 187 17.47 12.30 13.53
N VAL D 188 16.78 11.20 13.26
CA VAL D 188 17.22 10.29 12.21
C VAL D 188 16.23 10.27 11.09
N TRP D 189 16.70 10.44 9.87
CA TRP D 189 15.83 10.29 8.71
C TRP D 189 16.08 8.96 7.98
N VAL D 190 14.99 8.28 7.65
CA VAL D 190 15.02 7.07 6.87
C VAL D 190 14.69 7.37 5.41
N ASN D 191 15.56 6.88 4.52
CA ASN D 191 15.36 7.03 3.08
C ASN D 191 15.48 8.49 2.63
N ALA D 192 16.11 9.30 3.45
CA ALA D 192 16.29 10.71 3.13
C ALA D 192 17.62 11.27 3.63
N LEU D 193 18.03 12.40 3.08
CA LEU D 193 19.15 13.17 3.63
C LEU D 193 18.78 13.67 5.02
N SER D 194 19.74 14.26 5.73
CA SER D 194 19.56 14.80 7.09
C SER D 194 18.40 15.78 7.28
N ASN D 195 18.00 16.44 6.21
CA ASN D 195 16.96 17.45 6.31
C ASN D 195 15.63 16.97 5.77
N GLY D 196 15.51 15.67 5.49
CA GLY D 196 14.30 15.13 4.92
C GLY D 196 14.25 15.16 3.40
N ASN D 197 15.25 15.76 2.76
CA ASN D 197 15.30 15.78 1.29
C ASN D 197 15.56 14.39 0.67
N ASP D 198 15.17 14.24 -0.59
CA ASP D 198 15.44 13.03 -1.34
C ASP D 198 16.95 12.81 -1.55
N ILE D 199 17.42 11.60 -1.27
CA ILE D 199 18.82 11.24 -1.51
C ILE D 199 19.06 11.14 -3.00
N LEU D 200 20.04 11.88 -3.49
CA LEU D 200 20.31 11.96 -4.91
C LEU D 200 19.07 12.31 -5.75
N GLY D 201 18.07 12.91 -5.09
CA GLY D 201 16.84 13.36 -5.73
C GLY D 201 15.84 12.28 -6.11
N ILE D 202 16.04 11.05 -5.62
CA ILE D 202 15.11 9.99 -5.97
C ILE D 202 14.43 9.36 -4.77
N THR D 203 13.53 8.43 -5.06
CA THR D 203 13.00 7.62 -3.99
C THR D 203 14.02 6.50 -3.76
N ASN D 204 14.33 6.22 -2.52
CA ASN D 204 15.29 5.17 -2.21
C ASN D 204 14.63 4.03 -1.50
N THR D 205 15.30 2.88 -1.45
CA THR D 205 14.65 1.67 -0.95
C THR D 205 15.43 0.95 0.13
N SER D 206 14.83 0.90 1.31
CA SER D 206 15.31 0.06 2.41
C SER D 206 14.57 -1.28 2.37
N ASN D 207 15.08 -2.26 3.11
CA ASN D 207 14.53 -3.60 3.02
C ASN D 207 14.47 -4.31 4.38
N VAL D 208 13.34 -4.95 4.64
CA VAL D 208 13.26 -5.93 5.71
C VAL D 208 12.85 -7.26 5.10
N SER D 209 13.53 -8.34 5.48
CA SER D 209 13.14 -9.66 4.99
C SER D 209 13.16 -10.74 6.07
N PHE D 210 12.19 -11.64 5.98
CA PHE D 210 12.05 -12.77 6.86
C PHE D 210 12.24 -14.03 6.01
N LEU D 211 13.24 -14.83 6.35
CA LEU D 211 13.52 -16.07 5.60
C LEU D 211 13.31 -17.23 6.55
N GLU D 212 12.29 -18.03 6.28
CA GLU D 212 11.96 -19.14 7.16
C GLU D 212 12.96 -20.25 6.92
N VAL D 213 13.68 -20.64 7.97
CA VAL D 213 14.69 -21.70 7.89
C VAL D 213 14.43 -22.73 8.97
N ILE D 214 15.09 -23.89 8.85
CA ILE D 214 14.97 -24.92 9.88
C ILE D 214 16.26 -25.01 10.68
N PRO D 215 16.20 -24.73 11.99
CA PRO D 215 17.39 -24.70 12.82
C PRO D 215 17.80 -26.10 13.29
N GLN D 216 19.08 -26.26 13.57
CA GLN D 216 19.59 -27.49 14.12
C GLN D 216 18.99 -27.72 15.50
N THR D 217 19.04 -26.67 16.32
CA THR D 217 18.52 -26.68 17.68
C THR D 217 17.41 -25.68 17.95
N ASN D 218 16.30 -26.16 18.50
CA ASN D 218 15.24 -25.24 18.99
C ASN D 218 15.42 -24.68 20.38
N GLY E 2 -0.85 -66.33 1.38
CA GLY E 2 -0.77 -67.22 0.24
C GLY E 2 -1.95 -67.12 -0.70
N ASN E 3 -2.85 -66.16 -0.42
CA ASN E 3 -4.07 -66.04 -1.19
C ASN E 3 -4.20 -64.79 -2.06
N SER E 4 -4.93 -64.91 -3.16
CA SER E 4 -5.10 -63.82 -4.10
C SER E 4 -6.32 -64.01 -4.97
N GLY E 5 -6.76 -62.91 -5.58
CA GLY E 5 -7.91 -62.92 -6.46
C GLY E 5 -8.57 -61.56 -6.45
N PHE E 6 -9.88 -61.56 -6.62
CA PHE E 6 -10.66 -60.34 -6.53
C PHE E 6 -11.75 -60.51 -5.49
N TYR E 7 -12.02 -59.47 -4.71
CA TYR E 7 -13.02 -59.57 -3.67
C TYR E 7 -13.80 -58.28 -3.54
N LEU E 8 -14.99 -58.40 -2.98
CA LEU E 8 -15.86 -57.25 -2.77
C LEU E 8 -15.52 -56.52 -1.47
N TYR E 9 -15.17 -55.24 -1.57
CA TYR E 9 -15.07 -54.38 -0.40
C TYR E 9 -16.17 -53.31 -0.44
N ASN E 10 -17.18 -53.46 0.41
CA ASN E 10 -18.42 -52.69 0.28
C ASN E 10 -18.92 -52.78 -1.15
N THR E 11 -18.83 -51.68 -1.88
CA THR E 11 -19.28 -51.65 -3.27
C THR E 11 -18.12 -51.82 -4.27
N GLU E 12 -16.89 -51.70 -3.78
CA GLU E 12 -15.70 -51.80 -4.64
C GLU E 12 -15.27 -53.25 -4.93
N ASN E 13 -15.17 -53.59 -6.22
CA ASN E 13 -14.59 -54.86 -6.67
C ASN E 13 -13.06 -54.74 -6.82
N CYS E 14 -12.30 -55.31 -5.88
CA CYS E 14 -10.86 -55.08 -5.77
C CYS E 14 -9.97 -56.29 -6.00
N VAL E 15 -8.79 -56.09 -6.60
CA VAL E 15 -7.77 -57.12 -6.59
C VAL E 15 -7.19 -57.20 -5.19
N PHE E 16 -6.80 -58.40 -4.78
CA PHE E 16 -6.05 -58.57 -3.55
C PHE E 16 -4.99 -59.62 -3.77
N ALA E 17 -3.87 -59.48 -3.06
CA ALA E 17 -2.72 -60.37 -3.24
C ALA E 17 -1.72 -60.09 -2.14
N ASP E 18 -0.73 -60.98 -2.00
CA ASP E 18 0.32 -60.74 -1.03
C ASP E 18 1.24 -59.65 -1.55
N ASN E 19 1.46 -59.65 -2.86
CA ASN E 19 2.34 -58.69 -3.48
C ASN E 19 1.97 -58.49 -4.96
N ILE E 20 2.73 -57.64 -5.65
CA ILE E 20 2.38 -57.29 -7.02
C ILE E 20 3.64 -57.18 -7.85
N LYS E 21 3.60 -57.70 -9.07
CA LYS E 21 4.68 -57.50 -10.01
C LYS E 21 4.09 -57.01 -11.33
N VAL E 22 4.44 -55.79 -11.73
CA VAL E 22 3.92 -55.26 -13.00
C VAL E 22 5.03 -54.73 -13.89
N GLY E 23 4.75 -54.73 -15.19
CA GLY E 23 5.64 -54.13 -16.17
C GLY E 23 7.03 -54.69 -16.29
N GLN E 24 8.02 -53.82 -16.15
CA GLN E 24 9.43 -54.18 -16.27
C GLN E 24 9.97 -54.88 -15.03
N THR E 26 10.95 -57.52 -12.34
CA THR E 26 11.27 -58.93 -12.48
C THR E 26 11.03 -59.70 -11.18
N GLU E 27 10.76 -58.96 -10.10
CA GLU E 27 10.30 -59.57 -8.86
C GLU E 27 9.29 -58.60 -8.21
N PRO E 28 8.53 -59.08 -7.21
CA PRO E 28 7.52 -58.13 -6.71
C PRO E 28 8.09 -57.00 -5.86
N LEU E 29 7.22 -56.11 -5.39
CA LEU E 29 7.67 -54.92 -4.66
C LEU E 29 8.53 -55.23 -3.43
N LYS E 30 9.72 -54.64 -3.40
CA LYS E 30 10.66 -54.77 -2.29
C LYS E 30 10.79 -53.44 -1.56
N ASP E 31 11.64 -53.43 -0.53
CA ASP E 31 11.78 -52.30 0.40
C ASP E 31 11.87 -50.93 -0.25
N GLN E 32 10.92 -50.07 0.13
CA GLN E 32 10.88 -48.67 -0.30
C GLN E 32 10.65 -48.45 -1.80
N GLN E 33 10.26 -49.50 -2.51
CA GLN E 33 9.90 -49.35 -3.91
C GLN E 33 8.44 -48.95 -4.06
N ILE E 34 8.16 -48.18 -5.09
CA ILE E 34 6.78 -47.91 -5.44
C ILE E 34 6.59 -48.27 -6.90
N ILE E 35 5.34 -48.45 -7.31
CA ILE E 35 5.06 -48.73 -8.70
C ILE E 35 5.02 -47.40 -9.43
N LEU E 36 5.84 -47.24 -10.45
CA LEU E 36 5.94 -45.95 -11.12
C LEU E 36 5.79 -46.09 -12.63
N GLY E 37 4.85 -45.36 -13.20
CA GLY E 37 4.64 -45.43 -14.64
C GLY E 37 5.85 -44.97 -15.43
N THR E 38 5.97 -45.44 -16.67
CA THR E 38 6.97 -44.89 -17.60
C THR E 38 6.36 -44.63 -18.98
N LYS E 39 7.23 -44.35 -19.96
CA LYS E 39 6.78 -44.19 -21.33
C LYS E 39 6.43 -45.57 -21.87
N SER E 40 6.77 -46.59 -21.09
CA SER E 40 6.59 -47.98 -21.45
C SER E 40 5.63 -48.62 -20.44
N THR E 41 6.03 -49.74 -19.88
CA THR E 41 5.30 -50.30 -18.75
C THR E 41 6.00 -49.89 -17.43
N PRO E 42 5.33 -50.07 -16.29
CA PRO E 42 5.90 -49.46 -15.09
C PRO E 42 7.13 -50.16 -14.52
N VAL E 43 7.74 -49.51 -13.54
CA VAL E 43 8.90 -50.05 -12.84
C VAL E 43 8.72 -49.97 -11.33
N ALA E 44 9.54 -50.74 -10.62
CA ALA E 44 9.62 -50.63 -9.19
C ALA E 44 10.72 -49.60 -8.85
N ALA E 45 10.34 -48.38 -8.53
CA ALA E 45 11.35 -47.36 -8.24
C ALA E 45 11.54 -47.13 -6.74
N LYS E 46 12.79 -47.25 -6.28
CA LYS E 46 13.11 -46.98 -4.88
C LYS E 46 13.12 -45.47 -4.68
N THR E 48 14.34 -42.21 -3.18
CA THR E 48 15.65 -41.83 -2.68
C THR E 48 15.72 -40.33 -2.43
N ALA E 49 16.54 -39.94 -1.47
CA ALA E 49 16.85 -38.52 -1.28
C ALA E 49 18.31 -38.27 -1.62
N SER E 50 18.59 -37.06 -2.07
CA SER E 50 19.97 -36.60 -2.21
C SER E 50 19.98 -35.16 -1.72
N ASP E 51 21.08 -34.45 -1.94
CA ASP E 51 21.13 -32.98 -1.84
C ASP E 51 20.29 -32.31 -0.76
N GLY E 52 20.57 -32.57 0.49
CA GLY E 52 19.88 -31.87 1.55
C GLY E 52 18.39 -32.17 1.65
N ILE E 53 17.99 -33.33 1.13
CA ILE E 53 16.61 -33.77 1.33
C ILE E 53 16.56 -34.93 2.32
N SER E 54 15.57 -34.92 3.19
CA SER E 54 15.37 -36.03 4.09
C SER E 54 14.20 -36.88 3.63
N LEU E 55 14.40 -38.19 3.64
CA LEU E 55 13.34 -39.12 3.31
C LEU E 55 13.28 -40.18 4.41
N THR E 56 12.19 -40.21 5.19
CA THR E 56 12.09 -41.14 6.31
C THR E 56 10.79 -41.97 6.26
N VAL E 57 10.91 -43.30 6.27
CA VAL E 57 9.71 -44.14 6.23
C VAL E 57 9.37 -44.87 7.55
N SER E 58 8.12 -44.73 7.97
CA SER E 58 7.64 -45.38 9.19
C SER E 58 6.54 -46.40 8.88
N ASN E 59 6.21 -47.24 9.87
CA ASN E 59 5.25 -48.33 9.68
C ASN E 59 4.67 -48.91 10.99
N ASN E 60 3.74 -48.18 11.59
CA ASN E 60 2.85 -48.71 12.62
C ASN E 60 1.60 -49.19 11.91
N SER E 61 1.24 -50.46 12.08
CA SER E 61 0.12 -51.07 11.35
C SER E 61 0.24 -50.87 9.82
N ASN E 64 -1.24 -47.09 9.40
CA ASN E 64 -0.65 -45.87 9.91
C ASN E 64 0.76 -45.58 9.35
N ALA E 65 1.24 -46.45 8.45
CA ALA E 65 2.54 -46.29 7.81
C ALA E 65 2.63 -45.02 6.97
N SER E 66 3.86 -44.53 6.74
CA SER E 66 4.06 -43.24 6.10
C SER E 66 5.44 -43.03 5.45
N ILE E 67 5.47 -42.11 4.49
CA ILE E 67 6.73 -41.65 3.89
C ILE E 67 6.80 -40.14 4.10
N THR E 68 7.82 -39.69 4.80
CA THR E 68 7.97 -38.28 5.09
C THR E 68 9.12 -37.67 4.32
N ILE E 69 8.81 -36.63 3.56
CA ILE E 69 9.81 -35.91 2.80
C ILE E 69 10.04 -34.59 3.51
N GLY E 70 11.27 -34.31 3.92
CA GLY E 70 11.55 -33.06 4.57
C GLY E 70 12.93 -32.53 4.25
N LEU E 71 13.19 -31.27 4.58
CA LEU E 71 14.52 -30.70 4.44
C LEU E 71 15.44 -31.14 5.58
N LEU E 72 16.68 -31.46 5.25
CA LEU E 72 17.72 -31.58 6.25
C LEU E 72 17.85 -30.22 6.91
N LYS E 73 18.18 -30.20 8.20
CA LYS E 73 18.29 -28.96 8.95
C LYS E 73 19.57 -28.15 8.65
N ALA E 74 19.36 -26.98 8.06
CA ALA E 74 20.42 -26.19 7.45
C ALA E 74 20.89 -24.99 8.26
N PHE E 75 20.11 -24.56 9.26
CA PHE E 75 20.45 -23.31 9.97
C PHE E 75 21.09 -23.50 11.35
N ASN E 76 22.16 -22.74 11.59
CA ASN E 76 22.88 -22.81 12.86
C ASN E 76 23.11 -21.40 13.34
N ASN E 77 22.47 -21.01 14.44
CA ASN E 77 22.65 -19.66 14.95
C ASN E 77 23.41 -19.60 16.28
N PHE E 78 24.29 -18.62 16.42
CA PHE E 78 25.13 -18.52 17.61
C PHE E 78 25.13 -17.13 18.21
N PRO E 79 24.25 -16.90 19.19
CA PRO E 79 24.15 -15.58 19.84
C PRO E 79 25.36 -15.31 20.69
N ILE E 80 25.82 -14.06 20.73
CA ILE E 80 26.88 -13.65 21.64
C ILE E 80 26.41 -12.42 22.44
N THR E 81 26.25 -12.60 23.75
CA THR E 81 25.64 -11.57 24.59
C THR E 81 26.60 -10.96 25.62
N ASN E 82 27.72 -11.63 25.88
CA ASN E 82 28.72 -11.12 26.83
C ASN E 82 29.40 -9.86 26.34
N LYS E 83 29.75 -8.97 27.26
CA LYS E 83 30.60 -7.84 26.92
C LYS E 83 32.01 -8.39 26.88
N ILE E 84 32.81 -7.90 25.93
CA ILE E 84 34.13 -8.45 25.70
C ILE E 84 35.06 -7.30 25.38
N GLN E 85 36.13 -7.16 26.14
CA GLN E 85 37.13 -6.15 25.82
C GLN E 85 38.13 -6.84 24.90
N CYS E 86 38.32 -6.29 23.70
CA CYS E 86 39.24 -6.87 22.74
C CYS E 86 40.54 -6.11 22.77
N ASN E 87 41.49 -6.63 23.54
CA ASN E 87 42.74 -5.93 23.77
C ASN E 87 43.79 -6.26 22.71
N GLY E 88 43.61 -7.39 22.02
CA GLY E 88 44.50 -7.78 20.95
C GLY E 88 44.22 -7.02 19.66
N LEU E 89 45.27 -6.50 19.03
CA LEU E 89 45.14 -5.76 17.78
C LEU E 89 45.27 -6.70 16.58
N PHE E 90 44.86 -6.22 15.42
CA PHE E 90 45.22 -6.90 14.17
C PHE E 90 46.27 -6.06 13.45
N THR E 91 47.42 -6.65 13.18
CA THR E 91 48.52 -5.93 12.53
C THR E 91 48.94 -6.64 11.24
N PRO E 92 49.77 -5.98 10.41
CA PRO E 92 50.34 -6.73 9.27
C PRO E 92 51.08 -8.01 9.69
N SER E 93 51.62 -8.03 10.91
CA SER E 93 52.43 -9.14 11.38
C SER E 93 51.61 -10.30 11.92
N ASN E 94 50.39 -10.04 12.38
CA ASN E 94 49.62 -11.14 12.94
C ASN E 94 48.41 -11.53 12.12
N ILE E 95 48.14 -10.75 11.08
CA ILE E 95 46.94 -10.94 10.26
C ILE E 95 46.87 -12.32 9.60
N GLU E 96 48.00 -12.87 9.21
CA GLU E 96 48.06 -14.23 8.72
C GLU E 96 48.59 -15.19 9.78
N THR E 97 48.07 -15.08 11.01
CA THR E 97 48.38 -16.04 12.07
C THR E 97 47.10 -16.32 12.85
N LEU E 98 47.23 -16.93 14.02
CA LEU E 98 46.10 -17.16 14.91
C LEU E 98 46.12 -16.18 16.09
N LEU E 99 47.09 -15.28 16.05
CA LEU E 99 47.40 -14.44 17.22
C LEU E 99 46.66 -13.12 17.18
N GLY E 100 46.11 -12.78 16.01
CA GLY E 100 45.51 -11.47 15.81
C GLY E 100 44.18 -11.32 16.55
N GLY E 101 44.03 -10.21 17.25
CA GLY E 101 42.76 -9.90 17.89
C GLY E 101 42.39 -10.83 19.03
N THR E 102 41.13 -10.80 19.39
CA THR E 102 40.61 -11.47 20.57
C THR E 102 39.47 -12.39 20.20
N GLU E 103 39.53 -13.64 20.66
CA GLU E 103 38.45 -14.57 20.35
C GLU E 103 37.17 -14.12 21.04
N ILE E 104 36.06 -14.08 20.30
CA ILE E 104 34.79 -13.70 20.91
C ILE E 104 33.77 -14.81 20.84
N GLY E 105 34.08 -15.87 20.10
CA GLY E 105 33.16 -17.00 20.04
C GLY E 105 33.73 -18.21 19.35
N LYS E 106 33.20 -19.38 19.70
CA LYS E 106 33.57 -20.64 19.06
C LYS E 106 32.30 -21.37 18.65
N PHE E 107 32.32 -21.95 17.45
CA PHE E 107 31.11 -22.53 16.91
C PHE E 107 31.42 -23.84 16.23
N THR E 108 30.64 -24.86 16.52
CA THR E 108 30.83 -26.13 15.88
C THR E 108 29.62 -26.43 15.01
N VAL E 109 29.87 -26.58 13.72
CA VAL E 109 28.82 -26.85 12.77
C VAL E 109 29.10 -28.15 12.05
N THR E 110 28.06 -28.76 11.52
CA THR E 110 28.18 -30.07 10.90
C THR E 110 27.31 -30.09 9.65
N PRO E 111 27.94 -30.20 8.48
CA PRO E 111 27.18 -30.26 7.22
C PRO E 111 26.34 -31.52 7.09
N LYS E 112 25.19 -31.41 6.45
CA LYS E 112 24.31 -32.56 6.28
C LYS E 112 24.10 -32.89 4.81
N SER E 113 24.89 -32.25 3.96
CA SER E 113 24.82 -32.52 2.55
C SER E 113 26.23 -32.46 2.01
N SER E 114 26.57 -33.47 1.22
CA SER E 114 27.90 -33.59 0.66
C SER E 114 28.01 -32.52 -0.42
N GLY E 115 29.13 -31.81 -0.45
CA GLY E 115 29.32 -30.80 -1.47
C GLY E 115 28.62 -29.47 -1.20
N SER E 116 28.22 -29.25 0.05
CA SER E 116 27.53 -28.00 0.42
C SER E 116 28.48 -26.86 0.81
N PHE E 118 28.64 -23.31 3.68
CA PHE E 118 28.00 -22.50 4.69
C PHE E 118 28.04 -21.03 4.33
N LEU E 119 26.85 -20.44 4.17
CA LEU E 119 26.72 -19.00 4.12
C LEU E 119 26.87 -18.51 5.56
N VAL E 120 27.92 -17.76 5.83
CA VAL E 120 28.23 -17.29 7.18
C VAL E 120 28.04 -15.79 7.35
N SER E 121 27.34 -15.39 8.42
CA SER E 121 27.21 -13.97 8.74
C SER E 121 27.53 -13.74 10.20
N ALA E 122 28.52 -12.89 10.46
CA ALA E 122 28.75 -12.41 11.81
C ALA E 122 28.36 -10.95 11.84
N ASP E 123 27.44 -10.61 12.75
CA ASP E 123 27.05 -9.21 12.94
C ASP E 123 27.29 -8.85 14.41
N ILE E 124 28.36 -8.09 14.63
CA ILE E 124 28.89 -7.86 15.94
C ILE E 124 28.75 -6.42 16.36
N ILE E 125 28.02 -6.17 17.45
CA ILE E 125 27.94 -4.83 18.02
C ILE E 125 29.31 -4.45 18.62
N ALA E 126 29.93 -3.39 18.13
CA ALA E 126 31.24 -3.02 18.65
C ALA E 126 31.43 -1.51 18.79
N SER E 127 32.26 -1.13 19.75
CA SER E 127 32.58 0.27 19.99
C SER E 127 34.08 0.42 20.16
N ARG E 128 34.61 1.55 19.71
CA ARG E 128 36.00 1.90 19.98
C ARG E 128 36.13 3.38 19.74
N GLU E 130 37.39 6.56 17.73
CA GLU E 130 37.52 6.76 16.27
C GLU E 130 38.53 5.87 15.54
N GLY E 131 38.05 4.83 14.88
CA GLY E 131 38.94 3.96 14.12
C GLY E 131 38.35 2.63 13.64
N GLY E 132 39.24 1.72 13.28
CA GLY E 132 38.86 0.54 12.53
C GLY E 132 38.73 -0.70 13.37
N VAL E 133 37.78 -1.54 13.00
CA VAL E 133 37.59 -2.82 13.63
C VAL E 133 37.86 -3.88 12.56
N VAL E 134 38.44 -4.99 12.98
CA VAL E 134 38.74 -6.09 12.08
C VAL E 134 38.14 -7.36 12.61
N LEU E 135 37.50 -8.11 11.72
CA LEU E 135 36.95 -9.40 12.10
C LEU E 135 37.63 -10.52 11.32
N ALA E 136 37.87 -11.65 11.97
CA ALA E 136 38.51 -12.78 11.31
C ALA E 136 37.83 -14.06 11.72
N LEU E 137 37.49 -14.89 10.75
CA LEU E 137 36.94 -16.19 11.05
C LEU E 137 38.03 -17.21 10.84
N VAL E 138 38.24 -18.06 11.84
CA VAL E 138 39.29 -19.07 11.78
C VAL E 138 38.72 -20.47 11.90
N ARG E 139 38.99 -21.30 10.91
CA ARG E 139 38.65 -22.71 11.02
C ARG E 139 39.72 -23.41 11.88
N GLU E 140 39.29 -24.30 12.78
CA GLU E 140 40.23 -24.97 13.66
C GLU E 140 41.12 -25.90 12.84
N GLY E 141 42.42 -25.78 13.03
CA GLY E 141 43.36 -26.60 12.30
C GLY E 141 44.18 -25.77 11.34
N ASP E 142 43.54 -24.76 10.74
CA ASP E 142 44.22 -23.87 9.80
C ASP E 142 45.25 -23.04 10.54
N SER E 143 46.12 -22.36 9.81
CA SER E 143 47.19 -21.58 10.44
C SER E 143 46.89 -20.09 10.44
N LYS E 144 45.85 -19.72 9.71
CA LYS E 144 45.46 -18.32 9.52
C LYS E 144 43.97 -18.24 9.14
N PRO E 145 43.40 -17.03 9.05
CA PRO E 145 41.95 -16.98 8.87
C PRO E 145 41.47 -17.32 7.45
N CYS E 146 40.29 -17.93 7.36
CA CYS E 146 39.65 -18.17 6.06
C CYS E 146 38.76 -17.03 5.59
N ALA E 147 38.58 -16.01 6.42
CA ALA E 147 37.86 -14.81 6.02
C ALA E 147 38.21 -13.64 6.94
N ILE E 148 38.42 -12.49 6.33
CA ILE E 148 38.73 -11.27 7.06
C ILE E 148 37.73 -10.20 6.63
N SER E 149 37.25 -9.42 7.58
CA SER E 149 36.33 -8.32 7.24
C SER E 149 36.68 -7.09 8.07
N TYR E 150 36.01 -5.98 7.78
CA TYR E 150 36.34 -4.70 8.39
C TYR E 150 35.10 -3.93 8.83
N GLY E 151 35.20 -3.26 9.97
CA GLY E 151 34.11 -2.42 10.45
C GLY E 151 34.60 -1.06 10.94
N TYR E 152 33.69 -0.29 11.51
CA TYR E 152 34.00 1.06 11.95
C TYR E 152 33.22 1.48 13.18
N SER E 153 33.84 2.33 14.00
CA SER E 153 33.13 2.98 15.09
C SER E 153 33.70 4.36 15.29
N SER E 154 32.80 5.31 15.48
CA SER E 154 33.15 6.71 15.66
C SER E 154 33.44 6.98 17.14
N GLY E 155 33.13 5.98 17.97
CA GLY E 155 33.09 6.16 19.40
C GLY E 155 31.81 5.55 19.93
N VAL E 156 30.71 5.70 19.16
CA VAL E 156 29.43 5.13 19.53
C VAL E 156 29.27 3.72 18.93
N PRO E 157 28.50 2.85 19.59
CA PRO E 157 28.40 1.45 19.15
C PRO E 157 27.93 1.34 17.70
N ASN E 158 28.49 0.37 16.99
CA ASN E 158 28.16 0.17 15.59
C ASN E 158 28.23 -1.30 15.22
N LEU E 159 27.38 -1.73 14.30
CA LEU E 159 27.40 -3.11 13.82
C LEU E 159 28.59 -3.28 12.92
N CYS E 160 29.42 -4.26 13.23
CA CYS E 160 30.56 -4.64 12.41
C CYS E 160 30.33 -6.05 11.87
N SER E 161 30.39 -6.19 10.55
CA SER E 161 29.97 -7.44 9.94
C SER E 161 31.05 -8.16 9.17
N LEU E 162 30.92 -9.49 9.12
CA LEU E 162 31.70 -10.37 8.27
C LEU E 162 30.70 -11.26 7.53
N ARG E 163 30.73 -11.21 6.21
CA ARG E 163 29.99 -12.15 5.38
C ARG E 163 30.94 -12.97 4.50
N THR E 164 30.73 -14.28 4.48
CA THR E 164 31.56 -15.12 3.64
C THR E 164 30.87 -16.43 3.34
N SER E 165 31.48 -17.21 2.47
CA SER E 165 31.01 -18.55 2.15
C SER E 165 32.15 -19.52 2.34
N ILE E 166 31.92 -20.56 3.11
CA ILE E 166 32.93 -21.57 3.29
C ILE E 166 32.47 -22.85 2.62
N THR E 167 33.41 -23.57 1.99
CA THR E 167 33.12 -24.84 1.34
C THR E 167 33.39 -25.93 2.35
N ASN E 168 32.44 -26.85 2.51
CA ASN E 168 32.59 -27.95 3.47
C ASN E 168 33.28 -29.15 2.82
N THR E 169 34.21 -29.77 3.54
CA THR E 169 34.94 -30.89 2.97
C THR E 169 34.16 -32.20 3.02
N GLY E 170 33.43 -32.41 4.10
CA GLY E 170 32.74 -33.67 4.29
C GLY E 170 31.43 -33.63 5.07
N LEU E 171 31.17 -34.69 5.82
CA LEU E 171 29.94 -34.82 6.59
C LEU E 171 30.29 -34.82 8.06
N THR E 172 31.51 -34.40 8.37
CA THR E 172 32.07 -34.42 9.71
C THR E 172 31.97 -33.05 10.40
N PRO E 173 31.82 -33.03 11.74
CA PRO E 173 31.83 -31.76 12.48
C PRO E 173 33.09 -30.97 12.22
N THR E 174 32.96 -29.66 12.18
CA THR E 174 34.08 -28.74 11.99
C THR E 174 33.83 -27.55 12.89
N THR E 175 34.90 -26.96 13.42
CA THR E 175 34.78 -25.92 14.42
C THR E 175 35.44 -24.64 13.93
N TYR E 176 34.77 -23.50 14.20
CA TYR E 176 35.25 -22.21 13.77
C TYR E 176 35.26 -21.28 14.98
N SER E 177 36.13 -20.28 14.97
CA SER E 177 36.13 -19.27 16.01
C SER E 177 36.25 -17.92 15.33
N LEU E 178 35.85 -16.87 16.03
CA LEU E 178 35.79 -15.53 15.45
C LEU E 178 36.60 -14.60 16.31
N ARG E 179 37.48 -13.81 15.68
CA ARG E 179 38.33 -12.91 16.42
C ARG E 179 38.03 -11.49 16.00
N VAL E 180 38.05 -10.57 16.95
CA VAL E 180 37.71 -9.17 16.70
C VAL E 180 38.81 -8.36 17.36
N GLY E 181 39.20 -7.26 16.75
CA GLY E 181 40.23 -6.42 17.33
C GLY E 181 40.40 -5.13 16.56
N GLY E 182 41.15 -4.21 17.14
CA GLY E 182 41.41 -2.94 16.50
C GLY E 182 42.26 -3.12 15.26
N LEU E 183 42.09 -2.22 14.32
CA LEU E 183 42.92 -2.19 13.12
C LEU E 183 44.20 -1.45 13.45
N GLU E 184 45.25 -2.22 13.68
CA GLU E 184 46.59 -1.71 14.04
C GLU E 184 46.70 -1.03 15.42
N SER E 185 45.73 -0.21 15.79
CA SER E 185 45.72 0.43 17.12
C SER E 185 44.32 0.46 17.71
N GLY E 186 44.24 0.47 19.04
CA GLY E 186 42.99 0.76 19.73
C GLY E 186 42.31 -0.36 20.47
N VAL E 187 41.51 -0.02 21.47
CA VAL E 187 40.76 -1.02 22.22
C VAL E 187 39.37 -1.17 21.60
N VAL E 188 38.92 -2.39 21.39
CA VAL E 188 37.56 -2.57 20.90
C VAL E 188 36.69 -3.27 21.94
N TRP E 189 35.53 -2.71 22.21
CA TRP E 189 34.58 -3.39 23.09
C TRP E 189 33.46 -4.01 22.25
N VAL E 190 33.19 -5.29 22.48
CA VAL E 190 32.07 -5.96 21.83
C VAL E 190 30.85 -6.00 22.78
N ASN E 191 29.67 -5.65 22.26
CA ASN E 191 28.47 -5.64 23.10
C ASN E 191 28.51 -4.66 24.27
N ALA E 192 29.29 -3.58 24.15
CA ALA E 192 29.40 -2.55 25.17
C ALA E 192 29.80 -1.23 24.56
N LEU E 193 29.71 -0.15 25.32
CA LEU E 193 30.16 1.17 24.86
C LEU E 193 31.70 1.27 24.87
N SER E 194 32.26 2.38 24.38
CA SER E 194 33.71 2.48 24.23
C SER E 194 34.45 2.52 25.56
N ASN E 195 33.71 2.60 26.65
CA ASN E 195 34.30 2.63 27.98
C ASN E 195 34.08 1.32 28.74
N GLY E 196 33.33 0.41 28.13
CA GLY E 196 32.97 -0.85 28.80
C GLY E 196 31.55 -0.90 29.34
N ASN E 197 30.82 0.20 29.29
CA ASN E 197 29.43 0.20 29.77
C ASN E 197 28.47 -0.56 28.89
N ASP E 198 27.42 -1.12 29.49
CA ASP E 198 26.29 -1.63 28.73
C ASP E 198 25.70 -0.55 27.84
N ILE E 199 25.41 -0.89 26.59
CA ILE E 199 24.78 0.08 25.72
C ILE E 199 23.34 0.25 26.17
N LEU E 200 22.96 1.50 26.43
CA LEU E 200 21.61 1.85 26.86
C LEU E 200 21.20 1.11 28.13
N GLY E 201 22.19 0.68 28.90
CA GLY E 201 21.94 0.06 30.19
C GLY E 201 21.48 -1.38 30.16
N ILE E 202 21.51 -2.00 28.99
CA ILE E 202 21.02 -3.38 28.89
C ILE E 202 22.03 -4.37 28.30
N THR E 203 21.63 -5.63 28.31
CA THR E 203 22.38 -6.70 27.69
C THR E 203 22.09 -6.71 26.20
N ASN E 204 23.14 -6.65 25.38
CA ASN E 204 22.97 -6.65 23.93
C ASN E 204 23.46 -7.92 23.26
N THR E 205 22.94 -8.16 22.06
CA THR E 205 23.15 -9.41 21.35
C THR E 205 23.82 -9.25 19.98
N SER E 206 24.98 -9.86 19.80
CA SER E 206 25.58 -9.98 18.49
C SER E 206 25.26 -11.38 18.01
N ASN E 207 25.36 -11.61 16.69
CA ASN E 207 24.94 -12.88 16.11
C ASN E 207 25.96 -13.44 15.14
N VAL E 208 26.15 -14.75 15.18
CA VAL E 208 26.91 -15.45 14.14
C VAL E 208 26.09 -16.61 13.63
N SER E 209 25.79 -16.62 12.34
CA SER E 209 24.96 -17.68 11.80
C SER E 209 25.62 -18.45 10.64
N PHE E 210 25.29 -19.73 10.53
CA PHE E 210 25.77 -20.60 9.46
C PHE E 210 24.55 -21.20 8.79
N LEU E 211 24.38 -20.90 7.51
CA LEU E 211 23.28 -21.40 6.73
C LEU E 211 23.82 -22.36 5.67
N GLU E 212 23.38 -23.63 5.70
CA GLU E 212 23.89 -24.61 4.74
C GLU E 212 23.16 -24.49 3.42
N VAL E 213 23.88 -24.19 2.36
CA VAL E 213 23.24 -23.99 1.06
C VAL E 213 23.87 -24.88 -0.03
N ILE E 214 23.09 -25.22 -1.05
CA ILE E 214 23.55 -26.03 -2.17
C ILE E 214 24.03 -25.12 -3.31
N PRO E 215 25.34 -25.13 -3.58
CA PRO E 215 26.02 -24.25 -4.53
C PRO E 215 25.98 -24.63 -6.03
N GLN E 216 25.66 -23.64 -6.85
CA GLN E 216 25.82 -23.70 -8.29
C GLN E 216 27.22 -23.20 -8.59
N THR E 217 28.15 -24.08 -8.93
CA THR E 217 29.56 -23.68 -9.08
C THR E 217 30.24 -24.23 -10.34
N GLY F 2 4.19 -60.97 -21.94
CA GLY F 2 2.94 -60.32 -22.33
C GLY F 2 1.76 -61.01 -21.66
N ASN F 3 2.00 -61.57 -20.48
CA ASN F 3 0.99 -62.35 -19.79
C ASN F 3 0.62 -61.67 -18.49
N SER F 4 -0.44 -62.19 -17.87
CA SER F 4 -0.91 -61.65 -16.62
C SER F 4 -1.66 -62.74 -15.84
N GLY F 5 -1.81 -62.51 -14.53
CA GLY F 5 -2.56 -63.38 -13.66
C GLY F 5 -2.03 -63.39 -12.24
N PHE F 6 -2.02 -64.58 -11.65
CA PHE F 6 -1.49 -64.72 -10.30
C PHE F 6 -0.38 -65.78 -10.30
N TYR F 7 0.62 -65.61 -9.45
CA TYR F 7 1.73 -66.56 -9.41
C TYR F 7 2.36 -66.57 -8.03
N LEU F 8 3.01 -67.68 -7.69
CA LEU F 8 3.70 -67.78 -6.42
C LEU F 8 5.16 -67.30 -6.56
N TYR F 9 5.60 -66.48 -5.63
CA TYR F 9 6.98 -66.05 -5.64
C TYR F 9 7.47 -66.31 -4.24
N ASN F 10 8.38 -67.28 -4.12
CA ASN F 10 8.64 -67.91 -2.83
C ASN F 10 7.28 -68.24 -2.20
N THR F 11 6.96 -67.68 -1.04
CA THR F 11 5.68 -67.99 -0.42
C THR F 11 4.59 -66.95 -0.71
N GLU F 12 4.96 -65.86 -1.38
CA GLU F 12 4.01 -64.78 -1.65
C GLU F 12 3.15 -65.09 -2.88
N ASN F 13 1.84 -64.95 -2.72
CA ASN F 13 0.91 -65.10 -3.83
C ASN F 13 0.62 -63.73 -4.47
N CYS F 14 1.19 -63.48 -5.65
CA CYS F 14 1.20 -62.15 -6.25
C CYS F 14 0.35 -62.02 -7.51
N VAL F 15 -0.25 -60.84 -7.71
CA VAL F 15 -0.73 -60.46 -9.04
C VAL F 15 0.44 -60.09 -9.93
N PHE F 16 0.35 -60.48 -11.18
CA PHE F 16 1.25 -59.93 -12.18
C PHE F 16 0.49 -59.53 -13.44
N ALA F 17 1.04 -58.55 -14.15
CA ALA F 17 0.48 -58.06 -15.42
C ALA F 17 1.45 -57.05 -16.03
N ASP F 18 1.26 -56.74 -17.31
CA ASP F 18 2.10 -55.75 -17.98
C ASP F 18 1.88 -54.38 -17.39
N ASN F 19 0.64 -54.10 -16.99
CA ASN F 19 0.27 -52.81 -16.42
C ASN F 19 -1.01 -52.92 -15.59
N ILE F 20 -1.42 -51.82 -14.96
CA ILE F 20 -2.55 -51.87 -14.04
C ILE F 20 -3.39 -50.63 -14.18
N LYS F 21 -4.71 -50.82 -14.13
CA LYS F 21 -5.66 -49.74 -14.16
C LYS F 21 -6.64 -49.94 -13.02
N VAL F 22 -6.67 -49.01 -12.07
CA VAL F 22 -7.59 -49.12 -10.95
C VAL F 22 -8.33 -47.83 -10.66
N GLY F 23 -9.52 -47.96 -10.11
CA GLY F 23 -10.27 -46.82 -9.60
C GLY F 23 -10.79 -45.89 -10.69
N GLN F 24 -10.49 -44.60 -10.56
CA GLN F 24 -10.95 -43.64 -11.54
C GLN F 24 -10.15 -43.63 -12.85
N THR F 26 -8.63 -44.17 -16.45
CA THR F 26 -9.24 -44.52 -17.72
C THR F 26 -8.25 -45.26 -18.60
N GLU F 27 -6.99 -45.18 -18.21
CA GLU F 27 -5.91 -45.87 -18.89
C GLU F 27 -5.00 -46.43 -17.81
N PRO F 28 -4.17 -47.43 -18.17
CA PRO F 28 -3.20 -47.95 -17.18
C PRO F 28 -2.06 -46.97 -16.89
N LEU F 29 -1.21 -47.28 -15.91
CA LEU F 29 -0.16 -46.34 -15.48
C LEU F 29 0.71 -45.83 -16.63
N LYS F 30 0.79 -44.52 -16.68
CA LYS F 30 1.47 -43.78 -17.72
C LYS F 30 2.68 -43.10 -17.10
N ASP F 31 3.41 -42.32 -17.89
CA ASP F 31 4.74 -41.85 -17.51
C ASP F 31 4.75 -40.97 -16.26
N GLN F 32 5.55 -41.38 -15.27
CA GLN F 32 5.73 -40.61 -14.05
C GLN F 32 4.47 -40.62 -13.13
N GLN F 33 3.54 -41.52 -13.40
CA GLN F 33 2.35 -41.61 -12.56
C GLN F 33 2.48 -42.66 -11.45
N ILE F 34 1.78 -42.45 -10.35
CA ILE F 34 1.68 -43.47 -9.31
C ILE F 34 0.22 -43.69 -8.96
N ILE F 35 -0.07 -44.85 -8.38
CA ILE F 35 -1.42 -45.15 -7.91
C ILE F 35 -1.60 -44.49 -6.57
N LEU F 36 -2.59 -43.62 -6.44
CA LEU F 36 -2.76 -42.82 -5.23
C LEU F 36 -4.20 -42.89 -4.75
N GLY F 37 -4.40 -43.25 -3.49
CA GLY F 37 -5.74 -43.36 -2.96
C GLY F 37 -6.45 -42.03 -2.79
N THR F 38 -7.76 -42.03 -2.95
CA THR F 38 -8.56 -40.85 -2.68
C THR F 38 -9.63 -41.19 -1.66
N LYS F 39 -10.57 -40.26 -1.47
CA LYS F 39 -11.73 -40.49 -0.64
C LYS F 39 -12.56 -41.64 -1.20
N SER F 40 -12.63 -41.73 -2.53
CA SER F 40 -13.31 -42.83 -3.19
C SER F 40 -12.31 -43.89 -3.66
N THR F 41 -12.10 -43.99 -4.96
CA THR F 41 -11.14 -44.96 -5.47
C THR F 41 -9.88 -44.30 -6.04
N PRO F 42 -8.78 -45.06 -6.18
CA PRO F 42 -7.53 -44.45 -6.62
C PRO F 42 -7.56 -43.69 -7.94
N VAL F 43 -6.56 -42.84 -8.09
CA VAL F 43 -6.33 -42.10 -9.31
C VAL F 43 -4.86 -42.32 -9.70
N ALA F 44 -4.52 -42.10 -10.96
CA ALA F 44 -3.14 -42.06 -11.37
C ALA F 44 -2.61 -40.63 -11.19
N ALA F 45 -1.74 -40.43 -10.21
CA ALA F 45 -1.24 -39.07 -10.00
C ALA F 45 0.15 -38.93 -10.62
N LYS F 46 0.33 -37.99 -11.53
CA LYS F 46 1.67 -37.70 -12.04
C LYS F 46 2.47 -37.03 -10.92
N THR F 48 5.41 -34.81 -9.72
CA THR F 48 6.28 -33.82 -10.32
C THR F 48 6.93 -32.92 -9.28
N ALA F 49 8.03 -32.29 -9.69
CA ALA F 49 8.72 -31.37 -8.84
C ALA F 49 8.32 -29.94 -9.20
N SER F 50 8.63 -29.01 -8.30
CA SER F 50 8.50 -27.60 -8.56
C SER F 50 9.24 -26.84 -7.47
N ASP F 51 9.12 -25.52 -7.50
CA ASP F 51 9.65 -24.63 -6.47
C ASP F 51 10.92 -25.08 -5.75
N GLY F 52 12.00 -25.30 -6.49
CA GLY F 52 13.28 -25.56 -5.86
C GLY F 52 13.59 -27.02 -5.58
N ILE F 53 12.76 -27.92 -6.11
CA ILE F 53 12.97 -29.36 -5.96
C ILE F 53 13.24 -30.01 -7.32
N SER F 54 14.17 -30.95 -7.38
CA SER F 54 14.30 -31.76 -8.58
C SER F 54 13.80 -33.20 -8.35
N LEU F 55 13.23 -33.79 -9.39
CA LEU F 55 12.84 -35.19 -9.37
C LEU F 55 13.60 -35.90 -10.46
N THR F 56 14.39 -36.91 -10.09
CA THR F 56 15.18 -37.66 -11.04
C THR F 56 14.87 -39.17 -11.01
N VAL F 57 14.52 -39.71 -12.16
CA VAL F 57 14.20 -41.11 -12.30
C VAL F 57 15.33 -41.83 -13.03
N SER F 58 15.94 -42.82 -12.39
CA SER F 58 16.85 -43.69 -13.11
C SER F 58 16.28 -45.11 -13.19
N ASN F 59 16.57 -45.76 -14.31
CA ASN F 59 16.06 -47.09 -14.61
C ASN F 59 17.14 -47.88 -15.33
N ASN F 60 18.21 -48.21 -14.63
CA ASN F 60 19.33 -48.96 -15.20
C ASN F 60 19.11 -50.47 -15.22
N SER F 61 18.41 -51.00 -14.22
CA SER F 61 18.06 -52.42 -14.24
C SER F 61 16.66 -52.60 -13.69
N SER F 62 16.11 -53.80 -13.84
CA SER F 62 14.71 -54.05 -13.46
C SER F 62 14.57 -54.04 -11.95
N THR F 63 15.68 -54.19 -11.25
CA THR F 63 15.66 -54.21 -9.79
C THR F 63 16.37 -53.01 -9.18
N ASN F 64 16.92 -52.14 -10.02
CA ASN F 64 17.57 -50.96 -9.45
C ASN F 64 17.07 -49.62 -9.98
N ALA F 65 15.78 -49.56 -10.30
CA ALA F 65 15.15 -48.31 -10.69
C ALA F 65 15.02 -47.46 -9.45
N SER F 66 15.17 -46.15 -9.63
CA SER F 66 15.11 -45.28 -8.49
C SER F 66 14.46 -43.96 -8.83
N ILE F 67 13.81 -43.34 -7.85
CA ILE F 67 13.32 -41.98 -8.02
C ILE F 67 13.94 -41.11 -6.94
N THR F 68 14.66 -40.08 -7.37
CA THR F 68 15.46 -39.32 -6.42
C THR F 68 14.98 -37.88 -6.26
N ILE F 69 14.61 -37.53 -5.03
CA ILE F 69 14.15 -36.19 -4.68
C ILE F 69 15.34 -35.37 -4.20
N GLY F 70 15.59 -34.23 -4.84
CA GLY F 70 16.70 -33.39 -4.48
C GLY F 70 16.44 -31.89 -4.52
N LEU F 71 17.32 -31.14 -3.89
CA LEU F 71 17.29 -29.68 -3.94
C LEU F 71 17.97 -29.15 -5.20
N LEU F 72 17.31 -28.23 -5.88
CA LEU F 72 17.95 -27.50 -6.96
C LEU F 72 19.06 -26.61 -6.39
N LYS F 73 20.15 -26.44 -7.13
CA LYS F 73 21.24 -25.58 -6.68
C LYS F 73 20.80 -24.12 -6.62
N ALA F 74 20.83 -23.56 -5.42
CA ALA F 74 20.21 -22.27 -5.23
C ALA F 74 21.21 -21.14 -5.00
N PHE F 75 22.46 -21.47 -4.72
CA PHE F 75 23.41 -20.46 -4.27
C PHE F 75 24.52 -20.14 -5.26
N ASN F 76 24.69 -18.86 -5.53
CA ASN F 76 25.72 -18.39 -6.43
C ASN F 76 26.61 -17.38 -5.73
N ASN F 77 27.89 -17.69 -5.64
CA ASN F 77 28.82 -16.76 -5.05
C ASN F 77 29.84 -16.20 -6.04
N PHE F 78 30.10 -14.89 -5.94
CA PHE F 78 31.02 -14.18 -6.83
C PHE F 78 31.96 -13.31 -6.01
N PRO F 79 33.13 -13.85 -5.62
CA PRO F 79 34.13 -13.13 -4.84
C PRO F 79 34.90 -12.14 -5.68
N ILE F 80 35.25 -10.99 -5.12
CA ILE F 80 35.91 -9.93 -5.86
C ILE F 80 37.12 -9.55 -5.06
N THR F 81 38.31 -9.79 -5.62
CA THR F 81 39.58 -9.59 -4.91
C THR F 81 40.48 -8.50 -5.47
N ASN F 82 40.20 -8.02 -6.69
CA ASN F 82 41.02 -6.95 -7.27
C ASN F 82 40.91 -5.68 -6.48
N LYS F 83 41.98 -4.88 -6.48
CA LYS F 83 41.94 -3.52 -5.95
C LYS F 83 41.52 -2.60 -7.09
N ILE F 84 40.41 -1.89 -6.93
CA ILE F 84 39.88 -1.08 -8.01
C ILE F 84 39.65 0.35 -7.56
N GLN F 85 40.11 1.30 -8.35
CA GLN F 85 39.96 2.69 -8.05
C GLN F 85 38.67 3.21 -8.68
N CYS F 86 37.67 3.51 -7.85
CA CYS F 86 36.39 3.95 -8.35
C CYS F 86 36.29 5.46 -8.50
N ASN F 87 36.54 5.94 -9.72
CA ASN F 87 36.56 7.36 -10.01
C ASN F 87 35.18 7.91 -10.34
N GLY F 88 34.32 7.05 -10.87
CA GLY F 88 32.96 7.45 -11.17
C GLY F 88 32.27 7.92 -9.91
N LEU F 89 31.52 9.00 -10.03
CA LEU F 89 30.76 9.53 -8.92
C LEU F 89 29.29 9.19 -9.16
N PHE F 90 28.51 9.17 -8.09
CA PHE F 90 27.06 9.06 -8.22
C PHE F 90 26.44 10.43 -7.94
N THR F 91 25.59 10.87 -8.86
CA THR F 91 25.18 12.26 -8.96
C THR F 91 23.66 12.28 -9.09
N PRO F 92 23.01 13.38 -8.66
CA PRO F 92 21.57 13.49 -8.94
C PRO F 92 21.26 13.29 -10.42
N SER F 93 22.19 13.66 -11.29
CA SER F 93 21.94 13.63 -12.72
C SER F 93 22.24 12.28 -13.35
N ASN F 94 23.05 11.45 -12.70
CA ASN F 94 23.39 10.15 -13.30
C ASN F 94 22.86 8.92 -12.53
N ILE F 95 22.22 9.15 -11.38
CA ILE F 95 21.73 8.06 -10.54
C ILE F 95 20.66 7.22 -11.23
N GLU F 96 19.81 7.86 -12.03
CA GLU F 96 18.85 7.16 -12.88
C GLU F 96 19.41 6.80 -14.26
N THR F 97 20.70 6.47 -14.34
CA THR F 97 21.30 6.05 -15.60
C THR F 97 22.17 4.85 -15.34
N LEU F 98 22.95 4.46 -16.33
CA LEU F 98 23.83 3.31 -16.21
C LEU F 98 25.26 3.71 -15.93
N LEU F 99 25.49 5.00 -15.76
CA LEU F 99 26.84 5.52 -15.78
C LEU F 99 27.38 5.98 -14.44
N GLY F 100 26.52 6.05 -13.44
CA GLY F 100 26.97 6.36 -12.09
C GLY F 100 28.04 5.39 -11.62
N GLY F 101 28.99 5.89 -10.84
CA GLY F 101 30.07 5.08 -10.28
C GLY F 101 30.90 4.29 -11.26
N THR F 102 31.56 3.25 -10.75
CA THR F 102 32.47 2.42 -11.53
C THR F 102 32.13 0.94 -11.37
N GLU F 103 32.05 0.21 -12.47
CA GLU F 103 31.77 -1.23 -12.44
C GLU F 103 32.90 -2.04 -11.80
N ILE F 104 32.60 -2.83 -10.77
CA ILE F 104 33.64 -3.62 -10.13
C ILE F 104 33.45 -5.11 -10.29
N GLY F 105 32.31 -5.51 -10.84
CA GLY F 105 32.04 -6.91 -11.07
C GLY F 105 30.84 -7.16 -11.93
N LYS F 106 30.86 -8.28 -12.66
CA LYS F 106 29.75 -8.77 -13.47
C LYS F 106 29.43 -10.21 -13.08
N PHE F 107 28.14 -10.51 -13.01
CA PHE F 107 27.68 -11.77 -12.49
C PHE F 107 26.53 -12.32 -13.34
N THR F 108 26.74 -13.50 -13.90
CA THR F 108 25.66 -14.15 -14.68
C THR F 108 25.08 -15.33 -13.92
N VAL F 109 23.78 -15.31 -13.70
CA VAL F 109 23.14 -16.39 -12.96
C VAL F 109 21.88 -16.83 -13.68
N THR F 110 21.46 -18.06 -13.44
CA THR F 110 20.25 -18.59 -14.07
C THR F 110 19.32 -19.15 -13.00
N PRO F 111 18.10 -18.61 -12.92
CA PRO F 111 17.06 -19.10 -12.00
C PRO F 111 16.77 -20.54 -12.32
N LYS F 112 16.58 -21.39 -11.31
CA LYS F 112 16.29 -22.80 -11.56
C LYS F 112 14.80 -23.11 -11.39
N SER F 113 14.05 -22.14 -10.90
CA SER F 113 12.62 -22.28 -10.69
C SER F 113 11.95 -21.04 -11.24
N SER F 114 10.75 -21.20 -11.79
CA SER F 114 10.03 -20.05 -12.30
C SER F 114 9.32 -19.31 -11.18
N GLY F 115 9.39 -17.99 -11.22
CA GLY F 115 8.75 -17.18 -10.20
C GLY F 115 9.53 -17.01 -8.91
N SER F 116 10.73 -17.60 -8.84
CA SER F 116 11.56 -17.42 -7.66
C SER F 116 12.08 -15.99 -7.50
N PHE F 118 15.93 -13.91 -6.30
CA PHE F 118 17.27 -13.98 -5.79
C PHE F 118 17.39 -13.04 -4.61
N LEU F 119 17.95 -13.55 -3.52
CA LEU F 119 18.35 -12.72 -2.39
C LEU F 119 19.80 -12.30 -2.68
N VAL F 120 20.01 -11.02 -2.92
CA VAL F 120 21.33 -10.52 -3.33
C VAL F 120 22.05 -9.83 -2.18
N SER F 121 23.31 -10.18 -1.98
CA SER F 121 24.10 -9.51 -0.95
C SER F 121 25.45 -9.09 -1.48
N ALA F 122 25.69 -7.79 -1.53
CA ALA F 122 26.99 -7.31 -1.91
C ALA F 122 27.68 -6.79 -0.66
N ASP F 123 28.83 -7.37 -0.32
CA ASP F 123 29.56 -6.91 0.84
C ASP F 123 30.97 -6.49 0.46
N ILE F 124 31.12 -5.20 0.24
CA ILE F 124 32.26 -4.67 -0.45
C ILE F 124 33.12 -3.89 0.51
N ILE F 125 34.32 -4.40 0.73
CA ILE F 125 35.32 -3.69 1.50
C ILE F 125 35.75 -2.46 0.71
N ALA F 126 35.60 -1.27 1.31
CA ALA F 126 35.85 -0.01 0.63
C ALA F 126 36.53 1.05 1.50
N SER F 127 37.21 2.00 0.85
CA SER F 127 37.96 3.06 1.50
C SER F 127 37.84 4.32 0.66
N ARG F 128 37.62 5.44 1.33
CA ARG F 128 37.73 6.74 0.70
C ARG F 128 38.02 7.72 1.83
N GLU F 130 37.01 10.47 4.29
CA GLU F 130 35.75 10.83 4.95
C GLU F 130 34.58 11.08 4.02
N GLY F 131 33.69 10.10 3.91
CA GLY F 131 32.49 10.32 3.11
C GLY F 131 31.67 9.11 2.77
N GLY F 132 30.71 9.34 1.89
CA GLY F 132 29.73 8.34 1.52
C GLY F 132 30.17 7.54 0.33
N VAL F 133 29.76 6.28 0.32
CA VAL F 133 30.03 5.37 -0.77
C VAL F 133 28.68 4.92 -1.29
N VAL F 134 28.52 4.91 -2.60
CA VAL F 134 27.26 4.45 -3.20
C VAL F 134 27.46 3.15 -3.98
N LEU F 135 26.52 2.23 -3.83
CA LEU F 135 26.57 0.96 -4.54
C LEU F 135 25.31 0.78 -5.39
N ALA F 136 25.48 0.30 -6.62
CA ALA F 136 24.36 0.13 -7.54
C ALA F 136 24.45 -1.20 -8.27
N LEU F 137 23.37 -1.97 -8.18
CA LEU F 137 23.25 -3.22 -8.91
C LEU F 137 22.45 -2.88 -10.16
N VAL F 138 22.93 -3.28 -11.32
CA VAL F 138 22.22 -3.00 -12.57
C VAL F 138 21.96 -4.28 -13.35
N ARG F 139 20.72 -4.44 -13.79
CA ARG F 139 20.32 -5.61 -14.56
C ARG F 139 20.55 -5.31 -16.03
N GLU F 140 21.34 -6.15 -16.70
CA GLU F 140 21.59 -6.00 -18.13
C GLU F 140 20.29 -5.86 -18.94
N GLY F 141 20.17 -4.77 -19.69
CA GLY F 141 18.95 -4.51 -20.42
C GLY F 141 18.02 -3.50 -19.76
N ASP F 142 18.32 -3.10 -18.53
CA ASP F 142 17.56 -2.03 -17.88
C ASP F 142 18.18 -0.69 -18.24
N SER F 143 17.43 0.38 -18.03
CA SER F 143 17.95 1.71 -18.34
C SER F 143 18.62 2.33 -17.12
N LYS F 144 18.37 1.74 -15.95
CA LYS F 144 18.86 2.30 -14.70
C LYS F 144 18.95 1.21 -13.62
N PRO F 145 19.63 1.48 -12.48
CA PRO F 145 19.81 0.43 -11.47
C PRO F 145 18.51 -0.11 -10.90
N CYS F 146 18.53 -1.34 -10.40
CA CYS F 146 17.35 -1.93 -9.79
C CYS F 146 17.51 -1.95 -8.29
N ALA F 147 18.71 -1.63 -7.81
CA ALA F 147 18.94 -1.45 -6.37
C ALA F 147 20.09 -0.49 -6.15
N ILE F 148 19.89 0.43 -5.22
CA ILE F 148 20.92 1.38 -4.82
C ILE F 148 21.16 1.35 -3.30
N SER F 149 22.41 1.25 -2.89
CA SER F 149 22.71 1.26 -1.47
C SER F 149 23.79 2.29 -1.12
N TYR F 150 24.03 2.43 0.17
CA TYR F 150 24.93 3.49 0.66
C TYR F 150 25.75 2.95 1.80
N GLY F 151 27.02 3.34 1.79
CA GLY F 151 27.97 2.95 2.81
C GLY F 151 28.78 4.17 3.20
N TYR F 152 29.84 3.95 3.98
CA TYR F 152 30.60 5.04 4.59
C TYR F 152 32.03 4.61 4.87
N SER F 153 32.97 5.53 4.66
CA SER F 153 34.32 5.31 5.14
C SER F 153 34.84 6.59 5.79
N SER F 154 35.66 6.46 6.83
CA SER F 154 36.29 7.60 7.49
C SER F 154 37.69 7.91 6.94
N GLY F 155 38.16 7.05 6.04
CA GLY F 155 39.52 7.08 5.53
C GLY F 155 40.09 5.70 5.76
N VAL F 156 39.43 4.98 6.66
CA VAL F 156 39.84 3.68 7.13
C VAL F 156 38.90 2.69 6.45
N PRO F 157 39.41 1.52 6.06
CA PRO F 157 38.55 0.66 5.25
C PRO F 157 37.37 0.12 6.07
N ASN F 158 36.23 -0.01 5.41
CA ASN F 158 34.99 -0.37 6.04
C ASN F 158 34.14 -1.22 5.09
N LEU F 159 33.35 -2.13 5.64
CA LEU F 159 32.45 -2.90 4.79
C LEU F 159 31.27 -2.02 4.35
N CYS F 160 31.04 -1.95 3.03
CA CYS F 160 29.88 -1.27 2.46
C CYS F 160 28.98 -2.31 1.81
N SER F 161 27.68 -2.22 2.07
CA SER F 161 26.77 -3.30 1.73
C SER F 161 25.59 -2.89 0.89
N LEU F 162 25.12 -3.82 0.08
CA LEU F 162 23.87 -3.71 -0.67
C LEU F 162 23.08 -5.00 -0.46
N ARG F 163 21.83 -4.85 -0.04
CA ARG F 163 20.93 -5.96 0.12
C ARG F 163 19.67 -5.71 -0.69
N THR F 164 19.27 -6.68 -1.47
CA THR F 164 18.04 -6.52 -2.21
C THR F 164 17.52 -7.87 -2.62
N SER F 165 16.29 -7.90 -3.10
CA SER F 165 15.85 -9.11 -3.73
C SER F 165 15.22 -8.81 -5.07
N ILE F 166 15.54 -9.66 -6.04
CA ILE F 166 15.05 -9.47 -7.40
C ILE F 166 14.08 -10.59 -7.80
N THR F 167 12.95 -10.20 -8.39
CA THR F 167 11.97 -11.17 -8.86
C THR F 167 12.47 -11.76 -10.16
N ASN F 168 12.46 -13.10 -10.26
CA ASN F 168 12.90 -13.78 -11.47
C ASN F 168 11.71 -14.03 -12.37
N THR F 169 11.94 -13.96 -13.67
CA THR F 169 10.85 -14.09 -14.63
C THR F 169 10.86 -15.47 -15.28
N GLY F 170 11.84 -15.74 -16.13
CA GLY F 170 11.96 -17.06 -16.74
C GLY F 170 13.12 -17.90 -16.22
N LEU F 171 13.54 -18.89 -17.00
CA LEU F 171 14.68 -19.73 -16.63
C LEU F 171 15.88 -19.42 -17.52
N THR F 172 15.91 -18.22 -18.06
CA THR F 172 17.01 -17.78 -18.93
C THR F 172 18.10 -17.07 -18.13
N PRO F 173 19.37 -17.31 -18.49
CA PRO F 173 20.50 -16.69 -17.79
C PRO F 173 20.49 -15.17 -17.89
N THR F 174 20.78 -14.49 -16.78
CA THR F 174 20.69 -13.04 -16.71
C THR F 174 21.98 -12.50 -16.11
N THR F 175 22.43 -11.34 -16.60
CA THR F 175 23.69 -10.77 -16.11
C THR F 175 23.46 -9.49 -15.32
N TYR F 176 24.10 -9.40 -14.17
CA TYR F 176 24.01 -8.21 -13.34
C TYR F 176 25.42 -7.69 -13.18
N SER F 177 25.54 -6.43 -12.83
CA SER F 177 26.83 -5.87 -12.52
C SER F 177 26.70 -4.91 -11.34
N LEU F 178 27.73 -4.85 -10.53
CA LEU F 178 27.75 -4.01 -9.34
C LEU F 178 28.59 -2.76 -9.58
N ARG F 179 28.00 -1.59 -9.37
CA ARG F 179 28.72 -0.32 -9.50
C ARG F 179 28.98 0.35 -8.15
N VAL F 180 30.20 0.84 -7.96
CA VAL F 180 30.58 1.55 -6.75
C VAL F 180 31.22 2.89 -7.10
N GLY F 181 30.83 3.93 -6.37
CA GLY F 181 31.42 5.24 -6.52
C GLY F 181 31.14 6.14 -5.33
N GLY F 182 31.79 7.30 -5.31
CA GLY F 182 31.61 8.22 -4.20
C GLY F 182 30.28 8.94 -4.28
N LEU F 183 29.67 9.18 -3.12
CA LEU F 183 28.46 9.97 -3.11
C LEU F 183 28.80 11.42 -3.46
N GLU F 184 28.46 11.84 -4.68
CA GLU F 184 28.60 13.22 -5.12
C GLU F 184 30.03 13.74 -5.27
N SER F 185 30.95 13.26 -4.43
CA SER F 185 32.34 13.66 -4.56
C SER F 185 33.26 12.59 -3.99
N GLY F 186 34.52 12.62 -4.40
CA GLY F 186 35.55 11.81 -3.77
C GLY F 186 35.92 10.59 -4.57
N VAL F 187 36.98 9.91 -4.15
CA VAL F 187 37.43 8.74 -4.83
C VAL F 187 37.27 7.57 -3.88
N VAL F 188 36.63 6.50 -4.33
CA VAL F 188 36.52 5.30 -3.51
C VAL F 188 37.43 4.17 -4.02
N TRP F 189 38.18 3.54 -3.12
CA TRP F 189 38.94 2.34 -3.47
C TRP F 189 38.27 1.10 -2.90
N VAL F 190 38.15 0.06 -3.72
CA VAL F 190 37.59 -1.20 -3.28
C VAL F 190 38.70 -2.21 -2.99
N ASN F 191 38.59 -2.92 -1.87
CA ASN F 191 39.58 -3.91 -1.47
C ASN F 191 40.96 -3.31 -1.19
N ALA F 192 41.01 -2.02 -0.91
CA ALA F 192 42.29 -1.40 -0.66
C ALA F 192 42.14 -0.19 0.24
N LEU F 193 43.27 0.22 0.84
CA LEU F 193 43.38 1.50 1.56
C LEU F 193 43.06 2.64 0.64
N SER F 194 42.85 3.82 1.20
CA SER F 194 42.39 4.95 0.39
C SER F 194 43.46 5.48 -0.55
N ASN F 195 44.65 4.91 -0.48
CA ASN F 195 45.72 5.30 -1.38
C ASN F 195 45.98 4.21 -2.42
N GLY F 196 45.30 3.08 -2.28
CA GLY F 196 45.44 1.98 -3.21
C GLY F 196 46.33 0.84 -2.72
N ASN F 197 46.84 0.92 -1.51
CA ASN F 197 47.67 -0.17 -0.99
C ASN F 197 46.85 -1.28 -0.34
N ASP F 198 47.47 -2.44 -0.17
CA ASP F 198 46.85 -3.57 0.49
C ASP F 198 46.55 -3.30 1.97
N ILE F 199 45.29 -3.43 2.34
CA ILE F 199 44.89 -3.39 3.74
C ILE F 199 45.60 -4.49 4.51
N LEU F 200 46.33 -4.11 5.55
CA LEU F 200 47.14 -5.06 6.31
C LEU F 200 48.11 -5.87 5.44
N GLY F 201 48.44 -5.33 4.27
CA GLY F 201 49.41 -5.94 3.38
C GLY F 201 49.04 -7.29 2.76
N ILE F 202 47.77 -7.67 2.79
CA ILE F 202 47.38 -8.91 2.13
C ILE F 202 46.29 -8.63 1.13
N THR F 203 45.93 -9.61 0.32
CA THR F 203 44.78 -9.43 -0.56
C THR F 203 43.51 -9.67 0.25
N ASN F 204 42.51 -8.83 -0.02
CA ASN F 204 41.25 -8.91 0.66
C ASN F 204 40.14 -9.29 -0.29
N THR F 205 39.09 -9.88 0.26
CA THR F 205 38.04 -10.47 -0.55
C THR F 205 36.71 -9.81 -0.25
N SER F 206 36.12 -9.19 -1.26
CA SER F 206 34.75 -8.73 -1.17
C SER F 206 33.83 -9.82 -1.74
N ASN F 207 32.55 -9.85 -1.33
CA ASN F 207 31.65 -10.87 -1.86
C ASN F 207 30.35 -10.34 -2.45
N VAL F 208 29.87 -10.99 -3.51
CA VAL F 208 28.52 -10.76 -3.98
C VAL F 208 27.88 -12.11 -4.17
N SER F 209 26.69 -12.28 -3.61
CA SER F 209 26.04 -13.57 -3.68
C SER F 209 24.56 -13.45 -4.06
N PHE F 210 24.08 -14.48 -4.76
CA PHE F 210 22.69 -14.58 -5.17
C PHE F 210 22.15 -15.90 -4.64
N LEU F 211 21.22 -15.81 -3.69
CA LEU F 211 20.57 -17.00 -3.18
C LEU F 211 19.16 -17.08 -3.72
N GLU F 212 18.86 -18.14 -4.45
CA GLU F 212 17.52 -18.31 -5.00
C GLU F 212 16.58 -18.82 -3.91
N VAL F 213 15.52 -18.07 -3.66
CA VAL F 213 14.58 -18.41 -2.61
C VAL F 213 13.19 -18.39 -3.23
N ILE F 214 12.25 -19.04 -2.56
CA ILE F 214 10.87 -19.08 -3.02
C ILE F 214 9.99 -18.15 -2.18
N PRO F 215 9.39 -17.14 -2.83
CA PRO F 215 8.75 -16.03 -2.10
C PRO F 215 7.28 -16.28 -1.75
N GLN F 216 6.94 -15.85 -0.55
CA GLN F 216 5.57 -15.74 -0.10
C GLN F 216 5.10 -14.37 -0.60
N THR F 217 4.00 -14.33 -1.32
CA THR F 217 3.44 -13.05 -1.75
C THR F 217 2.59 -12.43 -0.65
N GLY G 2 9.16 -28.46 22.55
CA GLY G 2 9.78 -29.70 22.97
C GLY G 2 10.63 -29.29 24.16
N ASN G 3 10.71 -27.99 24.44
CA ASN G 3 11.49 -27.46 25.57
C ASN G 3 10.64 -27.02 26.78
N SER G 4 11.20 -27.19 27.98
CA SER G 4 10.50 -26.84 29.19
C SER G 4 11.46 -26.67 30.37
N GLY G 5 10.98 -26.04 31.44
CA GLY G 5 11.76 -25.83 32.63
C GLY G 5 11.46 -24.50 33.30
N PHE G 6 12.51 -23.78 33.66
CA PHE G 6 12.41 -22.55 34.41
C PHE G 6 13.39 -21.56 33.82
N TYR G 7 13.00 -20.30 33.75
CA TYR G 7 13.86 -19.25 33.26
C TYR G 7 13.51 -17.93 33.95
N LEU G 8 14.45 -16.98 33.87
CA LEU G 8 14.25 -15.66 34.42
C LEU G 8 13.79 -14.67 33.34
N TYR G 9 12.65 -14.06 33.56
CA TYR G 9 12.13 -13.04 32.65
C TYR G 9 12.07 -11.74 33.45
N ASN G 10 12.90 -10.78 33.09
CA ASN G 10 13.13 -9.61 33.94
C ASN G 10 13.55 -10.06 35.34
N THR G 11 12.74 -9.77 36.36
CA THR G 11 13.08 -10.26 37.69
C THR G 11 12.23 -11.45 38.09
N GLU G 12 11.38 -11.90 37.17
CA GLU G 12 10.43 -12.98 37.43
C GLU G 12 11.00 -14.37 37.12
N ASN G 13 11.05 -15.22 38.14
CA ASN G 13 11.44 -16.63 37.96
C ASN G 13 10.22 -17.45 37.50
N CYS G 14 10.17 -17.76 36.20
CA CYS G 14 8.98 -18.36 35.57
C CYS G 14 9.14 -19.81 35.17
N VAL G 15 8.03 -20.53 35.19
CA VAL G 15 8.00 -21.87 34.60
C VAL G 15 7.61 -21.73 33.12
N PHE G 16 8.18 -22.58 32.26
CA PHE G 16 7.77 -22.58 30.84
C PHE G 16 7.68 -23.99 30.30
N ALA G 17 6.77 -24.20 29.36
CA ALA G 17 6.53 -25.52 28.77
C ALA G 17 5.64 -25.37 27.55
N ASP G 18 5.48 -26.44 26.77
CA ASP G 18 4.56 -26.40 25.63
C ASP G 18 3.11 -26.39 26.07
N ASN G 19 2.81 -27.02 27.20
CA ASN G 19 1.43 -27.13 27.65
C ASN G 19 1.45 -27.56 29.09
N ILE G 20 0.28 -27.65 29.70
CA ILE G 20 0.19 -27.90 31.14
C ILE G 20 -0.98 -28.81 31.46
N LYS G 21 -0.79 -29.67 32.45
CA LYS G 21 -1.84 -30.55 32.91
C LYS G 21 -1.77 -30.61 34.42
N VAL G 22 -2.77 -30.06 35.09
CA VAL G 22 -2.80 -30.15 36.54
C VAL G 22 -4.07 -30.75 37.09
N GLY G 23 -3.99 -31.26 38.32
CA GLY G 23 -5.14 -31.74 39.05
C GLY G 23 -5.86 -32.92 38.41
N GLN G 24 -7.16 -32.75 38.22
CA GLN G 24 -8.00 -33.81 37.73
C GLN G 24 -7.91 -33.98 36.22
N THR G 26 -6.89 -35.03 32.58
CA THR G 26 -6.27 -36.24 32.07
C THR G 26 -5.48 -36.04 30.77
N GLU G 27 -5.61 -34.85 30.19
CA GLU G 27 -4.76 -34.44 29.09
C GLU G 27 -4.34 -33.00 29.37
N PRO G 28 -3.31 -32.51 28.65
CA PRO G 28 -3.01 -31.07 28.78
C PRO G 28 -4.17 -30.21 28.24
N LEU G 29 -4.08 -28.88 28.37
CA LEU G 29 -5.15 -27.97 27.92
C LEU G 29 -5.50 -28.13 26.45
N LYS G 30 -6.78 -28.38 26.17
CA LYS G 30 -7.26 -28.52 24.81
C LYS G 30 -8.11 -27.31 24.37
N ASP G 31 -8.71 -27.41 23.18
CA ASP G 31 -9.38 -26.26 22.57
C ASP G 31 -10.40 -25.52 23.48
N GLN G 32 -10.17 -24.22 23.67
CA GLN G 32 -11.02 -23.35 24.49
C GLN G 32 -11.12 -23.70 25.97
N GLN G 33 -10.19 -24.51 26.48
CA GLN G 33 -10.23 -24.87 27.89
C GLN G 33 -9.45 -23.90 28.74
N ILE G 34 -9.91 -23.71 29.97
CA ILE G 34 -9.16 -22.93 30.94
C ILE G 34 -8.91 -23.76 32.17
N ILE G 35 -7.90 -23.38 32.97
CA ILE G 35 -7.67 -24.06 34.23
C ILE G 35 -8.60 -23.50 35.30
N LEU G 36 -9.34 -24.36 35.98
CA LEU G 36 -10.33 -23.91 36.96
C LEU G 36 -10.23 -24.70 38.25
N GLY G 37 -10.02 -24.00 39.35
CA GLY G 37 -9.93 -24.63 40.66
C GLY G 37 -11.25 -25.13 41.24
N THR G 38 -11.13 -26.00 42.24
CA THR G 38 -12.19 -26.89 42.67
C THR G 38 -12.00 -27.00 44.17
N LYS G 39 -12.88 -27.71 44.86
CA LYS G 39 -12.68 -28.00 46.28
C LYS G 39 -11.41 -28.82 46.52
N SER G 40 -11.10 -29.74 45.61
CA SER G 40 -9.81 -30.43 45.65
C SER G 40 -8.79 -29.79 44.69
N THR G 41 -8.56 -30.42 43.55
CA THR G 41 -7.52 -29.99 42.63
C THR G 41 -8.17 -29.48 41.35
N PRO G 42 -7.42 -28.75 40.50
CA PRO G 42 -8.12 -28.07 39.41
C PRO G 42 -8.62 -28.99 38.31
N VAL G 43 -9.32 -28.39 37.37
CA VAL G 43 -10.09 -29.12 36.39
C VAL G 43 -10.00 -28.32 35.06
N ALA G 44 -10.07 -28.99 33.92
CA ALA G 44 -10.17 -28.26 32.64
C ALA G 44 -11.61 -27.83 32.37
N ALA G 45 -11.84 -26.54 32.19
CA ALA G 45 -13.23 -26.05 31.99
C ALA G 45 -13.40 -25.28 30.69
N LYS G 46 -14.62 -25.24 30.17
CA LYS G 46 -14.91 -24.39 29.01
C LYS G 46 -15.82 -23.25 29.44
N THR G 48 -18.97 -20.78 28.69
CA THR G 48 -20.17 -20.81 27.88
C THR G 48 -21.07 -19.63 28.16
N ALA G 49 -21.77 -19.21 27.13
CA ALA G 49 -22.78 -18.17 27.29
C ALA G 49 -24.15 -18.77 27.01
N SER G 50 -25.17 -18.19 27.63
CA SER G 50 -26.54 -18.53 27.33
C SER G 50 -27.36 -17.25 27.46
N ASP G 51 -28.68 -17.39 27.27
CA ASP G 51 -29.67 -16.38 27.63
C ASP G 51 -29.24 -14.91 27.56
N GLY G 52 -29.01 -14.41 26.35
CA GLY G 52 -28.73 -13.00 26.15
C GLY G 52 -27.26 -12.62 26.09
N ILE G 53 -26.39 -13.52 26.56
CA ILE G 53 -24.96 -13.24 26.59
C ILE G 53 -24.21 -13.72 25.34
N SER G 54 -23.38 -12.84 24.78
CA SER G 54 -22.50 -13.21 23.70
C SER G 54 -21.10 -13.55 24.21
N LEU G 55 -20.56 -14.66 23.73
CA LEU G 55 -19.21 -15.08 24.13
C LEU G 55 -18.36 -15.26 22.88
N THR G 56 -17.27 -14.53 22.77
CA THR G 56 -16.48 -14.62 21.55
C THR G 56 -15.03 -14.97 21.84
N VAL G 57 -14.70 -16.24 21.67
CA VAL G 57 -13.32 -16.69 21.82
C VAL G 57 -12.58 -16.52 20.51
N SER G 58 -11.50 -15.76 20.57
CA SER G 58 -10.59 -15.66 19.44
C SER G 58 -9.26 -16.32 19.77
N ASN G 59 -9.06 -17.54 19.26
CA ASN G 59 -7.74 -18.15 19.18
C ASN G 59 -7.06 -17.63 17.92
N ASN G 60 -6.69 -18.57 17.05
CA ASN G 60 -6.16 -18.30 15.70
C ASN G 60 -5.01 -17.30 15.59
N SER G 61 -4.44 -16.92 16.73
CA SER G 61 -3.34 -15.95 16.76
C SER G 61 -2.67 -16.05 18.11
N SER G 62 -1.38 -16.30 18.12
CA SER G 62 -0.62 -16.33 19.36
C SER G 62 -0.77 -14.97 20.03
N THR G 63 -0.68 -13.91 19.23
CA THR G 63 -0.48 -12.58 19.76
C THR G 63 -1.77 -11.78 20.04
N ASN G 64 -2.79 -11.91 19.20
CA ASN G 64 -4.03 -11.17 19.43
C ASN G 64 -5.15 -11.99 20.05
N ALA G 65 -4.81 -13.01 20.84
CA ALA G 65 -5.85 -13.87 21.41
C ALA G 65 -6.68 -13.15 22.45
N SER G 66 -7.98 -13.41 22.45
CA SER G 66 -8.89 -12.74 23.37
C SER G 66 -10.17 -13.50 23.60
N ILE G 67 -10.78 -13.25 24.75
CA ILE G 67 -12.12 -13.74 25.05
C ILE G 67 -12.95 -12.53 25.44
N THR G 68 -14.03 -12.30 24.70
CA THR G 68 -14.82 -11.08 24.91
C THR G 68 -16.24 -11.42 25.30
N ILE G 69 -16.72 -10.75 26.34
CA ILE G 69 -18.06 -11.00 26.83
C ILE G 69 -18.95 -9.79 26.54
N GLY G 70 -20.03 -10.00 25.79
CA GLY G 70 -20.94 -8.93 25.45
C GLY G 70 -22.39 -9.38 25.47
N LEU G 71 -23.30 -8.46 25.21
CA LEU G 71 -24.70 -8.82 24.98
C LEU G 71 -24.85 -9.29 23.54
N LEU G 72 -25.79 -10.18 23.28
CA LEU G 72 -26.08 -10.56 21.88
C LEU G 72 -26.67 -9.38 21.12
N LYS G 73 -26.57 -9.44 19.80
CA LYS G 73 -27.21 -8.43 18.97
C LYS G 73 -28.73 -8.69 18.97
N ALA G 74 -29.43 -8.01 19.87
CA ALA G 74 -30.81 -8.34 20.23
C ALA G 74 -31.88 -7.56 19.46
N PHE G 75 -31.49 -6.43 18.88
CA PHE G 75 -32.46 -5.46 18.40
C PHE G 75 -32.45 -5.35 16.89
N ASN G 76 -33.63 -5.42 16.28
CA ASN G 76 -33.76 -5.29 14.83
C ASN G 76 -34.76 -4.19 14.54
N ASN G 77 -34.35 -3.17 13.80
CA ASN G 77 -35.28 -2.13 13.40
C ASN G 77 -35.56 -2.11 11.90
N PHE G 78 -36.83 -1.98 11.54
CA PHE G 78 -37.24 -1.89 10.15
C PHE G 78 -38.05 -0.62 9.88
N PRO G 79 -37.35 0.43 9.43
CA PRO G 79 -38.09 1.64 9.06
C PRO G 79 -38.91 1.43 7.79
N ILE G 80 -40.07 2.06 7.70
CA ILE G 80 -40.93 1.97 6.51
C ILE G 80 -41.27 3.39 6.07
N THR G 81 -40.80 3.80 4.90
CA THR G 81 -40.99 5.17 4.47
C THR G 81 -41.76 5.29 3.17
N ASN G 82 -42.14 4.17 2.58
CA ASN G 82 -42.95 4.21 1.37
C ASN G 82 -44.37 4.70 1.66
N LYS G 83 -44.92 5.49 0.74
CA LYS G 83 -46.35 5.78 0.77
C LYS G 83 -47.05 4.60 0.12
N ILE G 84 -47.97 3.99 0.87
CA ILE G 84 -48.65 2.78 0.40
C ILE G 84 -50.16 2.85 0.57
N GLN G 85 -50.89 2.51 -0.49
CA GLN G 85 -52.34 2.51 -0.41
C GLN G 85 -52.82 1.12 -0.03
N CYS G 86 -53.59 1.04 1.06
CA CYS G 86 -54.07 -0.25 1.53
C CYS G 86 -55.56 -0.46 1.24
N ASN G 87 -55.83 -1.16 0.13
CA ASN G 87 -57.20 -1.39 -0.34
C ASN G 87 -57.75 -2.68 0.21
N GLY G 88 -56.86 -3.51 0.74
CA GLY G 88 -57.23 -4.80 1.28
C GLY G 88 -57.95 -4.58 2.59
N LEU G 89 -59.21 -4.98 2.65
CA LEU G 89 -60.00 -4.80 3.83
C LEU G 89 -59.68 -5.90 4.82
N PHE G 90 -59.79 -5.61 6.10
CA PHE G 90 -59.98 -6.68 7.05
C PHE G 90 -61.48 -6.88 7.31
N THR G 91 -61.92 -8.13 7.20
CA THR G 91 -63.32 -8.51 7.29
C THR G 91 -63.42 -9.79 8.11
N PRO G 92 -64.61 -10.10 8.64
CA PRO G 92 -64.78 -11.34 9.42
C PRO G 92 -64.41 -12.62 8.67
N SER G 93 -64.54 -12.64 7.34
CA SER G 93 -64.22 -13.84 6.58
C SER G 93 -62.75 -13.96 6.21
N ASN G 94 -62.03 -12.85 6.15
CA ASN G 94 -60.59 -12.98 5.84
C ASN G 94 -59.65 -12.80 7.04
N ILE G 95 -60.18 -12.39 8.19
CA ILE G 95 -59.31 -12.03 9.32
C ILE G 95 -58.41 -13.19 9.70
N GLU G 96 -58.92 -14.40 9.66
CA GLU G 96 -58.11 -15.56 10.01
C GLU G 96 -57.57 -16.29 8.77
N THR G 97 -57.19 -15.51 7.77
CA THR G 97 -56.52 -16.06 6.61
C THR G 97 -55.20 -15.34 6.45
N LEU G 98 -54.63 -15.42 5.25
CA LEU G 98 -53.48 -14.62 4.90
C LEU G 98 -53.89 -13.47 4.01
N LEU G 99 -55.19 -13.37 3.72
CA LEU G 99 -55.66 -12.51 2.64
C LEU G 99 -56.08 -11.11 3.04
N GLY G 100 -56.10 -10.83 4.34
CA GLY G 100 -56.58 -9.54 4.82
C GLY G 100 -55.57 -8.44 4.65
N GLY G 101 -56.04 -7.21 4.44
CA GLY G 101 -55.15 -6.07 4.41
C GLY G 101 -54.14 -6.14 3.29
N THR G 102 -53.19 -5.21 3.32
CA THR G 102 -52.16 -5.05 2.32
C THR G 102 -50.79 -5.11 3.01
N GLU G 103 -49.88 -5.92 2.48
CA GLU G 103 -48.52 -5.95 3.01
C GLU G 103 -47.82 -4.60 2.88
N ILE G 104 -47.23 -4.13 3.97
CA ILE G 104 -46.49 -2.88 3.92
C ILE G 104 -45.02 -3.07 4.30
N GLY G 105 -44.68 -4.24 4.82
CA GLY G 105 -43.29 -4.57 5.07
C GLY G 105 -43.05 -6.06 5.29
N LYS G 106 -41.85 -6.52 4.93
CA LYS G 106 -41.35 -7.85 5.24
C LYS G 106 -40.12 -7.67 6.11
N PHE G 107 -39.91 -8.55 7.08
CA PHE G 107 -38.79 -8.40 7.99
C PHE G 107 -38.23 -9.76 8.36
N THR G 108 -36.94 -9.96 8.14
CA THR G 108 -36.30 -11.22 8.48
C THR G 108 -35.46 -11.05 9.72
N VAL G 109 -35.73 -11.86 10.73
CA VAL G 109 -34.97 -11.80 11.97
C VAL G 109 -34.53 -13.19 12.43
N THR G 110 -33.41 -13.22 13.15
CA THR G 110 -32.86 -14.46 13.67
C THR G 110 -32.67 -14.32 15.16
N PRO G 111 -33.40 -15.12 15.94
CA PRO G 111 -33.21 -15.18 17.39
C PRO G 111 -31.81 -15.73 17.71
N LYS G 112 -31.21 -15.26 18.80
CA LYS G 112 -29.84 -15.65 19.16
C LYS G 112 -29.84 -16.49 20.43
N SER G 113 -30.99 -16.57 21.09
CA SER G 113 -31.11 -17.27 22.36
C SER G 113 -32.20 -18.32 22.32
N SER G 114 -31.95 -19.48 22.94
CA SER G 114 -32.97 -20.51 23.08
C SER G 114 -34.12 -20.02 23.96
N GLY G 115 -35.35 -20.30 23.56
CA GLY G 115 -36.49 -19.97 24.40
C GLY G 115 -36.72 -18.49 24.65
N SER G 116 -36.22 -17.64 23.75
CA SER G 116 -36.46 -16.21 23.89
C SER G 116 -37.78 -15.80 23.26
N PHE G 118 -39.54 -12.26 21.05
CA PHE G 118 -39.33 -10.97 20.43
C PHE G 118 -40.40 -10.03 20.93
N LEU G 119 -39.99 -8.89 21.50
CA LEU G 119 -40.93 -7.80 21.80
C LEU G 119 -41.13 -7.07 20.49
N VAL G 120 -42.32 -7.15 19.92
CA VAL G 120 -42.56 -6.51 18.62
C VAL G 120 -43.37 -5.25 18.77
N SER G 121 -42.89 -4.17 18.19
CA SER G 121 -43.63 -2.94 18.20
C SER G 121 -43.70 -2.40 16.79
N ALA G 122 -44.90 -2.25 16.28
CA ALA G 122 -45.09 -1.63 14.98
C ALA G 122 -45.81 -0.33 15.20
N ASP G 123 -45.25 0.74 14.65
CA ASP G 123 -45.81 2.07 14.81
C ASP G 123 -45.94 2.72 13.45
N ILE G 124 -47.16 2.62 12.95
CA ILE G 124 -47.47 2.94 11.57
C ILE G 124 -48.27 4.22 11.49
N ILE G 125 -47.77 5.17 10.71
CA ILE G 125 -48.48 6.38 10.43
C ILE G 125 -49.53 6.09 9.35
N ALA G 126 -50.81 6.27 9.68
CA ALA G 126 -51.85 5.92 8.73
C ALA G 126 -52.92 7.01 8.64
N SER G 127 -53.53 7.11 7.46
CA SER G 127 -54.64 8.03 7.20
C SER G 127 -55.77 7.27 6.52
N ARG G 128 -56.99 7.60 6.93
CA ARG G 128 -58.20 7.10 6.27
C ARG G 128 -59.33 8.06 6.64
N GLU G 130 -62.55 9.03 8.26
CA GLU G 130 -63.09 8.63 9.56
C GLU G 130 -63.43 7.15 9.68
N GLY G 131 -62.67 6.45 10.50
CA GLY G 131 -62.93 5.04 10.75
C GLY G 131 -61.72 4.30 11.29
N GLY G 132 -61.79 2.98 11.24
CA GLY G 132 -60.80 2.12 11.88
C GLY G 132 -59.78 1.47 10.96
N VAL G 133 -58.61 1.22 11.55
CA VAL G 133 -57.48 0.63 10.87
C VAL G 133 -57.15 -0.67 11.57
N VAL G 134 -56.81 -1.71 10.79
CA VAL G 134 -56.45 -2.98 11.38
C VAL G 134 -55.02 -3.32 11.01
N LEU G 135 -54.27 -3.91 11.95
CA LEU G 135 -52.91 -4.35 11.63
C LEU G 135 -52.74 -5.81 11.98
N ALA G 136 -52.10 -6.57 11.09
CA ALA G 136 -51.85 -7.98 11.34
C ALA G 136 -50.37 -8.30 11.09
N LEU G 137 -49.81 -9.08 11.99
CA LEU G 137 -48.45 -9.53 11.83
C LEU G 137 -48.53 -11.01 11.51
N VAL G 138 -47.85 -11.41 10.45
CA VAL G 138 -47.95 -12.78 9.96
C VAL G 138 -46.57 -13.37 9.87
N ARG G 139 -46.40 -14.56 10.45
CA ARG G 139 -45.17 -15.31 10.30
C ARG G 139 -45.25 -16.09 8.98
N GLU G 140 -44.29 -15.84 8.10
CA GLU G 140 -44.19 -16.55 6.83
C GLU G 140 -44.20 -18.05 7.11
N GLY G 141 -45.18 -18.74 6.55
CA GLY G 141 -45.33 -20.16 6.83
C GLY G 141 -46.63 -20.46 7.52
N ASP G 142 -47.04 -19.61 8.45
CA ASP G 142 -48.30 -19.78 9.14
C ASP G 142 -49.44 -19.60 8.14
N SER G 143 -50.66 -19.93 8.56
CA SER G 143 -51.83 -19.77 7.69
C SER G 143 -52.77 -18.63 8.11
N LYS G 144 -52.40 -17.92 9.18
CA LYS G 144 -53.16 -16.78 9.69
C LYS G 144 -52.26 -15.91 10.61
N PRO G 145 -52.69 -14.66 10.90
CA PRO G 145 -51.87 -13.74 11.69
C PRO G 145 -51.52 -14.23 13.10
N CYS G 146 -50.31 -13.96 13.58
CA CYS G 146 -49.98 -14.27 14.97
C CYS G 146 -50.19 -13.07 15.94
N ALA G 147 -50.67 -11.93 15.43
CA ALA G 147 -51.09 -10.80 16.24
C ALA G 147 -51.94 -9.83 15.43
N ILE G 148 -53.01 -9.33 16.02
CA ILE G 148 -53.88 -8.36 15.38
C ILE G 148 -54.09 -7.14 16.30
N SER G 149 -54.09 -5.94 15.73
CA SER G 149 -54.28 -4.74 16.52
C SER G 149 -55.13 -3.73 15.75
N TYR G 150 -55.44 -2.59 16.38
CA TYR G 150 -56.44 -1.68 15.85
C TYR G 150 -56.03 -0.25 16.10
N GLY G 151 -56.27 0.60 15.12
CA GLY G 151 -55.98 2.02 15.21
C GLY G 151 -57.13 2.83 14.61
N TYR G 152 -56.96 4.13 14.57
CA TYR G 152 -58.02 5.04 14.21
C TYR G 152 -57.44 6.23 13.46
N SER G 153 -58.16 6.72 12.46
CA SER G 153 -57.87 8.00 11.87
C SER G 153 -59.18 8.73 11.67
N SER G 154 -59.17 10.03 11.88
CA SER G 154 -60.36 10.84 11.64
C SER G 154 -60.29 11.51 10.26
N GLY G 155 -59.29 11.14 9.46
CA GLY G 155 -59.04 11.84 8.22
C GLY G 155 -57.60 12.31 8.18
N VAL G 156 -57.13 12.83 9.29
CA VAL G 156 -55.74 13.27 9.38
C VAL G 156 -54.87 12.10 9.85
N PRO G 157 -53.57 12.10 9.48
CA PRO G 157 -52.66 11.02 9.84
C PRO G 157 -52.58 10.81 11.35
N ASN G 158 -52.56 9.54 11.77
CA ASN G 158 -52.49 9.22 13.19
C ASN G 158 -51.65 7.98 13.38
N LEU G 159 -50.97 7.87 14.51
CA LEU G 159 -50.17 6.68 14.76
C LEU G 159 -51.04 5.48 15.06
N CYS G 160 -50.83 4.41 14.32
CA CYS G 160 -51.57 3.17 14.51
C CYS G 160 -50.59 2.10 14.91
N SER G 161 -50.87 1.43 16.01
CA SER G 161 -49.87 0.59 16.61
C SER G 161 -50.26 -0.86 16.83
N LEU G 162 -49.26 -1.71 16.82
CA LEU G 162 -49.40 -3.11 17.20
C LEU G 162 -48.26 -3.41 18.14
N ARG G 163 -48.58 -3.88 19.35
CA ARG G 163 -47.55 -4.41 20.23
C ARG G 163 -47.88 -5.84 20.55
N THR G 164 -46.89 -6.71 20.48
CA THR G 164 -47.08 -8.06 20.93
C THR G 164 -45.73 -8.67 21.33
N SER G 165 -45.78 -9.91 21.79
CA SER G 165 -44.57 -10.66 22.07
C SER G 165 -44.74 -11.98 21.35
N ILE G 166 -43.65 -12.47 20.77
CA ILE G 166 -43.67 -13.67 19.96
C ILE G 166 -42.69 -14.65 20.57
N THR G 167 -43.11 -15.89 20.77
CA THR G 167 -42.20 -16.92 21.27
C THR G 167 -41.40 -17.45 20.10
N ASN G 168 -40.09 -17.59 20.31
CA ASN G 168 -39.19 -18.10 19.28
C ASN G 168 -38.97 -19.59 19.44
N THR G 169 -38.93 -20.31 18.32
CA THR G 169 -38.85 -21.78 18.38
C THR G 169 -37.48 -22.37 18.02
N GLY G 170 -36.60 -21.57 17.44
CA GLY G 170 -35.27 -22.04 17.04
C GLY G 170 -34.28 -20.91 16.91
N LEU G 171 -33.16 -21.17 16.25
CA LEU G 171 -32.09 -20.18 16.13
C LEU G 171 -31.81 -19.89 14.67
N THR G 172 -32.82 -20.10 13.84
CA THR G 172 -32.72 -19.94 12.40
C THR G 172 -33.51 -18.69 11.98
N PRO G 173 -33.09 -18.03 10.88
CA PRO G 173 -33.77 -16.86 10.32
C PRO G 173 -35.27 -17.06 10.07
N THR G 174 -36.09 -16.12 10.54
CA THR G 174 -37.54 -16.19 10.31
C THR G 174 -38.08 -14.89 9.74
N THR G 175 -38.98 -15.01 8.76
CA THR G 175 -39.52 -13.85 8.09
C THR G 175 -40.95 -13.54 8.52
N TYR G 176 -41.17 -12.30 8.94
CA TYR G 176 -42.49 -11.81 9.35
C TYR G 176 -42.95 -10.76 8.35
N SER G 177 -44.27 -10.63 8.17
CA SER G 177 -44.80 -9.52 7.39
C SER G 177 -45.95 -8.82 8.11
N LEU G 178 -46.08 -7.53 7.82
CA LEU G 178 -47.11 -6.71 8.43
C LEU G 178 -48.10 -6.29 7.36
N ARG G 179 -49.38 -6.53 7.61
CA ARG G 179 -50.44 -6.11 6.71
C ARG G 179 -51.34 -5.07 7.37
N VAL G 180 -51.77 -4.10 6.57
CA VAL G 180 -52.58 -3.00 7.07
C VAL G 180 -53.80 -2.87 6.16
N GLY G 181 -54.96 -2.57 6.74
CA GLY G 181 -56.14 -2.33 5.92
C GLY G 181 -57.30 -1.74 6.72
N GLY G 182 -58.35 -1.34 6.02
CA GLY G 182 -59.55 -0.83 6.65
C GLY G 182 -60.26 -1.87 7.49
N LEU G 183 -60.84 -1.44 8.60
CA LEU G 183 -61.76 -2.28 9.36
C LEU G 183 -63.11 -2.34 8.61
N GLU G 184 -63.37 -3.47 7.96
CA GLU G 184 -64.60 -3.72 7.18
C GLU G 184 -64.88 -2.86 5.93
N SER G 185 -64.42 -1.61 5.90
CA SER G 185 -64.49 -0.78 4.71
C SER G 185 -63.53 0.40 4.78
N GLY G 186 -63.45 1.19 3.72
CA GLY G 186 -62.59 2.35 3.71
C GLY G 186 -61.22 2.02 3.16
N VAL G 187 -60.53 3.06 2.69
CA VAL G 187 -59.18 2.97 2.15
C VAL G 187 -58.18 3.57 3.15
N VAL G 188 -57.16 2.80 3.52
CA VAL G 188 -56.13 3.27 4.44
C VAL G 188 -54.83 3.59 3.71
N TRP G 189 -54.31 4.78 3.93
CA TRP G 189 -53.01 5.14 3.41
C TRP G 189 -51.96 5.09 4.52
N VAL G 190 -50.82 4.50 4.21
CA VAL G 190 -49.69 4.44 5.14
C VAL G 190 -48.62 5.43 4.73
N ASN G 191 -48.19 6.25 5.69
CA ASN G 191 -47.18 7.30 5.48
C ASN G 191 -47.63 8.39 4.49
N ALA G 192 -48.94 8.54 4.32
CA ALA G 192 -49.51 9.58 3.46
C ALA G 192 -50.78 10.21 4.02
N LEU G 193 -51.17 11.35 3.47
CA LEU G 193 -52.53 11.86 3.66
C LEU G 193 -53.57 10.91 3.05
N SER G 194 -54.85 11.18 3.32
CA SER G 194 -55.95 10.32 2.87
C SER G 194 -56.08 10.15 1.35
N ASN G 195 -55.54 11.10 0.59
CA ASN G 195 -55.51 11.02 -0.88
C ASN G 195 -54.15 10.60 -1.43
N GLY G 196 -53.21 10.29 -0.54
CA GLY G 196 -51.90 9.81 -0.95
C GLY G 196 -50.80 10.85 -1.03
N ASN G 197 -51.10 12.11 -0.72
CA ASN G 197 -50.06 13.13 -0.75
C ASN G 197 -49.14 13.07 0.47
N ASP G 198 -47.93 13.64 0.33
CA ASP G 198 -46.98 13.66 1.41
C ASP G 198 -47.56 14.43 2.59
N ILE G 199 -47.52 13.82 3.77
CA ILE G 199 -47.87 14.52 5.00
C ILE G 199 -46.86 15.61 5.27
N LEU G 200 -47.33 16.84 5.47
CA LEU G 200 -46.49 18.03 5.67
C LEU G 200 -45.50 18.22 4.53
N GLY G 201 -45.79 17.58 3.40
CA GLY G 201 -44.96 17.67 2.22
C GLY G 201 -43.60 16.99 2.36
N ILE G 202 -43.47 16.07 3.31
CA ILE G 202 -42.21 15.34 3.40
C ILE G 202 -42.45 13.85 3.37
N THR G 203 -41.36 13.10 3.36
CA THR G 203 -41.47 11.67 3.49
C THR G 203 -41.40 11.37 4.98
N ASN G 204 -42.28 10.49 5.44
CA ASN G 204 -42.37 10.21 6.85
C ASN G 204 -41.95 8.78 7.08
N THR G 205 -41.78 8.42 8.35
CA THR G 205 -41.21 7.13 8.69
C THR G 205 -42.06 6.39 9.73
N SER G 206 -42.51 5.20 9.38
CA SER G 206 -43.11 4.30 10.35
C SER G 206 -42.07 3.28 10.73
N ASN G 207 -42.21 2.69 11.92
CA ASN G 207 -41.22 1.73 12.39
C ASN G 207 -41.79 0.36 12.79
N VAL G 208 -41.04 -0.68 12.50
CA VAL G 208 -41.29 -1.98 13.09
C VAL G 208 -40.01 -2.43 13.75
N SER G 209 -40.09 -2.86 15.00
CA SER G 209 -38.90 -3.38 15.66
C SER G 209 -39.13 -4.68 16.42
N PHE G 210 -38.06 -5.45 16.54
CA PHE G 210 -38.04 -6.73 17.21
C PHE G 210 -36.92 -6.70 18.23
N LEU G 211 -37.29 -6.74 19.50
CA LEU G 211 -36.30 -6.73 20.56
C LEU G 211 -36.34 -8.11 21.23
N GLU G 212 -35.21 -8.81 21.14
CA GLU G 212 -35.13 -10.15 21.68
C GLU G 212 -34.92 -10.03 23.17
N VAL G 213 -35.82 -10.63 23.93
CA VAL G 213 -35.75 -10.57 25.39
C VAL G 213 -35.88 -11.96 26.01
N ILE G 214 -35.29 -12.14 27.20
CA ILE G 214 -35.37 -13.40 27.93
C ILE G 214 -36.54 -13.41 28.90
N PRO G 215 -37.53 -14.28 28.64
CA PRO G 215 -38.76 -14.19 29.43
C PRO G 215 -38.74 -15.05 30.68
N GLN G 216 -39.40 -14.57 31.73
CA GLN G 216 -39.80 -15.36 32.88
C GLN G 216 -41.11 -16.09 32.57
N THR G 217 -41.08 -17.42 32.51
CA THR G 217 -42.31 -18.20 32.30
C THR G 217 -42.61 -19.04 33.52
N GLY H 2 0.47 -37.43 44.73
CA GLY H 2 1.56 -36.48 44.84
C GLY H 2 2.73 -36.47 43.87
N ASN H 3 2.48 -36.60 42.58
CA ASN H 3 3.58 -36.52 41.59
C ASN H 3 3.55 -35.23 40.77
N SER H 4 4.74 -34.82 40.30
CA SER H 4 4.86 -33.63 39.49
C SER H 4 6.18 -33.59 38.72
N GLY H 5 6.24 -32.76 37.68
CA GLY H 5 7.43 -32.62 36.88
C GLY H 5 7.09 -32.19 35.48
N PHE H 6 7.90 -32.63 34.52
CA PHE H 6 7.56 -32.43 33.13
C PHE H 6 7.44 -33.79 32.45
N TYR H 7 6.48 -33.92 31.54
CA TYR H 7 6.33 -35.18 30.82
C TYR H 7 6.09 -34.93 29.35
N LEU H 8 6.22 -35.98 28.56
CA LEU H 8 5.90 -35.91 27.13
C LEU H 8 4.45 -36.31 26.87
N TYR H 9 3.67 -35.41 26.26
CA TYR H 9 2.36 -35.78 25.75
C TYR H 9 2.48 -35.67 24.24
N ASN H 10 2.62 -36.82 23.57
CA ASN H 10 3.03 -36.88 22.18
C ASN H 10 4.27 -36.04 21.92
N THR H 11 4.09 -34.97 21.17
CA THR H 11 5.22 -34.11 20.83
C THR H 11 5.35 -32.91 21.77
N GLU H 12 4.38 -32.75 22.67
CA GLU H 12 4.36 -31.59 23.57
C GLU H 12 5.15 -31.86 24.87
N ASN H 13 6.04 -30.95 25.24
CA ASN H 13 6.75 -31.06 26.50
C ASN H 13 6.00 -30.27 27.59
N CYS H 14 5.28 -30.97 28.47
CA CYS H 14 4.30 -30.33 29.37
C CYS H 14 4.68 -30.34 30.85
N VAL H 15 4.35 -29.29 31.59
CA VAL H 15 4.42 -29.38 33.05
C VAL H 15 3.23 -30.19 33.52
N PHE H 16 3.41 -30.94 34.60
CA PHE H 16 2.28 -31.57 35.28
C PHE H 16 2.47 -31.50 36.78
N ALA H 17 1.35 -31.41 37.49
CA ALA H 17 1.35 -31.29 38.95
C ALA H 17 -0.06 -31.47 39.46
N ASP H 18 -0.22 -31.71 40.77
CA ASP H 18 -1.55 -31.80 41.38
C ASP H 18 -2.25 -30.42 41.36
N ASN H 19 -1.48 -29.34 41.46
CA ASN H 19 -2.02 -27.99 41.49
C ASN H 19 -0.90 -26.99 41.16
N ILE H 20 -1.23 -25.70 41.19
CA ILE H 20 -0.30 -24.69 40.76
C ILE H 20 -0.44 -23.43 41.62
N LYS H 21 0.67 -22.81 41.96
CA LYS H 21 0.64 -21.52 42.64
C LYS H 21 1.59 -20.59 41.92
N VAL H 22 1.08 -19.50 41.38
CA VAL H 22 1.94 -18.56 40.66
C VAL H 22 1.68 -17.13 41.13
N GLY H 23 2.63 -16.24 40.89
CA GLY H 23 2.42 -14.83 41.14
C GLY H 23 2.15 -14.48 42.59
N GLN H 24 1.11 -13.67 42.79
CA GLN H 24 0.75 -13.17 44.11
C GLN H 24 -0.07 -14.19 44.89
N THR H 26 -1.08 -17.02 47.28
CA THR H 26 -0.37 -17.43 48.50
C THR H 26 -0.60 -18.90 48.79
N GLU H 27 -1.40 -19.53 47.95
CA GLU H 27 -1.69 -20.96 48.04
C GLU H 27 -2.23 -21.39 46.68
N PRO H 28 -2.24 -22.70 46.41
CA PRO H 28 -2.65 -23.17 45.07
C PRO H 28 -4.10 -22.80 44.69
N LEU H 29 -4.47 -23.09 43.44
CA LEU H 29 -5.80 -22.77 42.91
C LEU H 29 -6.87 -23.43 43.75
N LYS H 30 -7.82 -22.61 44.20
CA LYS H 30 -8.96 -23.11 44.96
C LYS H 30 -10.26 -22.98 44.17
N ASP H 31 -11.36 -23.37 44.82
CA ASP H 31 -12.65 -23.49 44.17
C ASP H 31 -13.07 -22.26 43.35
N GLN H 32 -13.30 -22.48 42.06
CA GLN H 32 -13.81 -21.45 41.14
C GLN H 32 -12.82 -20.34 40.79
N GLN H 33 -11.56 -20.51 41.16
CA GLN H 33 -10.55 -19.53 40.78
C GLN H 33 -9.91 -19.84 39.43
N ILE H 34 -9.51 -18.80 38.72
CA ILE H 34 -8.73 -18.94 37.51
C ILE H 34 -7.44 -18.14 37.68
N ILE H 35 -6.41 -18.51 36.93
CA ILE H 35 -5.18 -17.77 36.92
C ILE H 35 -5.37 -16.60 35.99
N LEU H 36 -5.13 -15.40 36.51
CA LEU H 36 -5.37 -14.17 35.75
C LEU H 36 -4.15 -13.27 35.82
N GLY H 37 -3.64 -12.86 34.66
CA GLY H 37 -2.50 -11.97 34.61
C GLY H 37 -2.81 -10.58 35.13
N THR H 38 -1.77 -9.86 35.57
CA THR H 38 -1.90 -8.47 35.95
C THR H 38 -0.77 -7.64 35.35
N LYS H 39 -0.71 -6.38 35.73
CA LYS H 39 0.41 -5.52 35.34
C LYS H 39 1.69 -5.95 36.07
N SER H 40 1.54 -6.85 37.04
CA SER H 40 2.67 -7.44 37.75
C SER H 40 2.72 -8.96 37.48
N THR H 41 2.59 -9.73 38.55
CA THR H 41 2.52 -11.18 38.44
C THR H 41 1.05 -11.58 38.61
N PRO H 42 0.70 -12.79 38.15
CA PRO H 42 -0.72 -13.19 38.16
C PRO H 42 -1.35 -13.37 39.53
N VAL H 43 -2.65 -13.54 39.46
CA VAL H 43 -3.51 -13.56 40.62
C VAL H 43 -4.49 -14.73 40.42
N ALA H 44 -5.00 -15.28 41.51
CA ALA H 44 -6.07 -16.27 41.41
C ALA H 44 -7.40 -15.52 41.51
N ALA H 45 -8.17 -15.46 40.43
CA ALA H 45 -9.41 -14.68 40.47
C ALA H 45 -10.65 -15.55 40.42
N LYS H 46 -11.61 -15.24 41.26
CA LYS H 46 -12.90 -15.91 41.21
C LYS H 46 -13.79 -15.08 40.30
N THR H 48 -17.32 -13.59 39.32
CA THR H 48 -18.48 -13.17 40.10
C THR H 48 -19.50 -12.42 39.24
N ALA H 49 -20.77 -12.50 39.61
CA ALA H 49 -21.80 -11.73 38.91
C ALA H 49 -22.35 -10.59 39.76
N SER H 50 -22.61 -9.46 39.11
CA SER H 50 -23.36 -8.39 39.77
C SER H 50 -24.64 -8.13 38.98
N ASP H 51 -24.79 -6.92 38.42
CA ASP H 51 -26.03 -6.43 37.79
C ASP H 51 -26.80 -7.45 36.99
N GLY H 52 -27.75 -8.15 37.60
CA GLY H 52 -28.62 -9.03 36.85
C GLY H 52 -27.90 -10.00 35.92
N ILE H 53 -26.72 -10.43 36.34
CA ILE H 53 -25.96 -11.42 35.60
C ILE H 53 -26.14 -12.79 36.25
N SER H 54 -26.18 -13.83 35.43
CA SER H 54 -26.27 -15.19 35.92
C SER H 54 -24.94 -15.89 35.66
N LEU H 55 -24.31 -16.35 36.74
CA LEU H 55 -23.03 -17.05 36.65
C LEU H 55 -23.22 -18.39 37.33
N THR H 56 -23.12 -19.48 36.58
CA THR H 56 -23.20 -20.80 37.19
C THR H 56 -22.02 -21.71 36.80
N VAL H 57 -21.33 -22.20 37.82
CA VAL H 57 -20.13 -23.00 37.65
C VAL H 57 -20.49 -24.45 37.86
N SER H 58 -20.26 -25.29 36.84
CA SER H 58 -20.40 -26.71 37.04
C SER H 58 -19.00 -27.27 37.32
N ASN H 59 -18.79 -27.67 38.58
CA ASN H 59 -17.46 -27.94 39.11
C ASN H 59 -17.27 -29.33 39.69
N ASN H 60 -18.33 -30.14 39.68
CA ASN H 60 -18.31 -31.46 40.33
C ASN H 60 -17.53 -32.53 39.60
N SER H 61 -17.42 -32.38 38.28
CA SER H 61 -16.80 -33.40 37.45
C SER H 61 -15.57 -32.87 36.73
N SER H 62 -14.58 -33.74 36.55
CA SER H 62 -13.42 -33.44 35.73
C SER H 62 -13.87 -33.35 34.28
N THR H 63 -14.81 -34.21 33.91
CA THR H 63 -15.38 -34.20 32.57
C THR H 63 -16.46 -33.12 32.48
N ASN H 64 -16.41 -32.34 31.40
CA ASN H 64 -17.39 -31.26 31.14
C ASN H 64 -17.61 -30.27 32.27
N ALA H 65 -16.54 -29.65 32.77
CA ALA H 65 -16.74 -28.56 33.70
C ALA H 65 -16.97 -27.27 32.92
N SER H 66 -17.66 -26.32 33.53
CA SER H 66 -18.08 -25.13 32.79
C SER H 66 -18.37 -23.92 33.67
N ILE H 67 -18.08 -22.76 33.10
CA ILE H 67 -18.52 -21.49 33.63
C ILE H 67 -19.56 -20.98 32.63
N THR H 68 -20.79 -20.81 33.08
CA THR H 68 -21.83 -20.33 32.20
C THR H 68 -22.28 -18.95 32.62
N ILE H 69 -22.30 -18.04 31.65
CA ILE H 69 -22.71 -16.67 31.89
C ILE H 69 -24.00 -16.37 31.13
N GLY H 70 -25.03 -15.98 31.88
CA GLY H 70 -26.31 -15.63 31.27
C GLY H 70 -26.89 -14.37 31.89
N LEU H 71 -27.97 -13.86 31.29
CA LEU H 71 -28.73 -12.77 31.89
C LEU H 71 -29.83 -13.33 32.77
N LEU H 72 -30.14 -12.63 33.84
CA LEU H 72 -31.33 -12.91 34.61
C LEU H 72 -32.55 -12.61 33.75
N LYS H 73 -33.59 -13.43 33.86
CA LYS H 73 -34.77 -13.29 33.01
C LYS H 73 -35.54 -12.01 33.31
N ALA H 74 -35.58 -11.09 32.34
CA ALA H 74 -36.11 -9.75 32.60
C ALA H 74 -37.55 -9.43 32.11
N PHE H 75 -38.13 -10.29 31.28
CA PHE H 75 -39.39 -9.95 30.61
C PHE H 75 -40.58 -10.72 31.14
N ASN H 76 -41.67 -10.01 31.39
CA ASN H 76 -42.92 -10.61 31.80
C ASN H 76 -44.06 -10.11 30.89
N ASN H 77 -44.72 -11.04 30.20
CA ASN H 77 -45.82 -10.70 29.31
C ASN H 77 -47.15 -11.30 29.80
N PHE H 78 -48.21 -10.49 29.78
CA PHE H 78 -49.51 -10.95 30.27
C PHE H 78 -50.60 -10.68 29.23
N PRO H 79 -50.94 -11.71 28.44
CA PRO H 79 -52.01 -11.59 27.45
C PRO H 79 -53.36 -11.47 28.14
N ILE H 80 -54.27 -10.65 27.61
CA ILE H 80 -55.65 -10.55 28.08
C ILE H 80 -56.61 -10.74 26.90
N THR H 81 -57.36 -11.84 26.90
CA THR H 81 -58.16 -12.24 25.72
C THR H 81 -59.67 -12.15 25.95
N ASN H 82 -60.05 -12.11 27.24
CA ASN H 82 -61.45 -12.02 27.63
C ASN H 82 -62.08 -10.74 27.19
N LYS H 83 -63.34 -10.81 26.79
CA LYS H 83 -64.14 -9.61 26.56
C LYS H 83 -64.56 -9.09 27.93
N ILE H 84 -64.21 -7.84 28.24
CA ILE H 84 -64.60 -7.27 29.52
C ILE H 84 -65.44 -6.01 29.37
N GLN H 85 -66.62 -6.01 30.00
CA GLN H 85 -67.43 -4.81 30.02
C GLN H 85 -67.05 -3.97 31.23
N CYS H 86 -66.61 -2.74 30.99
CA CYS H 86 -66.09 -1.91 32.05
C CYS H 86 -67.15 -0.92 32.38
N ASN H 87 -67.93 -1.22 33.41
CA ASN H 87 -68.98 -0.33 33.79
C ASN H 87 -68.50 0.75 34.77
N GLY H 88 -67.32 0.55 35.36
CA GLY H 88 -66.76 1.56 36.25
C GLY H 88 -66.25 2.81 35.53
N LEU H 89 -66.65 3.97 36.02
CA LEU H 89 -66.18 5.24 35.48
C LEU H 89 -64.94 5.75 36.20
N PHE H 90 -64.14 6.55 35.52
CA PHE H 90 -63.10 7.34 36.15
C PHE H 90 -63.62 8.79 36.25
N THR H 91 -63.63 9.31 37.48
CA THR H 91 -64.16 10.64 37.76
C THR H 91 -63.15 11.40 38.63
N PRO H 92 -63.30 12.74 38.70
CA PRO H 92 -62.42 13.52 39.59
C PRO H 92 -62.45 13.04 41.04
N SER H 93 -63.56 12.41 41.42
CA SER H 93 -63.77 11.96 42.78
C SER H 93 -63.24 10.54 43.06
N ASN H 94 -62.98 9.75 42.03
CA ASN H 94 -62.45 8.40 42.29
C ASN H 94 -61.05 8.14 41.72
N ILE H 95 -60.55 9.06 40.90
CA ILE H 95 -59.26 8.87 40.23
C ILE H 95 -58.12 8.61 41.22
N GLU H 96 -58.15 9.25 42.39
CA GLU H 96 -57.12 8.99 43.38
C GLU H 96 -57.53 7.99 44.46
N THR H 97 -58.34 7.01 44.07
CA THR H 97 -58.71 5.95 44.98
C THR H 97 -58.48 4.63 44.29
N LEU H 98 -59.12 3.58 44.81
CA LEU H 98 -58.92 2.23 44.28
C LEU H 98 -60.14 1.73 43.52
N LEU H 99 -61.14 2.60 43.39
CA LEU H 99 -62.47 2.24 42.91
C LEU H 99 -62.76 2.68 41.48
N GLY H 100 -61.89 3.50 40.91
CA GLY H 100 -62.10 4.01 39.57
C GLY H 100 -62.04 2.92 38.51
N GLY H 101 -63.01 2.91 37.60
CA GLY H 101 -62.99 1.96 36.51
C GLY H 101 -63.24 0.52 36.93
N THR H 102 -62.73 -0.42 36.13
CA THR H 102 -63.00 -1.84 36.27
C THR H 102 -61.70 -2.58 36.09
N GLU H 103 -61.41 -3.53 36.98
CA GLU H 103 -60.19 -4.29 36.86
C GLU H 103 -60.24 -5.22 35.65
N ILE H 104 -59.22 -5.19 34.81
CA ILE H 104 -59.17 -6.10 33.66
C ILE H 104 -57.99 -7.07 33.72
N GLY H 105 -57.11 -6.89 34.69
CA GLY H 105 -56.04 -7.84 34.92
C GLY H 105 -55.29 -7.67 36.23
N LYS H 106 -54.70 -8.76 36.71
CA LYS H 106 -53.79 -8.77 37.86
C LYS H 106 -52.52 -9.52 37.46
N PHE H 107 -51.38 -8.89 37.67
CA PHE H 107 -50.12 -9.44 37.22
C PHE H 107 -49.16 -9.46 38.40
N THR H 108 -48.53 -10.60 38.66
CA THR H 108 -47.55 -10.67 39.72
C THR H 108 -46.17 -10.74 39.12
N VAL H 109 -45.33 -9.77 39.45
CA VAL H 109 -43.97 -9.79 38.92
C VAL H 109 -42.91 -9.78 40.02
N THR H 110 -41.76 -10.35 39.70
CA THR H 110 -40.71 -10.50 40.70
C THR H 110 -39.39 -10.00 40.14
N PRO H 111 -38.94 -8.81 40.61
CA PRO H 111 -37.67 -8.24 40.18
C PRO H 111 -36.55 -9.23 40.46
N LYS H 112 -35.61 -9.35 39.53
CA LYS H 112 -34.46 -10.22 39.71
C LYS H 112 -33.22 -9.41 40.08
N SER H 113 -33.30 -8.09 39.90
CA SER H 113 -32.18 -7.20 40.14
C SER H 113 -32.49 -6.13 41.16
N SER H 114 -31.50 -5.79 41.97
CA SER H 114 -31.67 -4.73 42.95
C SER H 114 -31.57 -3.39 42.25
N GLY H 115 -32.34 -2.41 42.74
CA GLY H 115 -32.34 -1.06 42.18
C GLY H 115 -32.82 -0.99 40.73
N SER H 116 -33.75 -1.85 40.35
CA SER H 116 -34.19 -1.91 38.96
C SER H 116 -35.51 -1.19 38.75
N PHE H 118 -39.30 -1.52 36.27
CA PHE H 118 -40.05 -2.15 35.22
C PHE H 118 -40.49 -1.10 34.22
N LEU H 119 -40.14 -1.34 32.97
CA LEU H 119 -40.71 -0.64 31.83
C LEU H 119 -42.07 -1.32 31.57
N VAL H 120 -43.16 -0.58 31.77
CA VAL H 120 -44.50 -1.17 31.64
C VAL H 120 -45.25 -0.67 30.42
N SER H 121 -45.75 -1.60 29.60
CA SER H 121 -46.60 -1.22 28.46
C SER H 121 -47.92 -1.96 28.49
N ALA H 122 -49.01 -1.22 28.64
CA ALA H 122 -50.33 -1.81 28.53
C ALA H 122 -50.95 -1.31 27.22
N ASP H 123 -51.23 -2.23 26.32
CA ASP H 123 -51.84 -1.91 25.05
C ASP H 123 -53.15 -2.68 24.92
N ILE H 124 -54.23 -1.94 25.18
CA ILE H 124 -55.55 -2.52 25.38
C ILE H 124 -56.49 -2.12 24.25
N ILE H 125 -57.03 -3.12 23.57
CA ILE H 125 -58.05 -2.87 22.58
C ILE H 125 -59.34 -2.48 23.28
N ALA H 126 -59.86 -1.29 22.98
CA ALA H 126 -61.09 -0.82 23.62
C ALA H 126 -62.05 -0.13 22.66
N SER H 127 -63.35 -0.27 22.96
CA SER H 127 -64.37 0.44 22.21
C SER H 127 -65.27 1.12 23.18
N ARG H 128 -65.74 2.29 22.79
CA ARG H 128 -66.81 2.92 23.52
C ARG H 128 -67.46 3.85 22.53
N GLU H 130 -68.38 7.32 21.18
CA GLU H 130 -67.53 8.52 21.10
C GLU H 130 -67.08 9.13 22.45
N GLY H 131 -65.79 9.03 22.77
CA GLY H 131 -65.27 9.67 23.98
C GLY H 131 -64.02 9.04 24.58
N GLY H 132 -63.65 9.51 25.78
CA GLY H 132 -62.40 9.11 26.41
C GLY H 132 -62.37 7.83 27.22
N VAL H 133 -61.21 7.17 27.20
CA VAL H 133 -60.96 5.94 27.92
C VAL H 133 -59.80 6.24 28.89
N VAL H 134 -59.87 5.75 30.11
CA VAL H 134 -58.86 6.02 31.12
C VAL H 134 -58.26 4.72 31.59
N LEU H 135 -56.95 4.67 31.73
CA LEU H 135 -56.29 3.48 32.24
C LEU H 135 -55.51 3.81 33.53
N ALA H 136 -55.60 2.92 34.51
CA ALA H 136 -54.87 3.12 35.76
C ALA H 136 -54.12 1.85 36.17
N LEU H 137 -52.82 1.95 36.40
CA LEU H 137 -52.08 0.83 36.95
C LEU H 137 -51.98 1.03 38.47
N VAL H 138 -52.31 -0.01 39.23
CA VAL H 138 -52.35 0.09 40.68
C VAL H 138 -51.44 -0.96 41.31
N ARG H 139 -50.55 -0.52 42.20
CA ARG H 139 -49.74 -1.49 42.93
C ARG H 139 -50.55 -1.91 44.15
N GLU H 140 -50.69 -3.21 44.33
CA GLU H 140 -51.38 -3.75 45.50
C GLU H 140 -50.61 -3.38 46.77
N GLY H 141 -51.30 -2.69 47.69
CA GLY H 141 -50.67 -2.07 48.84
C GLY H 141 -50.90 -0.56 48.88
N ASP H 142 -50.96 0.06 47.71
CA ASP H 142 -51.19 1.49 47.62
C ASP H 142 -52.68 1.83 47.80
N SER H 143 -52.96 3.11 48.02
CA SER H 143 -54.33 3.56 48.17
C SER H 143 -54.81 4.26 46.89
N LYS H 144 -53.89 4.48 45.96
CA LYS H 144 -54.22 5.12 44.69
C LYS H 144 -53.33 4.58 43.54
N PRO H 145 -53.70 4.88 42.27
CA PRO H 145 -52.88 4.41 41.14
C PRO H 145 -51.47 5.02 41.12
N CYS H 146 -50.53 4.31 40.53
CA CYS H 146 -49.18 4.84 40.33
C CYS H 146 -48.88 5.26 38.88
N ALA H 147 -49.86 5.07 37.98
CA ALA H 147 -49.74 5.51 36.59
C ALA H 147 -51.13 5.59 36.01
N ILE H 148 -51.40 6.67 35.29
CA ILE H 148 -52.71 6.88 34.71
C ILE H 148 -52.51 7.29 33.28
N SER H 149 -53.22 6.64 32.37
CA SER H 149 -53.09 7.04 30.97
C SER H 149 -54.44 7.24 30.30
N TYR H 150 -54.41 7.70 29.06
CA TYR H 150 -55.66 8.06 28.36
C TYR H 150 -55.71 7.53 26.93
N GLY H 151 -56.88 7.03 26.56
CA GLY H 151 -57.12 6.53 25.22
C GLY H 151 -58.36 7.15 24.62
N TYR H 152 -58.65 6.80 23.38
CA TYR H 152 -59.77 7.35 22.64
C TYR H 152 -60.45 6.26 21.84
N SER H 153 -61.78 6.30 21.77
CA SER H 153 -62.53 5.48 20.83
C SER H 153 -63.65 6.32 20.24
N SER H 154 -63.85 6.17 18.93
CA SER H 154 -64.88 6.91 18.19
C SER H 154 -66.16 6.08 18.12
N GLY H 155 -66.07 4.83 18.53
CA GLY H 155 -67.17 3.88 18.40
C GLY H 155 -66.59 2.58 17.90
N VAL H 156 -65.54 2.68 17.09
CA VAL H 156 -64.85 1.50 16.58
C VAL H 156 -63.63 1.19 17.45
N PRO H 157 -63.25 -0.09 17.55
CA PRO H 157 -62.15 -0.44 18.47
C PRO H 157 -60.86 0.31 18.18
N ASN H 158 -60.15 0.66 19.25
CA ASN H 158 -58.93 1.40 19.15
C ASN H 158 -57.99 0.94 20.26
N LEU H 159 -56.70 0.94 19.96
CA LEU H 159 -55.68 0.57 20.92
C LEU H 159 -55.53 1.70 21.93
N CYS H 160 -55.66 1.38 23.21
CA CYS H 160 -55.58 2.37 24.28
C CYS H 160 -54.40 2.00 25.15
N SER H 161 -53.47 2.92 25.34
CA SER H 161 -52.18 2.52 25.93
C SER H 161 -51.82 3.22 27.21
N LEU H 162 -51.00 2.53 28.01
CA LEU H 162 -50.39 3.09 29.21
C LEU H 162 -48.92 2.74 29.14
N ARG H 163 -48.05 3.75 29.21
CA ARG H 163 -46.61 3.53 29.27
C ARG H 163 -46.06 4.22 30.51
N THR H 164 -45.30 3.47 31.30
CA THR H 164 -44.71 4.03 32.49
C THR H 164 -43.49 3.23 32.91
N SER H 165 -42.75 3.75 33.88
CA SER H 165 -41.67 3.02 34.49
C SER H 165 -41.93 2.98 35.98
N ILE H 166 -41.78 1.82 36.58
CA ILE H 166 -41.99 1.75 38.01
C ILE H 166 -40.71 1.30 38.70
N THR H 167 -40.33 2.00 39.75
CA THR H 167 -39.09 1.64 40.47
C THR H 167 -39.37 0.43 41.34
N ASN H 168 -38.44 -0.52 41.33
CA ASN H 168 -38.58 -1.69 42.17
C ASN H 168 -37.87 -1.49 43.51
N THR H 169 -38.46 -2.03 44.56
CA THR H 169 -37.90 -1.91 45.91
C THR H 169 -36.89 -3.03 46.19
N GLY H 170 -37.41 -4.22 46.44
CA GLY H 170 -36.55 -5.36 46.68
C GLY H 170 -36.69 -6.44 45.61
N LEU H 171 -36.67 -7.69 46.04
CA LEU H 171 -36.65 -8.81 45.13
C LEU H 171 -37.86 -9.71 45.37
N THR H 172 -38.91 -9.15 45.95
CA THR H 172 -40.08 -9.95 46.28
C THR H 172 -41.23 -9.72 45.28
N PRO H 173 -42.05 -10.75 45.04
CA PRO H 173 -43.15 -10.67 44.09
C PRO H 173 -44.10 -9.54 44.46
N THR H 174 -44.43 -8.70 43.48
CA THR H 174 -45.37 -7.61 43.70
C THR H 174 -46.51 -7.76 42.70
N THR H 175 -47.71 -7.46 43.15
CA THR H 175 -48.87 -7.59 42.30
C THR H 175 -49.42 -6.24 41.87
N TYR H 176 -49.73 -6.12 40.58
CA TYR H 176 -50.31 -4.91 40.02
C TYR H 176 -51.64 -5.25 39.37
N SER H 177 -52.55 -4.30 39.33
CA SER H 177 -53.75 -4.51 38.54
C SER H 177 -53.97 -3.34 37.61
N LEU H 178 -54.55 -3.62 36.46
CA LEU H 178 -54.83 -2.59 35.49
C LEU H 178 -56.33 -2.34 35.53
N ARG H 179 -56.73 -1.07 35.62
CA ARG H 179 -58.15 -0.74 35.65
C ARG H 179 -58.46 0.15 34.46
N VAL H 180 -59.60 -0.11 33.83
CA VAL H 180 -60.04 0.62 32.65
C VAL H 180 -61.45 1.13 32.84
N GLY H 181 -61.68 2.37 32.42
CA GLY H 181 -63.04 2.88 32.41
C GLY H 181 -63.21 4.11 31.55
N GLY H 182 -64.46 4.54 31.39
CA GLY H 182 -64.72 5.74 30.63
C GLY H 182 -64.24 6.96 31.38
N LEU H 183 -63.82 7.98 30.64
CA LEU H 183 -63.49 9.26 31.24
C LEU H 183 -64.79 9.98 31.55
N GLU H 184 -65.14 10.02 32.83
CA GLU H 184 -66.34 10.71 33.35
C GLU H 184 -67.69 10.03 33.12
N SER H 185 -67.97 9.62 31.89
CA SER H 185 -69.19 8.89 31.55
C SER H 185 -68.90 7.84 30.45
N GLY H 186 -69.83 6.91 30.25
CA GLY H 186 -69.73 5.95 29.17
C GLY H 186 -69.21 4.57 29.55
N VAL H 187 -69.78 3.56 28.93
CA VAL H 187 -69.36 2.18 29.12
C VAL H 187 -68.19 1.91 28.18
N VAL H 188 -67.12 1.26 28.63
CA VAL H 188 -66.16 0.82 27.63
C VAL H 188 -66.03 -0.67 27.61
N TRP H 189 -65.82 -1.20 26.41
CA TRP H 189 -65.62 -2.62 26.27
C TRP H 189 -64.16 -2.86 25.94
N VAL H 190 -63.57 -3.82 26.62
CA VAL H 190 -62.24 -4.25 26.29
C VAL H 190 -62.33 -5.52 25.47
N ASN H 191 -61.55 -5.61 24.39
CA ASN H 191 -61.54 -6.79 23.53
C ASN H 191 -62.86 -7.07 22.78
N ALA H 192 -63.71 -6.07 22.61
CA ALA H 192 -64.99 -6.22 21.91
C ALA H 192 -65.40 -4.91 21.26
N LEU H 193 -66.45 -4.96 20.45
CA LEU H 193 -67.10 -3.74 19.91
C LEU H 193 -67.90 -3.04 21.01
N SER H 194 -68.42 -1.85 20.71
CA SER H 194 -69.06 -1.04 21.75
C SER H 194 -70.35 -1.65 22.27
N ASN H 195 -70.77 -2.74 21.63
CA ASN H 195 -71.99 -3.45 21.98
C ASN H 195 -71.69 -4.80 22.61
N GLY H 196 -70.41 -5.13 22.75
CA GLY H 196 -70.00 -6.38 23.33
C GLY H 196 -69.69 -7.50 22.36
N ASN H 197 -69.93 -7.30 21.07
CA ASN H 197 -69.59 -8.32 20.07
C ASN H 197 -68.08 -8.51 19.88
N ASP H 198 -67.68 -9.73 19.52
CA ASP H 198 -66.31 -9.99 19.09
C ASP H 198 -65.90 -9.03 17.97
N ILE H 199 -64.66 -8.53 18.01
CA ILE H 199 -64.18 -7.70 16.92
C ILE H 199 -63.82 -8.59 15.73
N LEU H 200 -64.46 -8.31 14.58
CA LEU H 200 -64.24 -9.13 13.37
C LEU H 200 -64.55 -10.61 13.60
N GLY H 201 -65.36 -10.88 14.63
CA GLY H 201 -65.86 -12.22 14.90
C GLY H 201 -64.91 -13.14 15.59
N ILE H 202 -63.77 -12.61 16.02
CA ILE H 202 -62.77 -13.46 16.64
C ILE H 202 -62.39 -13.00 18.05
N THR H 203 -61.64 -13.86 18.73
CA THR H 203 -61.03 -13.50 19.98
C THR H 203 -59.85 -12.58 19.70
N ASN H 204 -59.81 -11.44 20.38
CA ASN H 204 -58.68 -10.53 20.25
C ASN H 204 -57.76 -10.55 21.47
N THR H 205 -56.61 -9.90 21.34
CA THR H 205 -55.58 -9.97 22.37
C THR H 205 -55.00 -8.59 22.72
N SER H 206 -55.28 -8.15 23.95
CA SER H 206 -54.64 -6.99 24.55
C SER H 206 -53.41 -7.46 25.32
N ASN H 207 -52.46 -6.57 25.57
CA ASN H 207 -51.21 -6.98 26.21
C ASN H 207 -50.74 -6.04 27.29
N VAL H 208 -50.21 -6.61 28.38
CA VAL H 208 -49.47 -5.84 29.36
C VAL H 208 -48.11 -6.51 29.59
N SER H 209 -47.04 -5.77 29.35
CA SER H 209 -45.73 -6.33 29.56
C SER H 209 -44.93 -5.52 30.57
N PHE H 210 -44.01 -6.23 31.26
CA PHE H 210 -43.11 -5.67 32.25
C PHE H 210 -41.69 -6.07 31.85
N LEU H 211 -40.86 -5.11 31.44
CA LEU H 211 -39.45 -5.35 31.15
C LEU H 211 -38.57 -4.77 32.26
N GLU H 212 -37.83 -5.64 32.96
CA GLU H 212 -36.90 -5.19 34.00
C GLU H 212 -35.67 -4.51 33.40
N VAL H 213 -35.41 -3.28 33.83
CA VAL H 213 -34.27 -2.51 33.32
C VAL H 213 -33.59 -1.70 34.43
N ILE H 214 -32.32 -1.35 34.22
CA ILE H 214 -31.56 -0.59 35.21
C ILE H 214 -31.38 0.85 34.78
N PRO H 215 -31.91 1.80 35.55
CA PRO H 215 -31.82 3.25 35.31
C PRO H 215 -30.45 3.84 35.67
N GLN H 216 -30.18 5.08 35.28
CA GLN H 216 -28.94 5.74 35.68
C GLN H 216 -28.79 5.82 37.21
N GLY I 2 10.60 -14.74 43.79
CA GLY I 2 11.82 -14.91 43.02
C GLY I 2 12.24 -16.36 43.01
N ASN I 3 11.40 -17.22 43.59
CA ASN I 3 11.69 -18.64 43.60
C ASN I 3 10.73 -19.42 42.70
N SER I 4 11.13 -20.61 42.32
CA SER I 4 10.27 -21.45 41.50
C SER I 4 10.68 -22.91 41.65
N GLY I 5 9.78 -23.80 41.23
CA GLY I 5 10.01 -25.22 41.36
C GLY I 5 8.75 -25.98 41.71
N PHE I 6 8.91 -27.03 42.51
CA PHE I 6 7.78 -27.81 42.98
C PHE I 6 7.82 -27.87 44.50
N TYR I 7 6.66 -27.96 45.13
CA TYR I 7 6.58 -28.08 46.57
C TYR I 7 5.29 -28.77 46.95
N LEU I 8 5.25 -29.28 48.18
CA LEU I 8 4.06 -29.94 48.69
C LEU I 8 3.27 -28.91 49.48
N TYR I 9 2.00 -28.77 49.10
CA TYR I 9 1.07 -27.98 49.87
C TYR I 9 0.07 -29.00 50.38
N ASN I 10 0.13 -29.26 51.69
CA ASN I 10 -0.45 -30.47 52.25
C ASN I 10 -0.03 -31.72 51.44
N THR I 11 -0.96 -32.46 50.85
CA THR I 11 -0.55 -33.63 50.06
C THR I 11 -0.45 -33.35 48.57
N GLU I 12 -0.81 -32.13 48.17
CA GLU I 12 -0.73 -31.73 46.78
C GLU I 12 0.70 -31.39 46.37
N ASN I 13 1.21 -32.07 45.34
CA ASN I 13 2.50 -31.73 44.76
C ASN I 13 2.28 -30.70 43.64
N CYS I 14 2.67 -29.45 43.90
CA CYS I 14 2.33 -28.34 43.01
C CYS I 14 3.53 -27.70 42.32
N VAL I 15 3.32 -27.16 41.13
CA VAL I 15 4.28 -26.20 40.58
C VAL I 15 4.11 -24.83 41.22
N PHE I 16 5.22 -24.13 41.38
CA PHE I 16 5.18 -22.74 41.78
C PHE I 16 6.21 -21.89 41.03
N ALA I 17 5.88 -20.61 40.86
CA ALA I 17 6.73 -19.65 40.17
C ALA I 17 6.12 -18.26 40.24
N ASP I 18 6.92 -17.24 39.91
CA ASP I 18 6.43 -15.87 39.87
C ASP I 18 5.41 -15.69 38.76
N ASN I 19 5.64 -16.40 37.65
CA ASN I 19 4.76 -16.34 36.50
C ASN I 19 4.96 -17.58 35.60
N ILE I 20 4.19 -17.65 34.51
CA ILE I 20 4.16 -18.85 33.69
C ILE I 20 4.05 -18.49 32.23
N LYS I 21 4.81 -19.17 31.39
CA LYS I 21 4.70 -19.02 29.96
C LYS I 21 4.50 -20.41 29.36
N VAL I 22 3.39 -20.63 28.68
CA VAL I 22 3.17 -21.91 28.07
C VAL I 22 2.74 -21.77 26.63
N GLY I 23 3.07 -22.77 25.84
CA GLY I 23 2.57 -22.90 24.48
C GLY I 23 3.06 -21.85 23.54
N GLN I 24 2.12 -21.15 22.91
CA GLN I 24 2.48 -20.20 21.88
C GLN I 24 2.90 -18.86 22.46
N THR I 26 4.95 -15.84 24.04
CA THR I 26 6.33 -15.38 23.97
C THR I 26 6.76 -14.71 25.25
N GLU I 27 5.79 -14.31 26.06
CA GLU I 27 6.04 -13.73 27.37
C GLU I 27 5.12 -14.41 28.39
N PRO I 28 5.47 -14.35 29.69
CA PRO I 28 4.56 -14.82 30.75
C PRO I 28 3.29 -13.97 30.85
N LEU I 29 2.25 -14.50 31.51
CA LEU I 29 0.95 -13.84 31.59
C LEU I 29 1.06 -12.38 31.92
N LYS I 30 0.34 -11.58 31.16
CA LYS I 30 0.25 -10.15 31.39
C LYS I 30 -1.17 -9.76 31.75
N ASP I 31 -1.40 -8.46 31.89
CA ASP I 31 -2.66 -7.92 32.39
C ASP I 31 -3.94 -8.43 31.72
N GLN I 32 -4.83 -9.00 32.54
CA GLN I 32 -6.13 -9.51 32.10
C GLN I 32 -6.04 -10.61 31.05
N GLN I 33 -4.88 -11.26 30.96
CA GLN I 33 -4.72 -12.44 30.13
C GLN I 33 -5.02 -13.70 30.93
N ILE I 34 -5.57 -14.70 30.26
CA ILE I 34 -5.69 -16.02 30.87
C ILE I 34 -5.04 -17.05 29.94
N ILE I 35 -4.59 -18.17 30.51
CA ILE I 35 -4.13 -19.28 29.69
C ILE I 35 -5.34 -19.98 29.06
N LEU I 36 -5.36 -20.00 27.74
CA LEU I 36 -6.51 -20.54 27.02
C LEU I 36 -6.09 -21.65 26.07
N GLY I 37 -6.70 -22.82 26.21
CA GLY I 37 -6.37 -23.94 25.35
C GLY I 37 -6.75 -23.69 23.90
N THR I 38 -6.12 -24.44 23.03
CA THR I 38 -6.16 -24.20 21.62
C THR I 38 -6.23 -25.60 20.94
N LYS I 39 -6.36 -25.65 19.62
CA LYS I 39 -6.25 -26.90 18.89
C LYS I 39 -4.86 -27.53 19.05
N SER I 40 -3.82 -26.69 19.04
CA SER I 40 -2.47 -27.14 19.34
C SER I 40 -2.08 -26.78 20.78
N THR I 41 -1.25 -25.76 20.97
CA THR I 41 -0.82 -25.40 22.32
C THR I 41 -1.46 -24.09 22.80
N PRO I 42 -1.55 -23.92 24.13
CA PRO I 42 -2.26 -22.76 24.69
C PRO I 42 -1.78 -21.39 24.23
N VAL I 43 -2.68 -20.45 24.36
CA VAL I 43 -2.40 -19.07 24.04
C VAL I 43 -2.77 -18.24 25.28
N ALA I 44 -2.23 -17.03 25.37
CA ALA I 44 -2.64 -16.09 26.39
C ALA I 44 -3.76 -15.23 25.81
N ALA I 45 -4.92 -15.22 26.45
CA ALA I 45 -6.05 -14.51 25.87
C ALA I 45 -6.53 -13.38 26.78
N LYS I 46 -6.65 -12.18 26.23
CA LYS I 46 -7.10 -11.06 27.03
C LYS I 46 -8.59 -11.14 27.21
N THR I 48 -11.94 -9.42 27.92
CA THR I 48 -12.52 -8.10 27.78
C THR I 48 -14.04 -8.08 27.69
N ALA I 49 -14.61 -7.01 28.21
CA ALA I 49 -16.04 -6.81 28.13
C ALA I 49 -16.32 -5.98 26.89
N SER I 50 -17.53 -6.12 26.37
CA SER I 50 -18.00 -5.24 25.30
C SER I 50 -19.52 -5.21 25.34
N ASP I 51 -20.14 -4.52 24.39
CA ASP I 51 -21.59 -4.54 24.15
C ASP I 51 -22.52 -4.68 25.37
N GLY I 52 -22.55 -3.68 26.24
CA GLY I 52 -23.48 -3.70 27.35
C GLY I 52 -23.01 -4.44 28.58
N ILE I 53 -21.75 -4.86 28.60
CA ILE I 53 -21.20 -5.58 29.73
C ILE I 53 -19.95 -4.93 30.30
N SER I 54 -19.84 -4.93 31.62
CA SER I 54 -18.64 -4.42 32.29
C SER I 54 -17.85 -5.58 32.89
N LEU I 55 -16.53 -5.46 32.80
CA LEU I 55 -15.61 -6.43 33.35
C LEU I 55 -14.81 -5.67 34.39
N THR I 56 -14.94 -6.06 35.65
CA THR I 56 -14.24 -5.38 36.74
C THR I 56 -13.39 -6.37 37.54
N VAL I 57 -12.09 -6.13 37.58
CA VAL I 57 -11.20 -6.97 38.36
C VAL I 57 -10.92 -6.27 39.67
N SER I 58 -11.03 -6.99 40.78
CA SER I 58 -10.66 -6.43 42.07
C SER I 58 -9.64 -7.34 42.75
N ASN I 59 -8.63 -6.75 43.37
CA ASN I 59 -7.59 -7.55 43.99
C ASN I 59 -7.27 -7.06 45.40
N ASN I 60 -8.19 -7.24 46.33
CA ASN I 60 -8.01 -6.74 47.70
C ASN I 60 -7.14 -7.62 48.59
N SER I 61 -6.80 -8.81 48.11
CA SER I 61 -5.93 -9.73 48.84
C SER I 61 -5.57 -10.88 47.93
N SER I 62 -4.56 -11.64 48.33
CA SER I 62 -4.08 -12.75 47.54
C SER I 62 -5.02 -13.96 47.54
N THR I 63 -6.11 -13.87 48.29
CA THR I 63 -7.00 -15.01 48.49
C THR I 63 -8.44 -14.78 48.02
N ASN I 64 -8.75 -13.54 47.65
CA ASN I 64 -10.10 -13.24 47.16
C ASN I 64 -10.13 -12.22 46.02
N ALA I 65 -9.13 -12.30 45.14
CA ALA I 65 -9.17 -11.51 43.92
C ALA I 65 -10.39 -11.95 43.13
N SER I 66 -11.02 -11.00 42.45
CA SER I 66 -12.24 -11.34 41.72
C SER I 66 -12.43 -10.59 40.40
N ILE I 67 -13.18 -11.23 39.52
CA ILE I 67 -13.58 -10.64 38.25
C ILE I 67 -15.08 -10.56 38.26
N THR I 68 -15.61 -9.36 38.29
CA THR I 68 -17.04 -9.18 38.35
C THR I 68 -17.59 -8.95 36.94
N ILE I 69 -18.57 -9.74 36.54
CA ILE I 69 -19.28 -9.51 35.29
C ILE I 69 -20.54 -8.69 35.56
N GLY I 70 -20.65 -7.52 34.92
CA GLY I 70 -21.80 -6.66 35.15
C GLY I 70 -22.48 -6.08 33.92
N LEU I 71 -23.75 -5.71 34.09
CA LEU I 71 -24.51 -4.99 33.08
C LEU I 71 -24.25 -3.48 33.16
N LEU I 72 -24.03 -2.84 32.03
CA LEU I 72 -23.99 -1.39 32.03
C LEU I 72 -25.44 -0.85 32.08
N LYS I 73 -25.62 0.28 32.74
CA LYS I 73 -26.94 0.89 32.87
C LYS I 73 -27.48 1.36 31.52
N ALA I 74 -28.54 0.72 31.07
CA ALA I 74 -29.02 0.96 29.73
C ALA I 74 -30.25 1.87 29.65
N PHE I 75 -30.88 2.13 30.80
CA PHE I 75 -32.20 2.77 30.74
C PHE I 75 -32.19 4.21 31.25
N ASN I 76 -32.86 5.08 30.52
CA ASN I 76 -32.98 6.49 30.90
C ASN I 76 -34.44 6.92 30.80
N ASN I 77 -34.99 7.43 31.88
CA ASN I 77 -36.39 7.84 31.86
C ASN I 77 -36.61 9.28 32.28
N PHE I 78 -37.49 9.95 31.55
CA PHE I 78 -37.72 11.38 31.71
C PHE I 78 -39.22 11.65 31.83
N PRO I 79 -39.70 11.76 33.07
CA PRO I 79 -41.12 12.12 33.17
C PRO I 79 -41.30 13.61 32.86
N ILE I 80 -42.45 13.96 32.31
CA ILE I 80 -42.84 15.35 32.08
C ILE I 80 -44.25 15.55 32.66
N THR I 81 -44.36 16.37 33.70
CA THR I 81 -45.65 16.61 34.36
C THR I 81 -46.21 18.04 34.16
N ASN I 82 -45.40 18.93 33.59
CA ASN I 82 -45.82 20.32 33.31
C ASN I 82 -47.01 20.37 32.36
N LYS I 83 -47.91 21.31 32.61
CA LYS I 83 -48.97 21.60 31.65
C LYS I 83 -48.45 22.64 30.70
N ILE I 84 -48.33 22.30 29.42
CA ILE I 84 -47.76 23.25 28.50
C ILE I 84 -48.71 23.59 27.38
N GLN I 85 -48.96 24.88 27.17
CA GLN I 85 -49.75 25.28 26.03
C GLN I 85 -48.83 25.30 24.79
N CYS I 86 -49.07 24.41 23.83
CA CYS I 86 -48.22 24.37 22.65
C CYS I 86 -48.78 25.22 21.53
N ASN I 87 -48.33 26.47 21.45
CA ASN I 87 -48.85 27.40 20.46
C ASN I 87 -48.22 27.25 19.08
N GLY I 88 -46.95 26.84 19.05
CA GLY I 88 -46.24 26.60 17.80
C GLY I 88 -46.94 25.52 16.99
N LEU I 89 -47.17 25.78 15.70
CA LEU I 89 -47.79 24.79 14.81
C LEU I 89 -46.70 24.08 14.05
N PHE I 90 -47.01 22.90 13.52
CA PHE I 90 -46.10 22.21 12.62
C PHE I 90 -46.69 22.33 11.24
N THR I 91 -45.87 22.74 10.30
CA THR I 91 -46.38 23.28 9.06
C THR I 91 -45.46 22.79 7.97
N PRO I 92 -45.95 22.70 6.73
CA PRO I 92 -45.08 22.27 5.62
C PRO I 92 -43.78 23.10 5.53
N SER I 93 -43.86 24.38 5.87
CA SER I 93 -42.70 25.25 5.78
C SER I 93 -41.75 25.27 6.99
N ASN I 94 -42.20 24.80 8.17
CA ASN I 94 -41.31 24.74 9.33
C ASN I 94 -40.92 23.31 9.78
N ILE I 95 -41.52 22.29 9.17
CA ILE I 95 -41.32 20.92 9.62
C ILE I 95 -39.88 20.46 9.41
N GLU I 96 -39.24 20.91 8.32
CA GLU I 96 -37.83 20.62 8.14
C GLU I 96 -36.91 21.66 8.79
N THR I 97 -37.36 22.23 9.90
CA THR I 97 -36.52 23.14 10.68
C THR I 97 -36.57 22.73 12.13
N LEU I 98 -35.96 23.54 12.98
CA LEU I 98 -35.94 23.32 14.41
C LEU I 98 -37.07 24.04 15.14
N LEU I 99 -37.97 24.66 14.39
CA LEU I 99 -38.89 25.62 15.01
C LEU I 99 -40.36 25.25 15.02
N GLY I 100 -40.69 24.06 14.53
CA GLY I 100 -42.06 23.59 14.58
C GLY I 100 -42.42 23.31 16.04
N GLY I 101 -43.71 23.43 16.35
CA GLY I 101 -44.21 23.17 17.69
C GLY I 101 -43.48 23.85 18.85
N THR I 102 -43.71 23.33 20.04
CA THR I 102 -43.20 23.93 21.25
C THR I 102 -42.38 22.87 21.95
N GLU I 103 -41.19 23.23 22.40
CA GLU I 103 -40.38 22.31 23.19
C GLU I 103 -41.04 22.00 24.55
N ILE I 104 -41.22 20.72 24.86
CA ILE I 104 -41.79 20.32 26.14
C ILE I 104 -40.83 19.55 27.03
N GLY I 105 -39.63 19.29 26.54
CA GLY I 105 -38.62 18.63 27.37
C GLY I 105 -37.28 18.50 26.69
N LYS I 106 -36.22 18.42 27.48
CA LYS I 106 -34.85 18.26 27.00
C LYS I 106 -34.23 17.09 27.72
N PHE I 107 -33.51 16.23 26.99
CA PHE I 107 -33.00 14.99 27.56
C PHE I 107 -31.53 14.75 27.22
N THR I 108 -30.69 14.50 28.23
CA THR I 108 -29.29 14.21 27.97
C THR I 108 -28.96 12.79 28.37
N VAL I 109 -28.46 12.04 27.40
CA VAL I 109 -28.15 10.63 27.60
C VAL I 109 -26.76 10.32 27.09
N THR I 110 -26.16 9.29 27.66
CA THR I 110 -24.81 8.91 27.30
C THR I 110 -24.75 7.45 26.94
N PRO I 111 -24.37 7.12 25.71
CA PRO I 111 -24.16 5.72 25.36
C PRO I 111 -23.07 5.07 26.23
N LYS I 112 -23.28 3.84 26.65
CA LYS I 112 -22.25 3.12 27.39
C LYS I 112 -21.49 2.18 26.46
N SER I 113 -21.91 2.07 25.21
CA SER I 113 -21.31 1.14 24.27
C SER I 113 -21.29 1.75 22.87
N SER I 114 -20.11 1.72 22.23
CA SER I 114 -19.97 2.25 20.88
C SER I 114 -20.86 1.43 19.95
N GLY I 115 -21.51 2.09 19.02
CA GLY I 115 -22.35 1.38 18.07
C GLY I 115 -23.70 0.89 18.59
N SER I 116 -24.10 1.32 19.78
CA SER I 116 -25.42 0.94 20.28
C SER I 116 -26.52 1.79 19.64
N PHE I 118 -30.41 3.75 20.74
CA PHE I 118 -31.41 4.03 21.74
C PHE I 118 -32.79 3.75 21.18
N LEU I 119 -33.53 2.88 21.85
CA LEU I 119 -34.94 2.70 21.56
C LEU I 119 -35.64 3.84 22.27
N VAL I 120 -36.23 4.76 21.51
CA VAL I 120 -36.86 5.94 22.10
C VAL I 120 -38.40 5.88 22.08
N SER I 121 -39.02 6.09 23.24
CA SER I 121 -40.48 6.13 23.31
C SER I 121 -41.00 7.40 23.95
N ALA I 122 -41.74 8.19 23.19
CA ALA I 122 -42.39 9.36 23.79
C ALA I 122 -43.88 9.11 23.86
N ASP I 123 -44.45 9.19 25.05
CA ASP I 123 -45.86 8.92 25.25
C ASP I 123 -46.51 10.08 25.99
N ILE I 124 -47.13 10.96 25.21
CA ILE I 124 -47.48 12.29 25.65
C ILE I 124 -48.99 12.50 25.74
N ILE I 125 -49.47 12.84 26.92
CA ILE I 125 -50.87 13.13 27.10
C ILE I 125 -51.18 14.50 26.49
N ALA I 126 -52.06 14.54 25.49
CA ALA I 126 -52.35 15.80 24.82
C ALA I 126 -53.83 16.03 24.55
N SER I 127 -54.23 17.29 24.55
CA SER I 127 -55.60 17.67 24.18
C SER I 127 -55.60 18.82 23.19
N ARG I 128 -56.56 18.80 22.30
CA ARG I 128 -56.82 19.91 21.39
C ARG I 128 -58.22 19.75 20.88
N GLU I 130 -60.80 19.00 18.13
CA GLU I 130 -60.78 18.07 17.00
C GLU I 130 -59.66 18.29 15.97
N GLY I 131 -58.68 17.38 15.93
CA GLY I 131 -57.59 17.51 14.98
C GLY I 131 -56.30 16.79 15.32
N GLY I 132 -55.26 17.06 14.51
CA GLY I 132 -54.01 16.34 14.56
C GLY I 132 -52.95 16.93 15.49
N VAL I 133 -52.20 16.04 16.11
CA VAL I 133 -51.05 16.43 16.93
C VAL I 133 -49.77 15.91 16.27
N VAL I 134 -48.73 16.74 16.25
CA VAL I 134 -47.44 16.36 15.68
C VAL I 134 -46.35 16.34 16.77
N LEU I 135 -45.52 15.31 16.76
CA LEU I 135 -44.40 15.22 17.67
C LEU I 135 -43.08 15.11 16.91
N ALA I 136 -42.07 15.84 17.37
CA ALA I 136 -40.74 15.86 16.72
C ALA I 136 -39.64 15.72 17.74
N LEU I 137 -38.78 14.72 17.53
CA LEU I 137 -37.57 14.55 18.32
C LEU I 137 -36.42 15.23 17.59
N VAL I 138 -35.71 16.09 18.32
CA VAL I 138 -34.64 16.89 17.75
C VAL I 138 -33.32 16.56 18.43
N ARG I 139 -32.30 16.21 17.66
CA ARG I 139 -30.97 15.96 18.24
C ARG I 139 -30.17 17.28 18.28
N GLU I 140 -29.53 17.57 19.40
CA GLU I 140 -28.66 18.77 19.49
C GLU I 140 -27.58 18.76 18.40
N GLY I 141 -27.53 19.81 17.61
CA GLY I 141 -26.59 19.86 16.51
C GLY I 141 -27.18 19.64 15.13
N ASP I 142 -28.30 18.95 15.04
CA ASP I 142 -28.97 18.75 13.75
C ASP I 142 -29.72 20.02 13.32
N SER I 143 -30.07 20.09 12.03
CA SER I 143 -30.74 21.25 11.50
C SER I 143 -32.23 20.97 11.32
N LYS I 144 -32.63 19.73 11.59
CA LYS I 144 -34.05 19.34 11.48
C LYS I 144 -34.33 18.06 12.32
N PRO I 145 -35.61 17.77 12.60
CA PRO I 145 -35.92 16.59 13.42
C PRO I 145 -35.31 15.29 12.89
N CYS I 146 -35.06 14.33 13.77
CA CYS I 146 -34.63 13.01 13.34
C CYS I 146 -35.78 12.00 13.41
N ALA I 147 -36.87 12.37 14.07
CA ALA I 147 -38.06 11.54 14.10
C ALA I 147 -39.28 12.44 14.22
N ILE I 148 -40.32 12.09 13.49
CA ILE I 148 -41.58 12.83 13.48
C ILE I 148 -42.74 11.86 13.59
N SER I 149 -43.68 12.15 14.49
CA SER I 149 -44.81 11.27 14.68
C SER I 149 -46.11 12.05 14.76
N TYR I 150 -47.23 11.34 14.76
CA TYR I 150 -48.54 11.95 14.67
C TYR I 150 -49.46 11.36 15.70
N GLY I 151 -50.31 12.21 16.27
CA GLY I 151 -51.28 11.80 17.27
C GLY I 151 -52.58 12.47 16.98
N TYR I 152 -53.55 12.28 17.87
CA TYR I 152 -54.92 12.77 17.65
C TYR I 152 -55.67 13.08 18.95
N SER I 153 -56.46 14.15 18.93
CA SER I 153 -57.37 14.40 20.03
C SER I 153 -58.72 14.89 19.49
N SER I 154 -59.81 14.36 20.05
CA SER I 154 -61.16 14.77 19.64
C SER I 154 -61.61 16.02 20.38
N GLY I 155 -60.85 16.37 21.41
CA GLY I 155 -61.24 17.41 22.35
C GLY I 155 -60.86 16.90 23.73
N VAL I 156 -61.01 15.59 23.95
CA VAL I 156 -60.65 14.99 25.23
C VAL I 156 -59.22 14.47 25.16
N PRO I 157 -58.54 14.41 26.31
CA PRO I 157 -57.12 14.08 26.25
C PRO I 157 -56.88 12.68 25.72
N ASN I 158 -55.75 12.50 25.04
CA ASN I 158 -55.41 11.23 24.44
C ASN I 158 -53.90 11.03 24.41
N LEU I 159 -53.44 9.78 24.44
CA LEU I 159 -52.00 9.54 24.39
C LEU I 159 -51.48 9.82 22.99
N CYS I 160 -50.49 10.68 22.86
CA CYS I 160 -49.84 10.86 21.55
C CYS I 160 -48.42 10.29 21.65
N SER I 161 -48.06 9.38 20.73
CA SER I 161 -46.78 8.68 20.78
C SER I 161 -45.78 8.95 19.64
N LEU I 162 -44.51 8.79 19.98
CA LEU I 162 -43.45 8.78 19.00
C LEU I 162 -42.55 7.61 19.36
N ARG I 163 -42.32 6.72 18.40
CA ARG I 163 -41.43 5.62 18.62
C ARG I 163 -40.37 5.69 17.55
N THR I 164 -39.12 5.53 17.94
CA THR I 164 -38.05 5.55 16.98
C THR I 164 -36.80 4.93 17.58
N SER I 165 -35.78 4.73 16.77
CA SER I 165 -34.51 4.35 17.33
C SER I 165 -33.38 5.12 16.67
N ILE I 166 -32.42 5.54 17.47
CA ILE I 166 -31.35 6.40 17.01
C ILE I 166 -30.00 5.69 17.12
N THR I 167 -29.13 5.93 16.15
CA THR I 167 -27.82 5.32 16.17
C THR I 167 -26.85 6.17 16.95
N ASN I 168 -26.14 5.53 17.89
CA ASN I 168 -25.17 6.24 18.71
C ASN I 168 -23.81 6.25 18.05
N THR I 169 -23.19 7.42 18.00
CA THR I 169 -21.89 7.54 17.34
C THR I 169 -20.77 7.10 18.28
N GLY I 170 -20.61 7.81 19.40
CA GLY I 170 -19.58 7.44 20.36
C GLY I 170 -20.09 7.25 21.78
N LEU I 171 -19.34 7.78 22.75
CA LEU I 171 -19.68 7.70 24.17
C LEU I 171 -19.83 9.09 24.82
N THR I 172 -19.94 10.12 24.00
CA THR I 172 -20.12 11.46 24.56
C THR I 172 -21.58 11.71 24.85
N PRO I 173 -21.87 12.41 25.96
CA PRO I 173 -23.22 12.87 26.31
C PRO I 173 -23.89 13.50 25.10
N THR I 174 -25.19 13.35 24.96
CA THR I 174 -25.89 13.92 23.83
C THR I 174 -27.24 14.41 24.28
N THR I 175 -27.64 15.57 23.80
CA THR I 175 -28.88 16.18 24.25
C THR I 175 -29.93 16.11 23.14
N TYR I 176 -31.13 15.65 23.51
CA TYR I 176 -32.26 15.60 22.59
C TYR I 176 -33.39 16.43 23.16
N SER I 177 -34.29 16.89 22.30
CA SER I 177 -35.49 17.58 22.77
C SER I 177 -36.75 17.11 22.05
N LEU I 178 -37.90 17.32 22.67
CA LEU I 178 -39.17 16.87 22.11
C LEU I 178 -40.08 18.07 21.92
N ARG I 179 -40.62 18.21 20.71
CA ARG I 179 -41.48 19.33 20.34
C ARG I 179 -42.87 18.82 19.94
N VAL I 180 -43.90 19.45 20.50
CA VAL I 180 -45.28 19.08 20.23
C VAL I 180 -46.01 20.28 19.64
N GLY I 181 -46.95 20.03 18.73
CA GLY I 181 -47.76 21.11 18.18
C GLY I 181 -48.85 20.58 17.27
N GLY I 182 -49.80 21.45 16.92
CA GLY I 182 -50.90 21.06 16.08
C GLY I 182 -50.47 20.79 14.65
N LEU I 183 -51.15 19.85 14.01
CA LEU I 183 -50.94 19.62 12.60
C LEU I 183 -51.42 20.86 11.84
N GLU I 184 -50.51 21.77 11.58
CA GLU I 184 -50.74 22.97 10.79
C GLU I 184 -51.84 23.90 11.27
N SER I 185 -52.65 23.44 12.22
CA SER I 185 -53.70 24.25 12.81
C SER I 185 -54.03 23.86 14.26
N GLY I 186 -54.25 24.85 15.12
CA GLY I 186 -54.81 24.64 16.46
C GLY I 186 -53.83 24.67 17.63
N VAL I 187 -54.36 24.89 18.83
CA VAL I 187 -53.55 24.84 20.04
C VAL I 187 -53.61 23.46 20.67
N VAL I 188 -52.48 22.93 21.07
CA VAL I 188 -52.43 21.64 21.77
C VAL I 188 -52.01 21.91 23.21
N TRP I 189 -52.72 21.35 24.18
CA TRP I 189 -52.22 21.34 25.56
C TRP I 189 -51.65 19.99 25.88
N VAL I 190 -50.53 19.98 26.58
CA VAL I 190 -49.93 18.74 27.00
C VAL I 190 -50.18 18.58 28.51
N ASN I 191 -50.53 17.38 28.95
CA ASN I 191 -50.85 17.09 30.35
C ASN I 191 -52.03 17.89 30.90
N ALA I 192 -52.90 18.39 30.02
CA ALA I 192 -54.01 19.20 30.46
C ALA I 192 -55.20 18.91 29.58
N LEU I 193 -56.36 19.43 29.97
CA LEU I 193 -57.53 19.48 29.11
C LEU I 193 -57.33 20.59 28.09
N SER I 194 -58.21 20.64 27.09
CA SER I 194 -58.04 21.59 25.99
C SER I 194 -58.19 23.04 26.39
N ASN I 195 -58.57 23.30 27.63
CA ASN I 195 -58.59 24.67 28.11
C ASN I 195 -57.44 24.97 29.08
N GLY I 196 -56.51 24.04 29.23
CA GLY I 196 -55.44 24.20 30.19
C GLY I 196 -55.69 23.67 31.59
N ASN I 197 -56.90 23.23 31.92
CA ASN I 197 -57.11 22.71 33.27
C ASN I 197 -56.61 21.28 33.44
N ASP I 198 -56.35 20.92 34.70
CA ASP I 198 -55.96 19.58 35.11
C ASP I 198 -56.96 18.52 34.66
N ILE I 199 -56.46 17.45 34.04
CA ILE I 199 -57.32 16.34 33.68
C ILE I 199 -57.76 15.60 34.94
N LEU I 200 -59.08 15.45 35.12
CA LEU I 200 -59.63 14.81 36.30
C LEU I 200 -59.17 15.49 37.61
N GLY I 201 -58.83 16.77 37.49
CA GLY I 201 -58.44 17.57 38.64
C GLY I 201 -57.10 17.22 39.28
N ILE I 202 -56.28 16.40 38.63
CA ILE I 202 -54.98 16.03 39.20
C ILE I 202 -53.81 16.40 38.29
N THR I 203 -52.59 16.18 38.78
CA THR I 203 -51.43 16.32 37.91
C THR I 203 -51.23 15.00 37.17
N ASN I 204 -50.95 15.12 35.87
CA ASN I 204 -50.73 13.96 35.04
C ASN I 204 -49.31 13.89 34.53
N THR I 205 -48.92 12.68 34.10
CA THR I 205 -47.55 12.38 33.74
C THR I 205 -47.40 11.88 32.32
N SER I 206 -46.65 12.59 31.50
CA SER I 206 -46.23 12.00 30.23
C SER I 206 -44.82 11.43 30.43
N ASN I 207 -44.39 10.56 29.51
CA ASN I 207 -43.09 9.91 29.61
C ASN I 207 -42.27 9.89 28.32
N VAL I 208 -40.96 10.12 28.46
CA VAL I 208 -40.02 9.87 27.40
C VAL I 208 -38.91 8.98 27.92
N SER I 209 -38.62 7.90 27.20
CA SER I 209 -37.56 7.00 27.63
C SER I 209 -36.61 6.61 26.51
N PHE I 210 -35.36 6.37 26.89
CA PHE I 210 -34.30 5.98 25.98
C PHE I 210 -33.75 4.67 26.53
N LEU I 211 -33.91 3.59 25.77
CA LEU I 211 -33.39 2.31 26.19
C LEU I 211 -32.26 1.91 25.27
N GLU I 212 -31.07 1.78 25.83
CA GLU I 212 -29.90 1.41 25.03
C GLU I 212 -29.95 -0.07 24.66
N VAL I 213 -29.76 -0.37 23.39
CA VAL I 213 -29.87 -1.73 22.91
C VAL I 213 -28.76 -2.03 21.92
N ILE I 214 -28.45 -3.30 21.73
CA ILE I 214 -27.39 -3.66 20.81
C ILE I 214 -28.02 -4.14 19.51
N PRO I 215 -27.75 -3.45 18.41
CA PRO I 215 -28.46 -3.73 17.17
C PRO I 215 -27.86 -4.86 16.34
N GLN I 216 -28.73 -5.65 15.72
CA GLN I 216 -28.38 -6.59 14.66
C GLN I 216 -28.28 -5.84 13.34
N THR I 217 -27.21 -6.14 12.58
CA THR I 217 -26.91 -5.57 11.24
C THR I 217 -26.94 -4.05 11.14
#